data_6SZZ
# 
_entry.id   6SZZ 
# 
_audit_conform.dict_name       mmcif_pdbx.dic 
_audit_conform.dict_version    5.383 
_audit_conform.dict_location   http://mmcif.pdb.org/dictionaries/ascii/mmcif_pdbx.dic 
# 
loop_
_database_2.database_id 
_database_2.database_code 
_database_2.pdbx_database_accession 
_database_2.pdbx_DOI 
PDB   6SZZ         pdb_00006szz 10.2210/pdb6szz/pdb 
WWPDB D_1292104584 ?            ?                   
# 
loop_
_pdbx_audit_revision_history.ordinal 
_pdbx_audit_revision_history.data_content_type 
_pdbx_audit_revision_history.major_revision 
_pdbx_audit_revision_history.minor_revision 
_pdbx_audit_revision_history.revision_date 
1 'Structure model' 1 0 2020-02-26 
2 'Structure model' 1 1 2024-01-24 
# 
_pdbx_audit_revision_details.ordinal             1 
_pdbx_audit_revision_details.revision_ordinal    1 
_pdbx_audit_revision_details.data_content_type   'Structure model' 
_pdbx_audit_revision_details.provider            repository 
_pdbx_audit_revision_details.type                'Initial release' 
_pdbx_audit_revision_details.description         ? 
_pdbx_audit_revision_details.details             ? 
# 
loop_
_pdbx_audit_revision_group.ordinal 
_pdbx_audit_revision_group.revision_ordinal 
_pdbx_audit_revision_group.data_content_type 
_pdbx_audit_revision_group.group 
1 2 'Structure model' 'Data collection'        
2 2 'Structure model' 'Database references'    
3 2 'Structure model' 'Refinement description' 
# 
loop_
_pdbx_audit_revision_category.ordinal 
_pdbx_audit_revision_category.revision_ordinal 
_pdbx_audit_revision_category.data_content_type 
_pdbx_audit_revision_category.category 
1 2 'Structure model' chem_comp_atom                
2 2 'Structure model' chem_comp_bond                
3 2 'Structure model' database_2                    
4 2 'Structure model' pdbx_initial_refinement_model 
# 
loop_
_pdbx_audit_revision_item.ordinal 
_pdbx_audit_revision_item.revision_ordinal 
_pdbx_audit_revision_item.data_content_type 
_pdbx_audit_revision_item.item 
1 2 'Structure model' '_database_2.pdbx_DOI'                
2 2 'Structure model' '_database_2.pdbx_database_accession' 
# 
_pdbx_database_status.status_code                     REL 
_pdbx_database_status.status_code_sf                  REL 
_pdbx_database_status.status_code_mr                  ? 
_pdbx_database_status.entry_id                        6SZZ 
_pdbx_database_status.recvd_initial_deposition_date   2019-10-02 
_pdbx_database_status.SG_entry                        N 
_pdbx_database_status.deposit_site                    PDBE 
_pdbx_database_status.process_site                    PDBE 
_pdbx_database_status.status_code_cs                  ? 
_pdbx_database_status.methods_development_category    ? 
_pdbx_database_status.pdb_format_compatible           Y 
_pdbx_database_status.status_code_nmr_data            ? 
# 
loop_
_audit_author.name 
_audit_author.pdbx_ordinal 
_audit_author.identifier_ORCID 
'Zhou, T.'   1 ? 
'Mayans, O.' 2 ? 
# 
_citation.abstract                  ? 
_citation.abstract_id_CAS           ? 
_citation.book_id_ISBN              ? 
_citation.book_publisher            ? 
_citation.book_publisher_city       ? 
_citation.book_title                ? 
_citation.coordinate_linkage        ? 
_citation.country                   UK 
_citation.database_id_Medline       ? 
_citation.details                   ? 
_citation.id                        primary 
_citation.journal_abbrev            'Sci Rep' 
_citation.journal_id_ASTM           ? 
_citation.journal_id_CSD            ? 
_citation.journal_id_ISSN           2045-2322 
_citation.journal_full              ? 
_citation.journal_issue             ? 
_citation.journal_volume            10 
_citation.language                  ? 
_citation.page_first                2640 
_citation.page_last                 2640 
_citation.title                     
;What does fluorine do to a protein? Thermodynamic, and highly-resolved structural insights into fluorine-labelled variants of the cold shock protein.
;
_citation.year                      2020 
_citation.database_id_CSD           ? 
_citation.pdbx_database_id_DOI      10.1038/s41598-020-59446-w 
_citation.pdbx_database_id_PubMed   32060391 
_citation.unpublished_flag          ? 
# 
loop_
_citation_author.citation_id 
_citation_author.name 
_citation_author.ordinal 
_citation_author.identifier_ORCID 
primary 'Welte, H.'      1 ? 
primary 'Zhou, T.'       2 ? 
primary 'Mihajlenko, X.' 3 ? 
primary 'Mayans, O.'     4 ? 
primary 'Kovermann, M.'  5 ? 
# 
loop_
_entity.id 
_entity.type 
_entity.src_method 
_entity.pdbx_description 
_entity.formula_weight 
_entity.pdbx_number_of_molecules 
_entity.pdbx_ec 
_entity.pdbx_mutation 
_entity.pdbx_fragment 
_entity.details 
1 polymer     man 'Cold shock protein CspD' 7390.118 1  ? ? ? ? 
2 non-polymer syn GLYCEROL                  92.094   2  ? ? ? ? 
3 water       nat water                     18.015   18 ? ? ? ? 
# 
_entity_name_com.entity_id   1 
_entity_name_com.name        
'Cold-shock protein,Cold-shock protein CspB,Major cold shock protein,Putative cold-shock DNA-binding protein' 
# 
_entity_poly.entity_id                      1 
_entity_poly.type                           'polypeptide(L)' 
_entity_poly.nstd_linkage                   no 
_entity_poly.nstd_monomer                   yes 
_entity_poly.pdbx_seq_one_letter_code       'MLEGKVK(4FW)FNSEKGFGFIEVEGQDDVFVHFSAIQGEGFKTLEEGQAVSFEIVEGNRGPQAANVTKEA' 
_entity_poly.pdbx_seq_one_letter_code_can   MLEGKVKWFNSEKGFGFIEVEGQDDVFVHFSAIQGEGFKTLEEGQAVSFEIVEGNRGPQAANVTKEA 
_entity_poly.pdbx_strand_id                 A 
_entity_poly.pdbx_target_identifier         ? 
# 
loop_
_pdbx_entity_nonpoly.entity_id 
_pdbx_entity_nonpoly.name 
_pdbx_entity_nonpoly.comp_id 
2 GLYCEROL GOL 
3 water    HOH 
# 
loop_
_entity_poly_seq.entity_id 
_entity_poly_seq.num 
_entity_poly_seq.mon_id 
_entity_poly_seq.hetero 
1 1  MET n 
1 2  LEU n 
1 3  GLU n 
1 4  GLY n 
1 5  LYS n 
1 6  VAL n 
1 7  LYS n 
1 8  4FW n 
1 9  PHE n 
1 10 ASN n 
1 11 SER n 
1 12 GLU n 
1 13 LYS n 
1 14 GLY n 
1 15 PHE n 
1 16 GLY n 
1 17 PHE n 
1 18 ILE n 
1 19 GLU n 
1 20 VAL n 
1 21 GLU n 
1 22 GLY n 
1 23 GLN n 
1 24 ASP n 
1 25 ASP n 
1 26 VAL n 
1 27 PHE n 
1 28 VAL n 
1 29 HIS n 
1 30 PHE n 
1 31 SER n 
1 32 ALA n 
1 33 ILE n 
1 34 GLN n 
1 35 GLY n 
1 36 GLU n 
1 37 GLY n 
1 38 PHE n 
1 39 LYS n 
1 40 THR n 
1 41 LEU n 
1 42 GLU n 
1 43 GLU n 
1 44 GLY n 
1 45 GLN n 
1 46 ALA n 
1 47 VAL n 
1 48 SER n 
1 49 PHE n 
1 50 GLU n 
1 51 ILE n 
1 52 VAL n 
1 53 GLU n 
1 54 GLY n 
1 55 ASN n 
1 56 ARG n 
1 57 GLY n 
1 58 PRO n 
1 59 GLN n 
1 60 ALA n 
1 61 ALA n 
1 62 ASN n 
1 63 VAL n 
1 64 THR n 
1 65 LYS n 
1 66 GLU n 
1 67 ALA n 
# 
_entity_src_gen.entity_id                          1 
_entity_src_gen.pdbx_src_id                        1 
_entity_src_gen.pdbx_alt_source_flag               sample 
_entity_src_gen.pdbx_seq_type                      'Biological sequence' 
_entity_src_gen.pdbx_beg_seq_num                   1 
_entity_src_gen.pdbx_end_seq_num                   67 
_entity_src_gen.gene_src_common_name               ? 
_entity_src_gen.gene_src_genus                     ? 
_entity_src_gen.pdbx_gene_src_gene                 
'B4122_0412, B4417_4327, CJ481_22435, DFO69_3150, ETA10_05025, ETK61_05130, ETL41_18150, FA024_03420, SC09_Contig19orf00064' 
_entity_src_gen.gene_src_species                   ? 
_entity_src_gen.gene_src_strain                    ? 
_entity_src_gen.gene_src_tissue                    ? 
_entity_src_gen.gene_src_tissue_fraction           ? 
_entity_src_gen.gene_src_details                   ? 
_entity_src_gen.pdbx_gene_src_fragment             ? 
_entity_src_gen.pdbx_gene_src_scientific_name      'Bacillus subtilis' 
_entity_src_gen.pdbx_gene_src_ncbi_taxonomy_id     1423 
_entity_src_gen.pdbx_gene_src_variant              ? 
_entity_src_gen.pdbx_gene_src_cell_line            ? 
_entity_src_gen.pdbx_gene_src_atcc                 ? 
_entity_src_gen.pdbx_gene_src_organ                ? 
_entity_src_gen.pdbx_gene_src_organelle            ? 
_entity_src_gen.pdbx_gene_src_cell                 ? 
_entity_src_gen.pdbx_gene_src_cellular_location    ? 
_entity_src_gen.host_org_common_name               ? 
_entity_src_gen.pdbx_host_org_scientific_name      'Escherichia coli' 
_entity_src_gen.pdbx_host_org_ncbi_taxonomy_id     562 
_entity_src_gen.host_org_genus                     ? 
_entity_src_gen.pdbx_host_org_gene                 ? 
_entity_src_gen.pdbx_host_org_organ                ? 
_entity_src_gen.host_org_species                   ? 
_entity_src_gen.pdbx_host_org_tissue               ? 
_entity_src_gen.pdbx_host_org_tissue_fraction      ? 
_entity_src_gen.pdbx_host_org_strain               ? 
_entity_src_gen.pdbx_host_org_variant              ? 
_entity_src_gen.pdbx_host_org_cell_line            ? 
_entity_src_gen.pdbx_host_org_atcc                 ? 
_entity_src_gen.pdbx_host_org_culture_collection   ? 
_entity_src_gen.pdbx_host_org_cell                 ? 
_entity_src_gen.pdbx_host_org_organelle            ? 
_entity_src_gen.pdbx_host_org_cellular_location    ? 
_entity_src_gen.pdbx_host_org_vector_type          ? 
_entity_src_gen.pdbx_host_org_vector               ? 
_entity_src_gen.host_org_details                   ? 
_entity_src_gen.expression_system_id               ? 
_entity_src_gen.plasmid_name                       ? 
_entity_src_gen.plasmid_details                    ? 
_entity_src_gen.pdbx_description                   ? 
# 
loop_
_chem_comp.id 
_chem_comp.type 
_chem_comp.mon_nstd_flag 
_chem_comp.name 
_chem_comp.pdbx_synonyms 
_chem_comp.formula 
_chem_comp.formula_weight 
4FW 'L-peptide linking' n 4-FLUOROTRYPTOPHANE ?                               'C11 H11 F N2 O2' 222.216 
ALA 'L-peptide linking' y ALANINE             ?                               'C3 H7 N O2'      89.093  
ARG 'L-peptide linking' y ARGININE            ?                               'C6 H15 N4 O2 1'  175.209 
ASN 'L-peptide linking' y ASPARAGINE          ?                               'C4 H8 N2 O3'     132.118 
ASP 'L-peptide linking' y 'ASPARTIC ACID'     ?                               'C4 H7 N O4'      133.103 
GLN 'L-peptide linking' y GLUTAMINE           ?                               'C5 H10 N2 O3'    146.144 
GLU 'L-peptide linking' y 'GLUTAMIC ACID'     ?                               'C5 H9 N O4'      147.129 
GLY 'peptide linking'   y GLYCINE             ?                               'C2 H5 N O2'      75.067  
GOL non-polymer         . GLYCEROL            'GLYCERIN; PROPANE-1,2,3-TRIOL' 'C3 H8 O3'        92.094  
HIS 'L-peptide linking' y HISTIDINE           ?                               'C6 H10 N3 O2 1'  156.162 
HOH non-polymer         . WATER               ?                               'H2 O'            18.015  
ILE 'L-peptide linking' y ISOLEUCINE          ?                               'C6 H13 N O2'     131.173 
LEU 'L-peptide linking' y LEUCINE             ?                               'C6 H13 N O2'     131.173 
LYS 'L-peptide linking' y LYSINE              ?                               'C6 H15 N2 O2 1'  147.195 
MET 'L-peptide linking' y METHIONINE          ?                               'C5 H11 N O2 S'   149.211 
PHE 'L-peptide linking' y PHENYLALANINE       ?                               'C9 H11 N O2'     165.189 
PRO 'L-peptide linking' y PROLINE             ?                               'C5 H9 N O2'      115.130 
SER 'L-peptide linking' y SERINE              ?                               'C3 H7 N O3'      105.093 
THR 'L-peptide linking' y THREONINE           ?                               'C4 H9 N O3'      119.119 
VAL 'L-peptide linking' y VALINE              ?                               'C5 H11 N O2'     117.146 
# 
loop_
_pdbx_poly_seq_scheme.asym_id 
_pdbx_poly_seq_scheme.entity_id 
_pdbx_poly_seq_scheme.seq_id 
_pdbx_poly_seq_scheme.mon_id 
_pdbx_poly_seq_scheme.ndb_seq_num 
_pdbx_poly_seq_scheme.pdb_seq_num 
_pdbx_poly_seq_scheme.auth_seq_num 
_pdbx_poly_seq_scheme.pdb_mon_id 
_pdbx_poly_seq_scheme.auth_mon_id 
_pdbx_poly_seq_scheme.pdb_strand_id 
_pdbx_poly_seq_scheme.pdb_ins_code 
_pdbx_poly_seq_scheme.hetero 
A 1 1  MET 1  1  1  MET MET A . n 
A 1 2  LEU 2  2  2  LEU LEU A . n 
A 1 3  GLU 3  3  3  GLU GLU A . n 
A 1 4  GLY 4  4  4  GLY GLY A . n 
A 1 5  LYS 5  5  5  LYS LYS A . n 
A 1 6  VAL 6  6  6  VAL VAL A . n 
A 1 7  LYS 7  7  7  LYS LYS A . n 
A 1 8  4FW 8  8  8  4FW 4FW A . n 
A 1 9  PHE 9  9  9  PHE PHE A . n 
A 1 10 ASN 10 10 10 ASN ASN A . n 
A 1 11 SER 11 11 11 SER SER A . n 
A 1 12 GLU 12 12 12 GLU GLU A . n 
A 1 13 LYS 13 13 13 LYS LYS A . n 
A 1 14 GLY 14 14 14 GLY GLY A . n 
A 1 15 PHE 15 15 15 PHE PHE A . n 
A 1 16 GLY 16 16 16 GLY GLY A . n 
A 1 17 PHE 17 17 17 PHE PHE A . n 
A 1 18 ILE 18 18 18 ILE ILE A . n 
A 1 19 GLU 19 19 19 GLU GLU A . n 
A 1 20 VAL 20 20 20 VAL VAL A . n 
A 1 21 GLU 21 21 21 GLU GLU A . n 
A 1 22 GLY 22 22 22 GLY GLY A . n 
A 1 23 GLN 23 23 23 GLN GLN A . n 
A 1 24 ASP 24 24 24 ASP ASP A . n 
A 1 25 ASP 25 25 25 ASP ASP A . n 
A 1 26 VAL 26 26 26 VAL VAL A . n 
A 1 27 PHE 27 27 27 PHE PHE A . n 
A 1 28 VAL 28 28 28 VAL VAL A . n 
A 1 29 HIS 29 29 29 HIS HIS A . n 
A 1 30 PHE 30 30 30 PHE PHE A . n 
A 1 31 SER 31 31 31 SER SER A . n 
A 1 32 ALA 32 32 32 ALA ALA A . n 
A 1 33 ILE 33 33 33 ILE ILE A . n 
A 1 34 GLN 34 34 34 GLN GLN A . n 
A 1 35 GLY 35 35 35 GLY GLY A . n 
A 1 36 GLU 36 36 36 GLU GLU A . n 
A 1 37 GLY 37 37 37 GLY GLY A . n 
A 1 38 PHE 38 38 38 PHE PHE A . n 
A 1 39 LYS 39 39 39 LYS LYS A . n 
A 1 40 THR 40 40 40 THR THR A . n 
A 1 41 LEU 41 41 41 LEU LEU A . n 
A 1 42 GLU 42 42 42 GLU GLU A . n 
A 1 43 GLU 43 43 43 GLU GLU A . n 
A 1 44 GLY 44 44 44 GLY GLY A . n 
A 1 45 GLN 45 45 45 GLN GLN A . n 
A 1 46 ALA 46 46 46 ALA ALA A . n 
A 1 47 VAL 47 47 47 VAL VAL A . n 
A 1 48 SER 48 48 48 SER SER A . n 
A 1 49 PHE 49 49 49 PHE PHE A . n 
A 1 50 GLU 50 50 50 GLU GLU A . n 
A 1 51 ILE 51 51 51 ILE ILE A . n 
A 1 52 VAL 52 52 52 VAL VAL A . n 
A 1 53 GLU 53 53 53 GLU GLU A . n 
A 1 54 GLY 54 54 54 GLY GLY A . n 
A 1 55 ASN 55 55 55 ASN ASN A . n 
A 1 56 ARG 56 56 56 ARG ARG A . n 
A 1 57 GLY 57 57 57 GLY GLY A . n 
A 1 58 PRO 58 58 58 PRO PRO A . n 
A 1 59 GLN 59 59 59 GLN GLN A . n 
A 1 60 ALA 60 60 60 ALA ALA A . n 
A 1 61 ALA 61 61 61 ALA ALA A . n 
A 1 62 ASN 62 62 62 ASN ASN A . n 
A 1 63 VAL 63 63 63 VAL VAL A . n 
A 1 64 THR 64 64 64 THR THR A . n 
A 1 65 LYS 65 65 65 LYS LYS A . n 
A 1 66 GLU 66 66 66 GLU GLU A . n 
A 1 67 ALA 67 67 67 ALA ALA A . n 
# 
loop_
_pdbx_nonpoly_scheme.asym_id 
_pdbx_nonpoly_scheme.entity_id 
_pdbx_nonpoly_scheme.mon_id 
_pdbx_nonpoly_scheme.ndb_seq_num 
_pdbx_nonpoly_scheme.pdb_seq_num 
_pdbx_nonpoly_scheme.auth_seq_num 
_pdbx_nonpoly_scheme.pdb_mon_id 
_pdbx_nonpoly_scheme.auth_mon_id 
_pdbx_nonpoly_scheme.pdb_strand_id 
_pdbx_nonpoly_scheme.pdb_ins_code 
B 2 GOL 1  101 101 GOL GOL A . 
C 2 GOL 1  102 201 GOL GOL A . 
D 3 HOH 1  201 2   HOH HOH A . 
D 3 HOH 2  202 5   HOH HOH A . 
D 3 HOH 3  203 17  HOH HOH A . 
D 3 HOH 4  204 3   HOH HOH A . 
D 3 HOH 5  205 7   HOH HOH A . 
D 3 HOH 6  206 1   HOH HOH A . 
D 3 HOH 7  207 21  HOH HOH A . 
D 3 HOH 8  208 8   HOH HOH A . 
D 3 HOH 9  209 12  HOH HOH A . 
D 3 HOH 10 210 11  HOH HOH A . 
D 3 HOH 11 211 24  HOH HOH A . 
D 3 HOH 12 212 13  HOH HOH A . 
D 3 HOH 13 213 4   HOH HOH A . 
D 3 HOH 14 214 29  HOH HOH A . 
D 3 HOH 15 215 20  HOH HOH A . 
D 3 HOH 16 216 19  HOH HOH A . 
D 3 HOH 17 217 23  HOH HOH A . 
D 3 HOH 18 218 10  HOH HOH A . 
# 
loop_
_pdbx_unobs_or_zero_occ_atoms.id 
_pdbx_unobs_or_zero_occ_atoms.PDB_model_num 
_pdbx_unobs_or_zero_occ_atoms.polymer_flag 
_pdbx_unobs_or_zero_occ_atoms.occupancy_flag 
_pdbx_unobs_or_zero_occ_atoms.auth_asym_id 
_pdbx_unobs_or_zero_occ_atoms.auth_comp_id 
_pdbx_unobs_or_zero_occ_atoms.auth_seq_id 
_pdbx_unobs_or_zero_occ_atoms.PDB_ins_code 
_pdbx_unobs_or_zero_occ_atoms.auth_atom_id 
_pdbx_unobs_or_zero_occ_atoms.label_alt_id 
_pdbx_unobs_or_zero_occ_atoms.label_asym_id 
_pdbx_unobs_or_zero_occ_atoms.label_comp_id 
_pdbx_unobs_or_zero_occ_atoms.label_seq_id 
_pdbx_unobs_or_zero_occ_atoms.label_atom_id 
1 1 Y 1 A GLU 21 ? CG  ? A GLU 21 CG  
2 1 Y 1 A GLU 21 ? CD  ? A GLU 21 CD  
3 1 Y 1 A GLU 21 ? OE1 ? A GLU 21 OE1 
4 1 Y 1 A GLU 21 ? OE2 ? A GLU 21 OE2 
# 
loop_
_software.citation_id 
_software.classification 
_software.compiler_name 
_software.compiler_version 
_software.contact_author 
_software.contact_author_email 
_software.date 
_software.description 
_software.dependencies 
_software.hardware 
_software.language 
_software.location 
_software.mods 
_software.name 
_software.os 
_software.os_version 
_software.type 
_software.version 
_software.pdbx_ordinal 
? refinement       ? ? ? ? ? ? ? ? ? ? ? PHENIX ? ? ? 1.15.2_3472 1 
? 'data reduction' ? ? ? ? ? ? ? ? ? ? ? XDS    ? ? ? .           2 
? 'data scaling'   ? ? ? ? ? ? ? ? ? ? ? XDS    ? ? ? .           3 
? phasing          ? ? ? ? ? ? ? ? ? ? ? PHASER ? ? ? .           4 
# 
_cell.angle_alpha                  90.000 
_cell.angle_alpha_esd              ? 
_cell.angle_beta                   90.000 
_cell.angle_beta_esd               ? 
_cell.angle_gamma                  90.000 
_cell.angle_gamma_esd              ? 
_cell.entry_id                     6SZZ 
_cell.details                      ? 
_cell.formula_units_Z              ? 
_cell.length_a                     56.050 
_cell.length_a_esd                 ? 
_cell.length_b                     56.050 
_cell.length_b_esd                 ? 
_cell.length_c                     55.120 
_cell.length_c_esd                 ? 
_cell.volume                       173165.130 
_cell.volume_esd                   ? 
_cell.Z_PDB                        8 
_cell.reciprocal_angle_alpha       ? 
_cell.reciprocal_angle_beta        ? 
_cell.reciprocal_angle_gamma       ? 
_cell.reciprocal_angle_alpha_esd   ? 
_cell.reciprocal_angle_beta_esd    ? 
_cell.reciprocal_angle_gamma_esd   ? 
_cell.reciprocal_length_a          ? 
_cell.reciprocal_length_b          ? 
_cell.reciprocal_length_c          ? 
_cell.reciprocal_length_a_esd      ? 
_cell.reciprocal_length_b_esd      ? 
_cell.reciprocal_length_c_esd      ? 
_cell.pdbx_unique_axis             ? 
# 
_symmetry.entry_id                         6SZZ 
_symmetry.cell_setting                     ? 
_symmetry.Int_Tables_number                96 
_symmetry.space_group_name_Hall            'P 4nw 2abw' 
_symmetry.space_group_name_H-M             'P 43 21 2' 
_symmetry.pdbx_full_space_group_name_H-M   ? 
# 
_exptl.absorpt_coefficient_mu     ? 
_exptl.absorpt_correction_T_max   ? 
_exptl.absorpt_correction_T_min   ? 
_exptl.absorpt_correction_type    ? 
_exptl.absorpt_process_details    ? 
_exptl.entry_id                   6SZZ 
_exptl.crystals_number            1 
_exptl.details                    ? 
_exptl.method                     'X-RAY DIFFRACTION' 
_exptl.method_details             ? 
# 
_exptl_crystal.colour                      ? 
_exptl_crystal.density_diffrn              ? 
_exptl_crystal.density_Matthews            2.93 
_exptl_crystal.density_method              ? 
_exptl_crystal.density_percent_sol         58.01 
_exptl_crystal.description                 ? 
_exptl_crystal.F_000                       ? 
_exptl_crystal.id                          1 
_exptl_crystal.preparation                 ? 
_exptl_crystal.size_max                    ? 
_exptl_crystal.size_mid                    ? 
_exptl_crystal.size_min                    ? 
_exptl_crystal.size_rad                    ? 
_exptl_crystal.colour_lustre               ? 
_exptl_crystal.colour_modifier             ? 
_exptl_crystal.colour_primary              ? 
_exptl_crystal.density_meas                ? 
_exptl_crystal.density_meas_esd            ? 
_exptl_crystal.density_meas_gt             ? 
_exptl_crystal.density_meas_lt             ? 
_exptl_crystal.density_meas_temp           ? 
_exptl_crystal.density_meas_temp_esd       ? 
_exptl_crystal.density_meas_temp_gt        ? 
_exptl_crystal.density_meas_temp_lt        ? 
_exptl_crystal.pdbx_crystal_image_url      ? 
_exptl_crystal.pdbx_crystal_image_format   ? 
_exptl_crystal.pdbx_mosaicity              ? 
_exptl_crystal.pdbx_mosaicity_esd          ? 
# 
_exptl_crystal_grow.apparatus       ? 
_exptl_crystal_grow.atmosphere      ? 
_exptl_crystal_grow.crystal_id      1 
_exptl_crystal_grow.details         ? 
_exptl_crystal_grow.method          'VAPOR DIFFUSION, SITTING DROP' 
_exptl_crystal_grow.method_ref      ? 
_exptl_crystal_grow.pH              ? 
_exptl_crystal_grow.pressure        ? 
_exptl_crystal_grow.pressure_esd    ? 
_exptl_crystal_grow.seeding         ? 
_exptl_crystal_grow.seeding_ref     ? 
_exptl_crystal_grow.temp            291 
_exptl_crystal_grow.temp_details    ? 
_exptl_crystal_grow.temp_esd        ? 
_exptl_crystal_grow.time            ? 
_exptl_crystal_grow.pdbx_details    '0.1 M BIS-TRIS propane pH 7.0,1.2 M Sodium citrate tribasic dihydrate' 
_exptl_crystal_grow.pdbx_pH_range   ? 
# 
_diffrn.ambient_environment              ? 
_diffrn.ambient_temp                     100 
_diffrn.ambient_temp_details             ? 
_diffrn.ambient_temp_esd                 ? 
_diffrn.crystal_id                       1 
_diffrn.crystal_support                  ? 
_diffrn.crystal_treatment                ? 
_diffrn.details                          ? 
_diffrn.id                               1 
_diffrn.ambient_pressure                 ? 
_diffrn.ambient_pressure_esd             ? 
_diffrn.ambient_pressure_gt              ? 
_diffrn.ambient_pressure_lt              ? 
_diffrn.ambient_temp_gt                  ? 
_diffrn.ambient_temp_lt                  ? 
_diffrn.pdbx_serial_crystal_experiment   N 
# 
_diffrn_detector.details                      ? 
_diffrn_detector.detector                     PIXEL 
_diffrn_detector.diffrn_id                    1 
_diffrn_detector.type                         'DECTRIS PILATUS 2M-F' 
_diffrn_detector.area_resol_mean              ? 
_diffrn_detector.dtime                        ? 
_diffrn_detector.pdbx_frames_total            ? 
_diffrn_detector.pdbx_collection_time_total   ? 
_diffrn_detector.pdbx_collection_date         2019-06-16 
_diffrn_detector.pdbx_frequency               ? 
# 
_diffrn_radiation.collimation                      ? 
_diffrn_radiation.diffrn_id                        1 
_diffrn_radiation.filter_edge                      ? 
_diffrn_radiation.inhomogeneity                    ? 
_diffrn_radiation.monochromator                    ? 
_diffrn_radiation.polarisn_norm                    ? 
_diffrn_radiation.polarisn_ratio                   ? 
_diffrn_radiation.probe                            ? 
_diffrn_radiation.type                             ? 
_diffrn_radiation.xray_symbol                      ? 
_diffrn_radiation.wavelength_id                    1 
_diffrn_radiation.pdbx_monochromatic_or_laue_m_l   M 
_diffrn_radiation.pdbx_wavelength_list             ? 
_diffrn_radiation.pdbx_wavelength                  ? 
_diffrn_radiation.pdbx_diffrn_protocol             'SINGLE WAVELENGTH' 
_diffrn_radiation.pdbx_analyzer                    ? 
_diffrn_radiation.pdbx_scattering_type             x-ray 
# 
_diffrn_radiation_wavelength.id           1 
_diffrn_radiation_wavelength.wavelength   1.0 
_diffrn_radiation_wavelength.wt           1.0 
# 
_diffrn_source.current                     ? 
_diffrn_source.details                     ? 
_diffrn_source.diffrn_id                   1 
_diffrn_source.power                       ? 
_diffrn_source.size                        ? 
_diffrn_source.source                      SYNCHROTRON 
_diffrn_source.target                      ? 
_diffrn_source.type                        'SLS BEAMLINE X06DA' 
_diffrn_source.voltage                     ? 
_diffrn_source.take-off_angle              ? 
_diffrn_source.pdbx_wavelength_list        1.0 
_diffrn_source.pdbx_wavelength             ? 
_diffrn_source.pdbx_synchrotron_beamline   X06DA 
_diffrn_source.pdbx_synchrotron_site       SLS 
# 
_reflns.B_iso_Wilson_estimate            50.99 
_reflns.entry_id                         6SZZ 
_reflns.data_reduction_details           ? 
_reflns.data_reduction_method            ? 
_reflns.d_resolution_high                2.05 
_reflns.d_resolution_low                 39.64 
_reflns.details                          ? 
_reflns.limit_h_max                      ? 
_reflns.limit_h_min                      ? 
_reflns.limit_k_max                      ? 
_reflns.limit_k_min                      ? 
_reflns.limit_l_max                      ? 
_reflns.limit_l_min                      ? 
_reflns.number_all                       ? 
_reflns.number_obs                       5913 
_reflns.observed_criterion               ? 
_reflns.observed_criterion_F_max         ? 
_reflns.observed_criterion_F_min         ? 
_reflns.observed_criterion_I_max         ? 
_reflns.observed_criterion_I_min         ? 
_reflns.observed_criterion_sigma_F       ? 
_reflns.observed_criterion_sigma_I       ? 
_reflns.percent_possible_obs             99.8 
_reflns.R_free_details                   ? 
_reflns.Rmerge_F_all                     ? 
_reflns.Rmerge_F_obs                     ? 
_reflns.Friedel_coverage                 ? 
_reflns.number_gt                        ? 
_reflns.threshold_expression             ? 
_reflns.pdbx_redundancy                  24.75 
_reflns.pdbx_Rmerge_I_obs                ? 
_reflns.pdbx_Rmerge_I_all                ? 
_reflns.pdbx_Rsym_value                  0.075 
_reflns.pdbx_netI_over_av_sigmaI         ? 
_reflns.pdbx_netI_over_sigmaI            28.89 
_reflns.pdbx_res_netI_over_av_sigmaI_2   ? 
_reflns.pdbx_res_netI_over_sigmaI_2      ? 
_reflns.pdbx_chi_squared                 ? 
_reflns.pdbx_scaling_rejects             ? 
_reflns.pdbx_d_res_high_opt              ? 
_reflns.pdbx_d_res_low_opt               ? 
_reflns.pdbx_d_res_opt_method            ? 
_reflns.phase_calculation_details        ? 
_reflns.pdbx_Rrim_I_all                  ? 
_reflns.pdbx_Rpim_I_all                  ? 
_reflns.pdbx_d_opt                       ? 
_reflns.pdbx_number_measured_all         ? 
_reflns.pdbx_diffrn_id                   1 
_reflns.pdbx_ordinal                     1 
_reflns.pdbx_CC_half                     1.0 
_reflns.pdbx_CC_star                     ? 
_reflns.pdbx_R_split                     ? 
# 
_reflns_shell.d_res_high                  2.05 
_reflns_shell.d_res_low                   2.15 
_reflns_shell.meanI_over_sigI_all         ? 
_reflns_shell.meanI_over_sigI_obs         ? 
_reflns_shell.number_measured_all         ? 
_reflns_shell.number_measured_obs         ? 
_reflns_shell.number_possible             ? 
_reflns_shell.number_unique_all           ? 
_reflns_shell.number_unique_obs           762 
_reflns_shell.percent_possible_all        ? 
_reflns_shell.percent_possible_obs        ? 
_reflns_shell.Rmerge_F_all                ? 
_reflns_shell.Rmerge_F_obs                ? 
_reflns_shell.Rmerge_I_all                ? 
_reflns_shell.Rmerge_I_obs                ? 
_reflns_shell.meanI_over_sigI_gt          ? 
_reflns_shell.meanI_over_uI_all           ? 
_reflns_shell.meanI_over_uI_gt            ? 
_reflns_shell.number_measured_gt          ? 
_reflns_shell.number_unique_gt            ? 
_reflns_shell.percent_possible_gt         ? 
_reflns_shell.Rmerge_F_gt                 ? 
_reflns_shell.Rmerge_I_gt                 ? 
_reflns_shell.pdbx_redundancy             ? 
_reflns_shell.pdbx_Rsym_value             2.735 
_reflns_shell.pdbx_chi_squared            ? 
_reflns_shell.pdbx_netI_over_sigmaI_all   ? 
_reflns_shell.pdbx_netI_over_sigmaI_obs   ? 
_reflns_shell.pdbx_Rrim_I_all             ? 
_reflns_shell.pdbx_Rpim_I_all             ? 
_reflns_shell.pdbx_rejects                ? 
_reflns_shell.pdbx_ordinal                1 
_reflns_shell.pdbx_diffrn_id              1 
_reflns_shell.pdbx_CC_half                0.584 
_reflns_shell.pdbx_CC_star                ? 
_reflns_shell.pdbx_R_split                ? 
# 
_refine.aniso_B[1][1]                            ? 
_refine.aniso_B[1][2]                            ? 
_refine.aniso_B[1][3]                            ? 
_refine.aniso_B[2][2]                            ? 
_refine.aniso_B[2][3]                            ? 
_refine.aniso_B[3][3]                            ? 
_refine.B_iso_max                                ? 
_refine.B_iso_mean                               ? 
_refine.B_iso_min                                ? 
_refine.correlation_coeff_Fo_to_Fc               ? 
_refine.correlation_coeff_Fo_to_Fc_free          ? 
_refine.details                                  ? 
_refine.diff_density_max                         ? 
_refine.diff_density_max_esd                     ? 
_refine.diff_density_min                         ? 
_refine.diff_density_min_esd                     ? 
_refine.diff_density_rms                         ? 
_refine.diff_density_rms_esd                     ? 
_refine.entry_id                                 6SZZ 
_refine.pdbx_refine_id                           'X-RAY DIFFRACTION' 
_refine.ls_abs_structure_details                 ? 
_refine.ls_abs_structure_Flack                   ? 
_refine.ls_abs_structure_Flack_esd               ? 
_refine.ls_abs_structure_Rogers                  ? 
_refine.ls_abs_structure_Rogers_esd              ? 
_refine.ls_d_res_high                            2.05 
_refine.ls_d_res_low                             39.64 
_refine.ls_extinction_coef                       ? 
_refine.ls_extinction_coef_esd                   ? 
_refine.ls_extinction_expression                 ? 
_refine.ls_extinction_method                     ? 
_refine.ls_goodness_of_fit_all                   ? 
_refine.ls_goodness_of_fit_all_esd               ? 
_refine.ls_goodness_of_fit_obs                   ? 
_refine.ls_goodness_of_fit_obs_esd               ? 
_refine.ls_hydrogen_treatment                    ? 
_refine.ls_matrix_type                           ? 
_refine.ls_number_constraints                    ? 
_refine.ls_number_parameters                     ? 
_refine.ls_number_reflns_all                     ? 
_refine.ls_number_reflns_obs                     5879 
_refine.ls_number_reflns_R_free                  306 
_refine.ls_number_reflns_R_work                  ? 
_refine.ls_number_restraints                     ? 
_refine.ls_percent_reflns_obs                    99.81 
_refine.ls_percent_reflns_R_free                 5.20 
_refine.ls_R_factor_all                          ? 
_refine.ls_R_factor_obs                          0.2097 
_refine.ls_R_factor_R_free                       0.2312 
_refine.ls_R_factor_R_free_error                 ? 
_refine.ls_R_factor_R_free_error_details         ? 
_refine.ls_R_factor_R_work                       0.2083 
_refine.ls_R_Fsqd_factor_obs                     ? 
_refine.ls_R_I_factor_obs                        ? 
_refine.ls_redundancy_reflns_all                 ? 
_refine.ls_redundancy_reflns_obs                 ? 
_refine.ls_restrained_S_all                      ? 
_refine.ls_restrained_S_obs                      ? 
_refine.ls_shift_over_esd_max                    ? 
_refine.ls_shift_over_esd_mean                   ? 
_refine.ls_structure_factor_coef                 ? 
_refine.ls_weighting_details                     ? 
_refine.ls_weighting_scheme                      ? 
_refine.ls_wR_factor_all                         ? 
_refine.ls_wR_factor_obs                         ? 
_refine.ls_wR_factor_R_free                      ? 
_refine.ls_wR_factor_R_work                      ? 
_refine.occupancy_max                            ? 
_refine.occupancy_min                            ? 
_refine.solvent_model_details                    ? 
_refine.solvent_model_param_bsol                 ? 
_refine.solvent_model_param_ksol                 ? 
_refine.pdbx_R_complete                          ? 
_refine.ls_R_factor_gt                           ? 
_refine.ls_goodness_of_fit_gt                    ? 
_refine.ls_goodness_of_fit_ref                   ? 
_refine.ls_shift_over_su_max                     ? 
_refine.ls_shift_over_su_max_lt                  ? 
_refine.ls_shift_over_su_mean                    ? 
_refine.ls_shift_over_su_mean_lt                 ? 
_refine.pdbx_ls_sigma_I                          ? 
_refine.pdbx_ls_sigma_F                          1.35 
_refine.pdbx_ls_sigma_Fsqd                       ? 
_refine.pdbx_data_cutoff_high_absF               ? 
_refine.pdbx_data_cutoff_high_rms_absF           ? 
_refine.pdbx_data_cutoff_low_absF                ? 
_refine.pdbx_isotropic_thermal_model             ? 
_refine.pdbx_ls_cross_valid_method               'FREE R-VALUE' 
_refine.pdbx_method_to_determine_struct          'MOLECULAR REPLACEMENT' 
_refine.pdbx_starting_model                      1CSP 
_refine.pdbx_stereochemistry_target_values       ? 
_refine.pdbx_R_Free_selection_details            ? 
_refine.pdbx_stereochem_target_val_spec_case     ? 
_refine.pdbx_overall_ESU_R                       ? 
_refine.pdbx_overall_ESU_R_Free                  ? 
_refine.pdbx_solvent_vdw_probe_radii             1.1100 
_refine.pdbx_solvent_ion_probe_radii             ? 
_refine.pdbx_solvent_shrinkage_radii             0.9000 
_refine.pdbx_real_space_R                        ? 
_refine.pdbx_density_correlation                 ? 
_refine.pdbx_pd_number_of_powder_patterns        ? 
_refine.pdbx_pd_number_of_points                 ? 
_refine.pdbx_pd_meas_number_of_points            ? 
_refine.pdbx_pd_proc_ls_prof_R_factor            ? 
_refine.pdbx_pd_proc_ls_prof_wR_factor           ? 
_refine.pdbx_pd_Marquardt_correlation_coeff      ? 
_refine.pdbx_pd_Fsqrd_R_factor                   ? 
_refine.pdbx_pd_ls_matrix_band_width             ? 
_refine.pdbx_overall_phase_error                 32.9561 
_refine.pdbx_overall_SU_R_free_Cruickshank_DPI   ? 
_refine.pdbx_overall_SU_R_free_Blow_DPI          ? 
_refine.pdbx_overall_SU_R_Blow_DPI               ? 
_refine.pdbx_TLS_residual_ADP_flag               ? 
_refine.pdbx_diffrn_id                           1 
_refine.overall_SU_B                             ? 
_refine.overall_SU_ML                            0.2461 
_refine.overall_SU_R_Cruickshank_DPI             ? 
_refine.overall_SU_R_free                        ? 
_refine.overall_FOM_free_R_set                   ? 
_refine.overall_FOM_work_R_set                   ? 
_refine.pdbx_average_fsc_overall                 ? 
_refine.pdbx_average_fsc_work                    ? 
_refine.pdbx_average_fsc_free                    ? 
# 
_refine_hist.pdbx_refine_id                   'X-RAY DIFFRACTION' 
_refine_hist.cycle_id                         LAST 
_refine_hist.details                          ? 
_refine_hist.d_res_high                       2.05 
_refine_hist.d_res_low                        39.64 
_refine_hist.number_atoms_solvent             18 
_refine_hist.number_atoms_total               548 
_refine_hist.number_reflns_all                ? 
_refine_hist.number_reflns_obs                ? 
_refine_hist.number_reflns_R_free             ? 
_refine_hist.number_reflns_R_work             ? 
_refine_hist.R_factor_all                     ? 
_refine_hist.R_factor_obs                     ? 
_refine_hist.R_factor_R_free                  ? 
_refine_hist.R_factor_R_work                  ? 
_refine_hist.pdbx_number_residues_total       ? 
_refine_hist.pdbx_B_iso_mean_ligand           ? 
_refine_hist.pdbx_B_iso_mean_solvent          ? 
_refine_hist.pdbx_number_atoms_protein        518 
_refine_hist.pdbx_number_atoms_nucleic_acid   0 
_refine_hist.pdbx_number_atoms_ligand         12 
_refine_hist.pdbx_number_atoms_lipid          ? 
_refine_hist.pdbx_number_atoms_carb           ? 
_refine_hist.pdbx_pseudo_atom_details         ? 
# 
loop_
_refine_ls_restr.pdbx_refine_id 
_refine_ls_restr.criterion 
_refine_ls_restr.dev_ideal 
_refine_ls_restr.dev_ideal_target 
_refine_ls_restr.number 
_refine_ls_restr.rejects 
_refine_ls_restr.type 
_refine_ls_restr.weight 
_refine_ls_restr.pdbx_restraint_function 
'X-RAY DIFFRACTION' ? 0.0077  ? 538 ? f_bond_d           ? ? 
'X-RAY DIFFRACTION' ? 0.9216  ? 719 ? f_angle_d          ? ? 
'X-RAY DIFFRACTION' ? 0.0496  ? 72  ? f_chiral_restr     ? ? 
'X-RAY DIFFRACTION' ? 0.0048  ? 96  ? f_plane_restr      ? ? 
'X-RAY DIFFRACTION' ? 13.5021 ? 306 ? f_dihedral_angle_d ? ? 
# 
loop_
_refine_ls_shell.pdbx_refine_id 
_refine_ls_shell.d_res_high 
_refine_ls_shell.d_res_low 
_refine_ls_shell.number_reflns_all 
_refine_ls_shell.number_reflns_obs 
_refine_ls_shell.number_reflns_R_free 
_refine_ls_shell.number_reflns_R_work 
_refine_ls_shell.percent_reflns_obs 
_refine_ls_shell.percent_reflns_R_free 
_refine_ls_shell.R_factor_all 
_refine_ls_shell.R_factor_obs 
_refine_ls_shell.R_factor_R_free 
_refine_ls_shell.R_factor_R_free_error 
_refine_ls_shell.R_factor_R_work 
_refine_ls_shell.redundancy_reflns_all 
_refine_ls_shell.redundancy_reflns_obs 
_refine_ls_shell.wR_factor_all 
_refine_ls_shell.wR_factor_obs 
_refine_ls_shell.wR_factor_R_free 
_refine_ls_shell.wR_factor_R_work 
_refine_ls_shell.pdbx_R_complete 
_refine_ls_shell.pdbx_total_number_of_bins_used 
_refine_ls_shell.pdbx_phase_error 
_refine_ls_shell.pdbx_fsc_work 
_refine_ls_shell.pdbx_fsc_free 
'X-RAY DIFFRACTION' 2.05 2.58  . . 131 2723 99.62  . . . 0.3036 . 0.2775 . . . . . . . . . . . 
'X-RAY DIFFRACTION' 2.58 39.64 . . 175 2850 100.00 . . . 0.2227 . 0.1962 . . . . . . . . . . . 
# 
_struct.entry_id                     6SZZ 
_struct.title                        'Crystal structure of Cold Shock Protein B (CspB) containing the modified residue 4-F-Trp' 
_struct.pdbx_model_details           ? 
_struct.pdbx_formula_weight          ? 
_struct.pdbx_formula_weight_method   ? 
_struct.pdbx_model_type_details      ? 
_struct.pdbx_CASP_flag               N 
# 
_struct_keywords.entry_id        6SZZ 
_struct_keywords.text            'fluorine cold shock domain, STRUCTURAL PROTEIN' 
_struct_keywords.pdbx_keywords   'STRUCTURAL PROTEIN' 
# 
loop_
_struct_asym.id 
_struct_asym.pdbx_blank_PDB_chainid_flag 
_struct_asym.pdbx_modified 
_struct_asym.entity_id 
_struct_asym.details 
A N N 1 ? 
B N N 2 ? 
C N N 2 ? 
D N N 3 ? 
# 
_struct_ref.id                         1 
_struct_ref.db_name                    UNP 
_struct_ref.db_code                    A0A063XII3_BACIU 
_struct_ref.pdbx_db_accession          A0A063XII3 
_struct_ref.pdbx_db_isoform            ? 
_struct_ref.entity_id                  1 
_struct_ref.pdbx_seq_one_letter_code   MLEGKVKWFNSEKGFGFIEVEGQDDVFVHFSAIQGEGFKTLEEGQAVSFEIVEGNRGPQAANVTKEA 
_struct_ref.pdbx_align_begin           1 
# 
_struct_ref_seq.align_id                      1 
_struct_ref_seq.ref_id                        1 
_struct_ref_seq.pdbx_PDB_id_code              6SZZ 
_struct_ref_seq.pdbx_strand_id                A 
_struct_ref_seq.seq_align_beg                 1 
_struct_ref_seq.pdbx_seq_align_beg_ins_code   ? 
_struct_ref_seq.seq_align_end                 67 
_struct_ref_seq.pdbx_seq_align_end_ins_code   ? 
_struct_ref_seq.pdbx_db_accession             A0A063XII3 
_struct_ref_seq.db_align_beg                  1 
_struct_ref_seq.pdbx_db_align_beg_ins_code    ? 
_struct_ref_seq.db_align_end                  67 
_struct_ref_seq.pdbx_db_align_end_ins_code    ? 
_struct_ref_seq.pdbx_auth_seq_align_beg       1 
_struct_ref_seq.pdbx_auth_seq_align_end       67 
# 
_pdbx_struct_assembly.id                   1 
_pdbx_struct_assembly.details              author_and_software_defined_assembly 
_pdbx_struct_assembly.method_details       PISA 
_pdbx_struct_assembly.oligomeric_details   monomeric 
_pdbx_struct_assembly.oligomeric_count     1 
# 
loop_
_pdbx_struct_assembly_prop.biol_id 
_pdbx_struct_assembly_prop.type 
_pdbx_struct_assembly_prop.value 
_pdbx_struct_assembly_prop.details 
1 'ABSA (A^2)' 400  ? 
1 MORE         0    ? 
1 'SSA (A^2)'  4650 ? 
# 
_pdbx_struct_assembly_gen.assembly_id       1 
_pdbx_struct_assembly_gen.oper_expression   1 
_pdbx_struct_assembly_gen.asym_id_list      A,B,C,D 
# 
_pdbx_struct_assembly_auth_evidence.id                     1 
_pdbx_struct_assembly_auth_evidence.assembly_id            1 
_pdbx_struct_assembly_auth_evidence.experimental_support   none 
_pdbx_struct_assembly_auth_evidence.details                ? 
# 
_pdbx_struct_oper_list.id                   1 
_pdbx_struct_oper_list.type                 'identity operation' 
_pdbx_struct_oper_list.name                 1_555 
_pdbx_struct_oper_list.symmetry_operation   x,y,z 
_pdbx_struct_oper_list.matrix[1][1]         1.0000000000 
_pdbx_struct_oper_list.matrix[1][2]         0.0000000000 
_pdbx_struct_oper_list.matrix[1][3]         0.0000000000 
_pdbx_struct_oper_list.vector[1]            0.0000000000 
_pdbx_struct_oper_list.matrix[2][1]         0.0000000000 
_pdbx_struct_oper_list.matrix[2][2]         1.0000000000 
_pdbx_struct_oper_list.matrix[2][3]         0.0000000000 
_pdbx_struct_oper_list.vector[2]            0.0000000000 
_pdbx_struct_oper_list.matrix[3][1]         0.0000000000 
_pdbx_struct_oper_list.matrix[3][2]         0.0000000000 
_pdbx_struct_oper_list.matrix[3][3]         1.0000000000 
_pdbx_struct_oper_list.vector[3]            0.0000000000 
# 
_struct_conf.conf_type_id            HELX_P 
_struct_conf.id                      HELX_P1 
_struct_conf.pdbx_PDB_helix_id       AA1 
_struct_conf.beg_label_comp_id       SER 
_struct_conf.beg_label_asym_id       A 
_struct_conf.beg_label_seq_id        31 
_struct_conf.pdbx_beg_PDB_ins_code   ? 
_struct_conf.end_label_comp_id       ILE 
_struct_conf.end_label_asym_id       A 
_struct_conf.end_label_seq_id        33 
_struct_conf.pdbx_end_PDB_ins_code   ? 
_struct_conf.beg_auth_comp_id        SER 
_struct_conf.beg_auth_asym_id        A 
_struct_conf.beg_auth_seq_id         31 
_struct_conf.end_auth_comp_id        ILE 
_struct_conf.end_auth_asym_id        A 
_struct_conf.end_auth_seq_id         33 
_struct_conf.pdbx_PDB_helix_class    5 
_struct_conf.details                 ? 
_struct_conf.pdbx_PDB_helix_length   3 
# 
_struct_conf_type.id          HELX_P 
_struct_conf_type.criteria    ? 
_struct_conf_type.reference   ? 
# 
loop_
_struct_conn.id 
_struct_conn.conn_type_id 
_struct_conn.pdbx_leaving_atom_flag 
_struct_conn.pdbx_PDB_id 
_struct_conn.ptnr1_label_asym_id 
_struct_conn.ptnr1_label_comp_id 
_struct_conn.ptnr1_label_seq_id 
_struct_conn.ptnr1_label_atom_id 
_struct_conn.pdbx_ptnr1_label_alt_id 
_struct_conn.pdbx_ptnr1_PDB_ins_code 
_struct_conn.pdbx_ptnr1_standard_comp_id 
_struct_conn.ptnr1_symmetry 
_struct_conn.ptnr2_label_asym_id 
_struct_conn.ptnr2_label_comp_id 
_struct_conn.ptnr2_label_seq_id 
_struct_conn.ptnr2_label_atom_id 
_struct_conn.pdbx_ptnr2_label_alt_id 
_struct_conn.pdbx_ptnr2_PDB_ins_code 
_struct_conn.ptnr1_auth_asym_id 
_struct_conn.ptnr1_auth_comp_id 
_struct_conn.ptnr1_auth_seq_id 
_struct_conn.ptnr2_auth_asym_id 
_struct_conn.ptnr2_auth_comp_id 
_struct_conn.ptnr2_auth_seq_id 
_struct_conn.ptnr2_symmetry 
_struct_conn.pdbx_ptnr3_label_atom_id 
_struct_conn.pdbx_ptnr3_label_seq_id 
_struct_conn.pdbx_ptnr3_label_comp_id 
_struct_conn.pdbx_ptnr3_label_asym_id 
_struct_conn.pdbx_ptnr3_label_alt_id 
_struct_conn.pdbx_ptnr3_PDB_ins_code 
_struct_conn.details 
_struct_conn.pdbx_dist_value 
_struct_conn.pdbx_value_order 
_struct_conn.pdbx_role 
covale1 covale both ? A LYS 7 C ? ? ? 1_555 A 4FW 8 N ? ? A LYS 7 A 4FW 8 1_555 ? ? ? ? ? ? ? 1.326 ? ? 
covale2 covale both ? A 4FW 8 C ? ? ? 1_555 A PHE 9 N ? ? A 4FW 8 A PHE 9 1_555 ? ? ? ? ? ? ? 1.331 ? ? 
# 
_struct_conn_type.id          covale 
_struct_conn_type.criteria    ? 
_struct_conn_type.reference   ? 
# 
_struct_sheet.id               AA1 
_struct_sheet.type             ? 
_struct_sheet.number_strands   5 
_struct_sheet.details          ? 
# 
loop_
_struct_sheet_order.sheet_id 
_struct_sheet_order.range_id_1 
_struct_sheet_order.range_id_2 
_struct_sheet_order.offset 
_struct_sheet_order.sense 
AA1 1 2 ? anti-parallel 
AA1 2 3 ? anti-parallel 
AA1 3 4 ? anti-parallel 
AA1 4 5 ? anti-parallel 
# 
loop_
_struct_sheet_range.sheet_id 
_struct_sheet_range.id 
_struct_sheet_range.beg_label_comp_id 
_struct_sheet_range.beg_label_asym_id 
_struct_sheet_range.beg_label_seq_id 
_struct_sheet_range.pdbx_beg_PDB_ins_code 
_struct_sheet_range.end_label_comp_id 
_struct_sheet_range.end_label_asym_id 
_struct_sheet_range.end_label_seq_id 
_struct_sheet_range.pdbx_end_PDB_ins_code 
_struct_sheet_range.beg_auth_comp_id 
_struct_sheet_range.beg_auth_asym_id 
_struct_sheet_range.beg_auth_seq_id 
_struct_sheet_range.end_auth_comp_id 
_struct_sheet_range.end_auth_asym_id 
_struct_sheet_range.end_auth_seq_id 
AA1 1 VAL A 26 ? HIS A 29 ? VAL A 26 HIS A 29 
AA1 2 PHE A 15 ? GLU A 19 ? PHE A 15 GLU A 19 
AA1 3 LEU A 2  ? ASN A 10 ? LEU A 2  ASN A 10 
AA1 4 ALA A 46 ? GLY A 54 ? ALA A 46 GLY A 54 
AA1 5 GLY A 57 ? LYS A 65 ? GLY A 57 LYS A 65 
# 
loop_
_pdbx_struct_sheet_hbond.sheet_id 
_pdbx_struct_sheet_hbond.range_id_1 
_pdbx_struct_sheet_hbond.range_id_2 
_pdbx_struct_sheet_hbond.range_1_label_atom_id 
_pdbx_struct_sheet_hbond.range_1_label_comp_id 
_pdbx_struct_sheet_hbond.range_1_label_asym_id 
_pdbx_struct_sheet_hbond.range_1_label_seq_id 
_pdbx_struct_sheet_hbond.range_1_PDB_ins_code 
_pdbx_struct_sheet_hbond.range_1_auth_atom_id 
_pdbx_struct_sheet_hbond.range_1_auth_comp_id 
_pdbx_struct_sheet_hbond.range_1_auth_asym_id 
_pdbx_struct_sheet_hbond.range_1_auth_seq_id 
_pdbx_struct_sheet_hbond.range_2_label_atom_id 
_pdbx_struct_sheet_hbond.range_2_label_comp_id 
_pdbx_struct_sheet_hbond.range_2_label_asym_id 
_pdbx_struct_sheet_hbond.range_2_label_seq_id 
_pdbx_struct_sheet_hbond.range_2_PDB_ins_code 
_pdbx_struct_sheet_hbond.range_2_auth_atom_id 
_pdbx_struct_sheet_hbond.range_2_auth_comp_id 
_pdbx_struct_sheet_hbond.range_2_auth_asym_id 
_pdbx_struct_sheet_hbond.range_2_auth_seq_id 
AA1 1 2 O VAL A 26 ? O VAL A 26 N ILE A 18 ? N ILE A 18 
AA1 2 3 O GLU A 19 ? O GLU A 19 N LYS A 5  ? N LYS A 5  
AA1 3 4 N LEU A 2  ? N LEU A 2  O PHE A 49 ? O PHE A 49 
AA1 4 5 N SER A 48 ? N SER A 48 O THR A 64 ? O THR A 64 
# 
loop_
_struct_site.id 
_struct_site.pdbx_evidence_code 
_struct_site.pdbx_auth_asym_id 
_struct_site.pdbx_auth_comp_id 
_struct_site.pdbx_auth_seq_id 
_struct_site.pdbx_auth_ins_code 
_struct_site.pdbx_num_residues 
_struct_site.details 
AC1 Software A GOL 101 ? 3 'binding site for residue GOL A 101' 
AC2 Software A GOL 102 ? 3 'binding site for residue GOL A 102' 
# 
loop_
_struct_site_gen.id 
_struct_site_gen.site_id 
_struct_site_gen.pdbx_num_res 
_struct_site_gen.label_comp_id 
_struct_site_gen.label_asym_id 
_struct_site_gen.label_seq_id 
_struct_site_gen.pdbx_auth_ins_code 
_struct_site_gen.auth_comp_id 
_struct_site_gen.auth_asym_id 
_struct_site_gen.auth_seq_id 
_struct_site_gen.label_atom_id 
_struct_site_gen.label_alt_id 
_struct_site_gen.symmetry 
_struct_site_gen.details 
1 AC1 3 GLU A 12 ? GLU A 12 . ? 3_544 ? 
2 AC1 3 PHE A 38 ? PHE A 38 . ? 3_544 ? 
3 AC1 3 GLN A 59 ? GLN A 59 . ? 1_555 ? 
4 AC2 3 LYS A 7  ? LYS A 7  . ? 1_555 ? 
5 AC2 3 4FW A 8  ? 4FW A 8  . ? 1_555 ? 
6 AC2 3 ASP A 25 ? ASP A 25 . ? 1_555 ? 
# 
_pdbx_struct_mod_residue.id               1 
_pdbx_struct_mod_residue.label_asym_id    A 
_pdbx_struct_mod_residue.label_comp_id    4FW 
_pdbx_struct_mod_residue.label_seq_id     8 
_pdbx_struct_mod_residue.auth_asym_id     A 
_pdbx_struct_mod_residue.auth_comp_id     4FW 
_pdbx_struct_mod_residue.auth_seq_id      8 
_pdbx_struct_mod_residue.PDB_ins_code     ? 
_pdbx_struct_mod_residue.parent_comp_id   TRP 
_pdbx_struct_mod_residue.details          'modified residue' 
# 
loop_
_space_group_symop.id 
_space_group_symop.operation_xyz 
1 x,y,z               
2 -y+1/2,x+1/2,z+3/4  
3 y+1/2,-x+1/2,z+1/4  
4 x+1/2,-y+1/2,-z+1/4 
5 -x+1/2,y+1/2,-z+3/4 
6 -x,-y,z+1/2         
7 y,x,-z              
8 -y,-x,-z+1/2        
# 
_pdbx_refine_tls.id               1 
_pdbx_refine_tls.pdbx_refine_id   'X-RAY DIFFRACTION' 
_pdbx_refine_tls.details          ? 
_pdbx_refine_tls.method           refined 
_pdbx_refine_tls.origin_x         -0.061345205 
_pdbx_refine_tls.origin_y         -0.04867267674 
_pdbx_refine_tls.origin_z         0.6139133430 
_pdbx_refine_tls.T[1][1]          0.441451681376 
_pdbx_refine_tls.T[1][1]_esd      ? 
_pdbx_refine_tls.T[1][2]          -0.105765712768 
_pdbx_refine_tls.T[1][2]_esd      ? 
_pdbx_refine_tls.T[1][3]          -0.050225322901 
_pdbx_refine_tls.T[1][3]_esd      ? 
_pdbx_refine_tls.T[2][2]          0.34835037110 
_pdbx_refine_tls.T[2][2]_esd      ? 
_pdbx_refine_tls.T[2][3]          -0.026198695715 
_pdbx_refine_tls.T[2][3]_esd      ? 
_pdbx_refine_tls.T[3][3]          0.393956225403 
_pdbx_refine_tls.T[3][3]_esd      ? 
_pdbx_refine_tls.L[1][1]          9.07460777369 
_pdbx_refine_tls.L[1][1]_esd      ? 
_pdbx_refine_tls.L[1][2]          -2.810534623291 
_pdbx_refine_tls.L[1][2]_esd      ? 
_pdbx_refine_tls.L[1][3]          -0.37933998123 
_pdbx_refine_tls.L[1][3]_esd      ? 
_pdbx_refine_tls.L[2][2]          9.01417747558 
_pdbx_refine_tls.L[2][2]_esd      ? 
_pdbx_refine_tls.L[2][3]          -0.00605751617 
_pdbx_refine_tls.L[2][3]_esd      ? 
_pdbx_refine_tls.L[3][3]          9.13321878405 
_pdbx_refine_tls.L[3][3]_esd      ? 
_pdbx_refine_tls.S[1][1]          0.172113901716 
_pdbx_refine_tls.S[1][1]_esd      ? 
_pdbx_refine_tls.S[1][2]          0.09597910845 
_pdbx_refine_tls.S[1][2]_esd      ? 
_pdbx_refine_tls.S[1][3]          -0.674746268547 
_pdbx_refine_tls.S[1][3]_esd      ? 
_pdbx_refine_tls.S[2][1]          -0.028426673740 
_pdbx_refine_tls.S[2][1]_esd      ? 
_pdbx_refine_tls.S[2][2]          -0.269576114841 
_pdbx_refine_tls.S[2][2]_esd      ? 
_pdbx_refine_tls.S[2][3]          0.806584259646 
_pdbx_refine_tls.S[2][3]_esd      ? 
_pdbx_refine_tls.S[3][1]          0.521180449847 
_pdbx_refine_tls.S[3][1]_esd      ? 
_pdbx_refine_tls.S[3][2]          -0.961480261907 
_pdbx_refine_tls.S[3][2]_esd      ? 
_pdbx_refine_tls.S[3][3]          0.04503273597 
_pdbx_refine_tls.S[3][3]_esd      ? 
# 
_pdbx_refine_tls_group.id                  1 
_pdbx_refine_tls_group.pdbx_refine_id      'X-RAY DIFFRACTION' 
_pdbx_refine_tls_group.refine_tls_id       1 
_pdbx_refine_tls_group.beg_label_asym_id   ? 
_pdbx_refine_tls_group.beg_label_seq_id    ? 
_pdbx_refine_tls_group.beg_auth_asym_id    ? 
_pdbx_refine_tls_group.beg_auth_seq_id     ? 
_pdbx_refine_tls_group.end_label_asym_id   ? 
_pdbx_refine_tls_group.end_label_seq_id    ? 
_pdbx_refine_tls_group.end_auth_asym_id    ? 
_pdbx_refine_tls_group.end_auth_seq_id     ? 
_pdbx_refine_tls_group.selection           ? 
_pdbx_refine_tls_group.selection_details   
;(chain 'A' and resid 1 through 67)
;
# 
_pdbx_entry_details.entry_id                 6SZZ 
_pdbx_entry_details.has_ligand_of_interest   Y 
_pdbx_entry_details.compound_details         ? 
_pdbx_entry_details.source_details           ? 
_pdbx_entry_details.nonpolymer_details       ? 
_pdbx_entry_details.sequence_details         ? 
# 
loop_
_chem_comp_atom.comp_id 
_chem_comp_atom.atom_id 
_chem_comp_atom.type_symbol 
_chem_comp_atom.pdbx_aromatic_flag 
_chem_comp_atom.pdbx_stereo_config 
_chem_comp_atom.pdbx_ordinal 
4FW N    N N N 1   
4FW CA   C N S 2   
4FW CB   C N N 3   
4FW CG   C Y N 4   
4FW CD2  C Y N 5   
4FW CE2  C Y N 6   
4FW CE3  C Y N 7   
4FW CD1  C Y N 8   
4FW NE1  N Y N 9   
4FW CZ2  C Y N 10  
4FW CZ3  C Y N 11  
4FW F    F N N 12  
4FW CH2  C Y N 13  
4FW C    C N N 14  
4FW O    O N N 15  
4FW OXT  O N N 16  
4FW H    H N N 17  
4FW H2   H N N 18  
4FW HA   H N N 19  
4FW HB2  H N N 20  
4FW HB3  H N N 21  
4FW HD1  H N N 22  
4FW HE1  H N N 23  
4FW HZ2  H N N 24  
4FW HZ3  H N N 25  
4FW HH2  H N N 26  
4FW HXT  H N N 27  
ALA N    N N N 28  
ALA CA   C N S 29  
ALA C    C N N 30  
ALA O    O N N 31  
ALA CB   C N N 32  
ALA OXT  O N N 33  
ALA H    H N N 34  
ALA H2   H N N 35  
ALA HA   H N N 36  
ALA HB1  H N N 37  
ALA HB2  H N N 38  
ALA HB3  H N N 39  
ALA HXT  H N N 40  
ARG N    N N N 41  
ARG CA   C N S 42  
ARG C    C N N 43  
ARG O    O N N 44  
ARG CB   C N N 45  
ARG CG   C N N 46  
ARG CD   C N N 47  
ARG NE   N N N 48  
ARG CZ   C N N 49  
ARG NH1  N N N 50  
ARG NH2  N N N 51  
ARG OXT  O N N 52  
ARG H    H N N 53  
ARG H2   H N N 54  
ARG HA   H N N 55  
ARG HB2  H N N 56  
ARG HB3  H N N 57  
ARG HG2  H N N 58  
ARG HG3  H N N 59  
ARG HD2  H N N 60  
ARG HD3  H N N 61  
ARG HE   H N N 62  
ARG HH11 H N N 63  
ARG HH12 H N N 64  
ARG HH21 H N N 65  
ARG HH22 H N N 66  
ARG HXT  H N N 67  
ASN N    N N N 68  
ASN CA   C N S 69  
ASN C    C N N 70  
ASN O    O N N 71  
ASN CB   C N N 72  
ASN CG   C N N 73  
ASN OD1  O N N 74  
ASN ND2  N N N 75  
ASN OXT  O N N 76  
ASN H    H N N 77  
ASN H2   H N N 78  
ASN HA   H N N 79  
ASN HB2  H N N 80  
ASN HB3  H N N 81  
ASN HD21 H N N 82  
ASN HD22 H N N 83  
ASN HXT  H N N 84  
ASP N    N N N 85  
ASP CA   C N S 86  
ASP C    C N N 87  
ASP O    O N N 88  
ASP CB   C N N 89  
ASP CG   C N N 90  
ASP OD1  O N N 91  
ASP OD2  O N N 92  
ASP OXT  O N N 93  
ASP H    H N N 94  
ASP H2   H N N 95  
ASP HA   H N N 96  
ASP HB2  H N N 97  
ASP HB3  H N N 98  
ASP HD2  H N N 99  
ASP HXT  H N N 100 
GLN N    N N N 101 
GLN CA   C N S 102 
GLN C    C N N 103 
GLN O    O N N 104 
GLN CB   C N N 105 
GLN CG   C N N 106 
GLN CD   C N N 107 
GLN OE1  O N N 108 
GLN NE2  N N N 109 
GLN OXT  O N N 110 
GLN H    H N N 111 
GLN H2   H N N 112 
GLN HA   H N N 113 
GLN HB2  H N N 114 
GLN HB3  H N N 115 
GLN HG2  H N N 116 
GLN HG3  H N N 117 
GLN HE21 H N N 118 
GLN HE22 H N N 119 
GLN HXT  H N N 120 
GLU N    N N N 121 
GLU CA   C N S 122 
GLU C    C N N 123 
GLU O    O N N 124 
GLU CB   C N N 125 
GLU CG   C N N 126 
GLU CD   C N N 127 
GLU OE1  O N N 128 
GLU OE2  O N N 129 
GLU OXT  O N N 130 
GLU H    H N N 131 
GLU H2   H N N 132 
GLU HA   H N N 133 
GLU HB2  H N N 134 
GLU HB3  H N N 135 
GLU HG2  H N N 136 
GLU HG3  H N N 137 
GLU HE2  H N N 138 
GLU HXT  H N N 139 
GLY N    N N N 140 
GLY CA   C N N 141 
GLY C    C N N 142 
GLY O    O N N 143 
GLY OXT  O N N 144 
GLY H    H N N 145 
GLY H2   H N N 146 
GLY HA2  H N N 147 
GLY HA3  H N N 148 
GLY HXT  H N N 149 
GOL C1   C N N 150 
GOL O1   O N N 151 
GOL C2   C N N 152 
GOL O2   O N N 153 
GOL C3   C N N 154 
GOL O3   O N N 155 
GOL H11  H N N 156 
GOL H12  H N N 157 
GOL HO1  H N N 158 
GOL H2   H N N 159 
GOL HO2  H N N 160 
GOL H31  H N N 161 
GOL H32  H N N 162 
GOL HO3  H N N 163 
HIS N    N N N 164 
HIS CA   C N S 165 
HIS C    C N N 166 
HIS O    O N N 167 
HIS CB   C N N 168 
HIS CG   C Y N 169 
HIS ND1  N Y N 170 
HIS CD2  C Y N 171 
HIS CE1  C Y N 172 
HIS NE2  N Y N 173 
HIS OXT  O N N 174 
HIS H    H N N 175 
HIS H2   H N N 176 
HIS HA   H N N 177 
HIS HB2  H N N 178 
HIS HB3  H N N 179 
HIS HD1  H N N 180 
HIS HD2  H N N 181 
HIS HE1  H N N 182 
HIS HE2  H N N 183 
HIS HXT  H N N 184 
HOH O    O N N 185 
HOH H1   H N N 186 
HOH H2   H N N 187 
ILE N    N N N 188 
ILE CA   C N S 189 
ILE C    C N N 190 
ILE O    O N N 191 
ILE CB   C N S 192 
ILE CG1  C N N 193 
ILE CG2  C N N 194 
ILE CD1  C N N 195 
ILE OXT  O N N 196 
ILE H    H N N 197 
ILE H2   H N N 198 
ILE HA   H N N 199 
ILE HB   H N N 200 
ILE HG12 H N N 201 
ILE HG13 H N N 202 
ILE HG21 H N N 203 
ILE HG22 H N N 204 
ILE HG23 H N N 205 
ILE HD11 H N N 206 
ILE HD12 H N N 207 
ILE HD13 H N N 208 
ILE HXT  H N N 209 
LEU N    N N N 210 
LEU CA   C N S 211 
LEU C    C N N 212 
LEU O    O N N 213 
LEU CB   C N N 214 
LEU CG   C N N 215 
LEU CD1  C N N 216 
LEU CD2  C N N 217 
LEU OXT  O N N 218 
LEU H    H N N 219 
LEU H2   H N N 220 
LEU HA   H N N 221 
LEU HB2  H N N 222 
LEU HB3  H N N 223 
LEU HG   H N N 224 
LEU HD11 H N N 225 
LEU HD12 H N N 226 
LEU HD13 H N N 227 
LEU HD21 H N N 228 
LEU HD22 H N N 229 
LEU HD23 H N N 230 
LEU HXT  H N N 231 
LYS N    N N N 232 
LYS CA   C N S 233 
LYS C    C N N 234 
LYS O    O N N 235 
LYS CB   C N N 236 
LYS CG   C N N 237 
LYS CD   C N N 238 
LYS CE   C N N 239 
LYS NZ   N N N 240 
LYS OXT  O N N 241 
LYS H    H N N 242 
LYS H2   H N N 243 
LYS HA   H N N 244 
LYS HB2  H N N 245 
LYS HB3  H N N 246 
LYS HG2  H N N 247 
LYS HG3  H N N 248 
LYS HD2  H N N 249 
LYS HD3  H N N 250 
LYS HE2  H N N 251 
LYS HE3  H N N 252 
LYS HZ1  H N N 253 
LYS HZ2  H N N 254 
LYS HZ3  H N N 255 
LYS HXT  H N N 256 
MET N    N N N 257 
MET CA   C N S 258 
MET C    C N N 259 
MET O    O N N 260 
MET CB   C N N 261 
MET CG   C N N 262 
MET SD   S N N 263 
MET CE   C N N 264 
MET OXT  O N N 265 
MET H    H N N 266 
MET H2   H N N 267 
MET HA   H N N 268 
MET HB2  H N N 269 
MET HB3  H N N 270 
MET HG2  H N N 271 
MET HG3  H N N 272 
MET HE1  H N N 273 
MET HE2  H N N 274 
MET HE3  H N N 275 
MET HXT  H N N 276 
PHE N    N N N 277 
PHE CA   C N S 278 
PHE C    C N N 279 
PHE O    O N N 280 
PHE CB   C N N 281 
PHE CG   C Y N 282 
PHE CD1  C Y N 283 
PHE CD2  C Y N 284 
PHE CE1  C Y N 285 
PHE CE2  C Y N 286 
PHE CZ   C Y N 287 
PHE OXT  O N N 288 
PHE H    H N N 289 
PHE H2   H N N 290 
PHE HA   H N N 291 
PHE HB2  H N N 292 
PHE HB3  H N N 293 
PHE HD1  H N N 294 
PHE HD2  H N N 295 
PHE HE1  H N N 296 
PHE HE2  H N N 297 
PHE HZ   H N N 298 
PHE HXT  H N N 299 
PRO N    N N N 300 
PRO CA   C N S 301 
PRO C    C N N 302 
PRO O    O N N 303 
PRO CB   C N N 304 
PRO CG   C N N 305 
PRO CD   C N N 306 
PRO OXT  O N N 307 
PRO H    H N N 308 
PRO HA   H N N 309 
PRO HB2  H N N 310 
PRO HB3  H N N 311 
PRO HG2  H N N 312 
PRO HG3  H N N 313 
PRO HD2  H N N 314 
PRO HD3  H N N 315 
PRO HXT  H N N 316 
SER N    N N N 317 
SER CA   C N S 318 
SER C    C N N 319 
SER O    O N N 320 
SER CB   C N N 321 
SER OG   O N N 322 
SER OXT  O N N 323 
SER H    H N N 324 
SER H2   H N N 325 
SER HA   H N N 326 
SER HB2  H N N 327 
SER HB3  H N N 328 
SER HG   H N N 329 
SER HXT  H N N 330 
THR N    N N N 331 
THR CA   C N S 332 
THR C    C N N 333 
THR O    O N N 334 
THR CB   C N R 335 
THR OG1  O N N 336 
THR CG2  C N N 337 
THR OXT  O N N 338 
THR H    H N N 339 
THR H2   H N N 340 
THR HA   H N N 341 
THR HB   H N N 342 
THR HG1  H N N 343 
THR HG21 H N N 344 
THR HG22 H N N 345 
THR HG23 H N N 346 
THR HXT  H N N 347 
VAL N    N N N 348 
VAL CA   C N S 349 
VAL C    C N N 350 
VAL O    O N N 351 
VAL CB   C N N 352 
VAL CG1  C N N 353 
VAL CG2  C N N 354 
VAL OXT  O N N 355 
VAL H    H N N 356 
VAL H2   H N N 357 
VAL HA   H N N 358 
VAL HB   H N N 359 
VAL HG11 H N N 360 
VAL HG12 H N N 361 
VAL HG13 H N N 362 
VAL HG21 H N N 363 
VAL HG22 H N N 364 
VAL HG23 H N N 365 
VAL HXT  H N N 366 
# 
loop_
_chem_comp_bond.comp_id 
_chem_comp_bond.atom_id_1 
_chem_comp_bond.atom_id_2 
_chem_comp_bond.value_order 
_chem_comp_bond.pdbx_aromatic_flag 
_chem_comp_bond.pdbx_stereo_config 
_chem_comp_bond.pdbx_ordinal 
4FW N   CA   sing N N 1   
4FW N   H    sing N N 2   
4FW N   H2   sing N N 3   
4FW CA  CB   sing N N 4   
4FW CA  C    sing N N 5   
4FW CA  HA   sing N N 6   
4FW CB  CG   sing N N 7   
4FW CB  HB2  sing N N 8   
4FW CB  HB3  sing N N 9   
4FW CG  CD2  sing Y N 10  
4FW CG  CD1  doub Y N 11  
4FW CD2 CE2  doub Y N 12  
4FW CD2 CE3  sing Y N 13  
4FW CE2 NE1  sing Y N 14  
4FW CE2 CZ2  sing Y N 15  
4FW CE3 CZ3  doub Y N 16  
4FW CE3 F    sing N N 17  
4FW CD1 NE1  sing Y N 18  
4FW CD1 HD1  sing N N 19  
4FW NE1 HE1  sing N N 20  
4FW CZ2 CH2  doub Y N 21  
4FW CZ2 HZ2  sing N N 22  
4FW CZ3 CH2  sing Y N 23  
4FW CZ3 HZ3  sing N N 24  
4FW CH2 HH2  sing N N 25  
4FW C   O    doub N N 26  
4FW C   OXT  sing N N 27  
4FW OXT HXT  sing N N 28  
ALA N   CA   sing N N 29  
ALA N   H    sing N N 30  
ALA N   H2   sing N N 31  
ALA CA  C    sing N N 32  
ALA CA  CB   sing N N 33  
ALA CA  HA   sing N N 34  
ALA C   O    doub N N 35  
ALA C   OXT  sing N N 36  
ALA CB  HB1  sing N N 37  
ALA CB  HB2  sing N N 38  
ALA CB  HB3  sing N N 39  
ALA OXT HXT  sing N N 40  
ARG N   CA   sing N N 41  
ARG N   H    sing N N 42  
ARG N   H2   sing N N 43  
ARG CA  C    sing N N 44  
ARG CA  CB   sing N N 45  
ARG CA  HA   sing N N 46  
ARG C   O    doub N N 47  
ARG C   OXT  sing N N 48  
ARG CB  CG   sing N N 49  
ARG CB  HB2  sing N N 50  
ARG CB  HB3  sing N N 51  
ARG CG  CD   sing N N 52  
ARG CG  HG2  sing N N 53  
ARG CG  HG3  sing N N 54  
ARG CD  NE   sing N N 55  
ARG CD  HD2  sing N N 56  
ARG CD  HD3  sing N N 57  
ARG NE  CZ   sing N N 58  
ARG NE  HE   sing N N 59  
ARG CZ  NH1  sing N N 60  
ARG CZ  NH2  doub N N 61  
ARG NH1 HH11 sing N N 62  
ARG NH1 HH12 sing N N 63  
ARG NH2 HH21 sing N N 64  
ARG NH2 HH22 sing N N 65  
ARG OXT HXT  sing N N 66  
ASN N   CA   sing N N 67  
ASN N   H    sing N N 68  
ASN N   H2   sing N N 69  
ASN CA  C    sing N N 70  
ASN CA  CB   sing N N 71  
ASN CA  HA   sing N N 72  
ASN C   O    doub N N 73  
ASN C   OXT  sing N N 74  
ASN CB  CG   sing N N 75  
ASN CB  HB2  sing N N 76  
ASN CB  HB3  sing N N 77  
ASN CG  OD1  doub N N 78  
ASN CG  ND2  sing N N 79  
ASN ND2 HD21 sing N N 80  
ASN ND2 HD22 sing N N 81  
ASN OXT HXT  sing N N 82  
ASP N   CA   sing N N 83  
ASP N   H    sing N N 84  
ASP N   H2   sing N N 85  
ASP CA  C    sing N N 86  
ASP CA  CB   sing N N 87  
ASP CA  HA   sing N N 88  
ASP C   O    doub N N 89  
ASP C   OXT  sing N N 90  
ASP CB  CG   sing N N 91  
ASP CB  HB2  sing N N 92  
ASP CB  HB3  sing N N 93  
ASP CG  OD1  doub N N 94  
ASP CG  OD2  sing N N 95  
ASP OD2 HD2  sing N N 96  
ASP OXT HXT  sing N N 97  
GLN N   CA   sing N N 98  
GLN N   H    sing N N 99  
GLN N   H2   sing N N 100 
GLN CA  C    sing N N 101 
GLN CA  CB   sing N N 102 
GLN CA  HA   sing N N 103 
GLN C   O    doub N N 104 
GLN C   OXT  sing N N 105 
GLN CB  CG   sing N N 106 
GLN CB  HB2  sing N N 107 
GLN CB  HB3  sing N N 108 
GLN CG  CD   sing N N 109 
GLN CG  HG2  sing N N 110 
GLN CG  HG3  sing N N 111 
GLN CD  OE1  doub N N 112 
GLN CD  NE2  sing N N 113 
GLN NE2 HE21 sing N N 114 
GLN NE2 HE22 sing N N 115 
GLN OXT HXT  sing N N 116 
GLU N   CA   sing N N 117 
GLU N   H    sing N N 118 
GLU N   H2   sing N N 119 
GLU CA  C    sing N N 120 
GLU CA  CB   sing N N 121 
GLU CA  HA   sing N N 122 
GLU C   O    doub N N 123 
GLU C   OXT  sing N N 124 
GLU CB  CG   sing N N 125 
GLU CB  HB2  sing N N 126 
GLU CB  HB3  sing N N 127 
GLU CG  CD   sing N N 128 
GLU CG  HG2  sing N N 129 
GLU CG  HG3  sing N N 130 
GLU CD  OE1  doub N N 131 
GLU CD  OE2  sing N N 132 
GLU OE2 HE2  sing N N 133 
GLU OXT HXT  sing N N 134 
GLY N   CA   sing N N 135 
GLY N   H    sing N N 136 
GLY N   H2   sing N N 137 
GLY CA  C    sing N N 138 
GLY CA  HA2  sing N N 139 
GLY CA  HA3  sing N N 140 
GLY C   O    doub N N 141 
GLY C   OXT  sing N N 142 
GLY OXT HXT  sing N N 143 
GOL C1  O1   sing N N 144 
GOL C1  C2   sing N N 145 
GOL C1  H11  sing N N 146 
GOL C1  H12  sing N N 147 
GOL O1  HO1  sing N N 148 
GOL C2  O2   sing N N 149 
GOL C2  C3   sing N N 150 
GOL C2  H2   sing N N 151 
GOL O2  HO2  sing N N 152 
GOL C3  O3   sing N N 153 
GOL C3  H31  sing N N 154 
GOL C3  H32  sing N N 155 
GOL O3  HO3  sing N N 156 
HIS N   CA   sing N N 157 
HIS N   H    sing N N 158 
HIS N   H2   sing N N 159 
HIS CA  C    sing N N 160 
HIS CA  CB   sing N N 161 
HIS CA  HA   sing N N 162 
HIS C   O    doub N N 163 
HIS C   OXT  sing N N 164 
HIS CB  CG   sing N N 165 
HIS CB  HB2  sing N N 166 
HIS CB  HB3  sing N N 167 
HIS CG  ND1  sing Y N 168 
HIS CG  CD2  doub Y N 169 
HIS ND1 CE1  doub Y N 170 
HIS ND1 HD1  sing N N 171 
HIS CD2 NE2  sing Y N 172 
HIS CD2 HD2  sing N N 173 
HIS CE1 NE2  sing Y N 174 
HIS CE1 HE1  sing N N 175 
HIS NE2 HE2  sing N N 176 
HIS OXT HXT  sing N N 177 
HOH O   H1   sing N N 178 
HOH O   H2   sing N N 179 
ILE N   CA   sing N N 180 
ILE N   H    sing N N 181 
ILE N   H2   sing N N 182 
ILE CA  C    sing N N 183 
ILE CA  CB   sing N N 184 
ILE CA  HA   sing N N 185 
ILE C   O    doub N N 186 
ILE C   OXT  sing N N 187 
ILE CB  CG1  sing N N 188 
ILE CB  CG2  sing N N 189 
ILE CB  HB   sing N N 190 
ILE CG1 CD1  sing N N 191 
ILE CG1 HG12 sing N N 192 
ILE CG1 HG13 sing N N 193 
ILE CG2 HG21 sing N N 194 
ILE CG2 HG22 sing N N 195 
ILE CG2 HG23 sing N N 196 
ILE CD1 HD11 sing N N 197 
ILE CD1 HD12 sing N N 198 
ILE CD1 HD13 sing N N 199 
ILE OXT HXT  sing N N 200 
LEU N   CA   sing N N 201 
LEU N   H    sing N N 202 
LEU N   H2   sing N N 203 
LEU CA  C    sing N N 204 
LEU CA  CB   sing N N 205 
LEU CA  HA   sing N N 206 
LEU C   O    doub N N 207 
LEU C   OXT  sing N N 208 
LEU CB  CG   sing N N 209 
LEU CB  HB2  sing N N 210 
LEU CB  HB3  sing N N 211 
LEU CG  CD1  sing N N 212 
LEU CG  CD2  sing N N 213 
LEU CG  HG   sing N N 214 
LEU CD1 HD11 sing N N 215 
LEU CD1 HD12 sing N N 216 
LEU CD1 HD13 sing N N 217 
LEU CD2 HD21 sing N N 218 
LEU CD2 HD22 sing N N 219 
LEU CD2 HD23 sing N N 220 
LEU OXT HXT  sing N N 221 
LYS N   CA   sing N N 222 
LYS N   H    sing N N 223 
LYS N   H2   sing N N 224 
LYS CA  C    sing N N 225 
LYS CA  CB   sing N N 226 
LYS CA  HA   sing N N 227 
LYS C   O    doub N N 228 
LYS C   OXT  sing N N 229 
LYS CB  CG   sing N N 230 
LYS CB  HB2  sing N N 231 
LYS CB  HB3  sing N N 232 
LYS CG  CD   sing N N 233 
LYS CG  HG2  sing N N 234 
LYS CG  HG3  sing N N 235 
LYS CD  CE   sing N N 236 
LYS CD  HD2  sing N N 237 
LYS CD  HD3  sing N N 238 
LYS CE  NZ   sing N N 239 
LYS CE  HE2  sing N N 240 
LYS CE  HE3  sing N N 241 
LYS NZ  HZ1  sing N N 242 
LYS NZ  HZ2  sing N N 243 
LYS NZ  HZ3  sing N N 244 
LYS OXT HXT  sing N N 245 
MET N   CA   sing N N 246 
MET N   H    sing N N 247 
MET N   H2   sing N N 248 
MET CA  C    sing N N 249 
MET CA  CB   sing N N 250 
MET CA  HA   sing N N 251 
MET C   O    doub N N 252 
MET C   OXT  sing N N 253 
MET CB  CG   sing N N 254 
MET CB  HB2  sing N N 255 
MET CB  HB3  sing N N 256 
MET CG  SD   sing N N 257 
MET CG  HG2  sing N N 258 
MET CG  HG3  sing N N 259 
MET SD  CE   sing N N 260 
MET CE  HE1  sing N N 261 
MET CE  HE2  sing N N 262 
MET CE  HE3  sing N N 263 
MET OXT HXT  sing N N 264 
PHE N   CA   sing N N 265 
PHE N   H    sing N N 266 
PHE N   H2   sing N N 267 
PHE CA  C    sing N N 268 
PHE CA  CB   sing N N 269 
PHE CA  HA   sing N N 270 
PHE C   O    doub N N 271 
PHE C   OXT  sing N N 272 
PHE CB  CG   sing N N 273 
PHE CB  HB2  sing N N 274 
PHE CB  HB3  sing N N 275 
PHE CG  CD1  doub Y N 276 
PHE CG  CD2  sing Y N 277 
PHE CD1 CE1  sing Y N 278 
PHE CD1 HD1  sing N N 279 
PHE CD2 CE2  doub Y N 280 
PHE CD2 HD2  sing N N 281 
PHE CE1 CZ   doub Y N 282 
PHE CE1 HE1  sing N N 283 
PHE CE2 CZ   sing Y N 284 
PHE CE2 HE2  sing N N 285 
PHE CZ  HZ   sing N N 286 
PHE OXT HXT  sing N N 287 
PRO N   CA   sing N N 288 
PRO N   CD   sing N N 289 
PRO N   H    sing N N 290 
PRO CA  C    sing N N 291 
PRO CA  CB   sing N N 292 
PRO CA  HA   sing N N 293 
PRO C   O    doub N N 294 
PRO C   OXT  sing N N 295 
PRO CB  CG   sing N N 296 
PRO CB  HB2  sing N N 297 
PRO CB  HB3  sing N N 298 
PRO CG  CD   sing N N 299 
PRO CG  HG2  sing N N 300 
PRO CG  HG3  sing N N 301 
PRO CD  HD2  sing N N 302 
PRO CD  HD3  sing N N 303 
PRO OXT HXT  sing N N 304 
SER N   CA   sing N N 305 
SER N   H    sing N N 306 
SER N   H2   sing N N 307 
SER CA  C    sing N N 308 
SER CA  CB   sing N N 309 
SER CA  HA   sing N N 310 
SER C   O    doub N N 311 
SER C   OXT  sing N N 312 
SER CB  OG   sing N N 313 
SER CB  HB2  sing N N 314 
SER CB  HB3  sing N N 315 
SER OG  HG   sing N N 316 
SER OXT HXT  sing N N 317 
THR N   CA   sing N N 318 
THR N   H    sing N N 319 
THR N   H2   sing N N 320 
THR CA  C    sing N N 321 
THR CA  CB   sing N N 322 
THR CA  HA   sing N N 323 
THR C   O    doub N N 324 
THR C   OXT  sing N N 325 
THR CB  OG1  sing N N 326 
THR CB  CG2  sing N N 327 
THR CB  HB   sing N N 328 
THR OG1 HG1  sing N N 329 
THR CG2 HG21 sing N N 330 
THR CG2 HG22 sing N N 331 
THR CG2 HG23 sing N N 332 
THR OXT HXT  sing N N 333 
VAL N   CA   sing N N 334 
VAL N   H    sing N N 335 
VAL N   H2   sing N N 336 
VAL CA  C    sing N N 337 
VAL CA  CB   sing N N 338 
VAL CA  HA   sing N N 339 
VAL C   O    doub N N 340 
VAL C   OXT  sing N N 341 
VAL CB  CG1  sing N N 342 
VAL CB  CG2  sing N N 343 
VAL CB  HB   sing N N 344 
VAL CG1 HG11 sing N N 345 
VAL CG1 HG12 sing N N 346 
VAL CG1 HG13 sing N N 347 
VAL CG2 HG21 sing N N 348 
VAL CG2 HG22 sing N N 349 
VAL CG2 HG23 sing N N 350 
VAL OXT HXT  sing N N 351 
# 
_pdbx_entity_instance_feature.ordinal        1 
_pdbx_entity_instance_feature.comp_id        4FW 
_pdbx_entity_instance_feature.asym_id        ? 
_pdbx_entity_instance_feature.seq_num        ? 
_pdbx_entity_instance_feature.auth_comp_id   4FW 
_pdbx_entity_instance_feature.auth_asym_id   ? 
_pdbx_entity_instance_feature.auth_seq_num   ? 
_pdbx_entity_instance_feature.feature_type   'SUBJECT OF INVESTIGATION' 
_pdbx_entity_instance_feature.details        ? 
# 
_pdbx_initial_refinement_model.id               1 
_pdbx_initial_refinement_model.entity_id_list   ? 
_pdbx_initial_refinement_model.type             'experimental model' 
_pdbx_initial_refinement_model.source_name      PDB 
_pdbx_initial_refinement_model.accession_code   1CSP 
_pdbx_initial_refinement_model.details          ? 
# 
_space_group.name_H-M_alt     'P 43 21 2' 
_space_group.name_Hall        'P 4nw 2abw' 
_space_group.IT_number        96 
_space_group.crystal_system   tetragonal 
_space_group.id               1 
# 
_atom_sites.entry_id                    6SZZ 
_atom_sites.Cartn_transf_matrix[1][1]   ? 
_atom_sites.Cartn_transf_matrix[1][2]   ? 
_atom_sites.Cartn_transf_matrix[1][3]   ? 
_atom_sites.Cartn_transf_matrix[2][1]   ? 
_atom_sites.Cartn_transf_matrix[2][2]   ? 
_atom_sites.Cartn_transf_matrix[2][3]   ? 
_atom_sites.Cartn_transf_matrix[3][1]   ? 
_atom_sites.Cartn_transf_matrix[3][2]   ? 
_atom_sites.Cartn_transf_matrix[3][3]   ? 
_atom_sites.Cartn_transf_vector[1]      ? 
_atom_sites.Cartn_transf_vector[2]      ? 
_atom_sites.Cartn_transf_vector[3]      ? 
_atom_sites.fract_transf_matrix[1][1]   -0.00207768 
_atom_sites.fract_transf_matrix[1][2]   0.01080828 
_atom_sites.fract_transf_matrix[1][3]   0.01404157 
_atom_sites.fract_transf_matrix[2][1]   0.00147489 
_atom_sites.fract_transf_matrix[2][2]   0.01419419 
_atom_sites.fract_transf_matrix[2][3]   -0.01070752 
_atom_sites.fract_transf_matrix[3][1]   -0.01795604 
_atom_sites.fract_transf_matrix[3][2]   -0.00008761 
_atom_sites.fract_transf_matrix[3][3]   -0.00258945 
_atom_sites.fract_transf_vector[1]      0.270027 
_atom_sites.fract_transf_vector[2]      0.146220 
_atom_sites.fract_transf_vector[3]      0.211292 
_atom_sites.solution_primary            ? 
_atom_sites.solution_secondary          ? 
_atom_sites.solution_hydrogens          ? 
_atom_sites.special_details             ? 
# 
loop_
_atom_type.symbol 
_atom_type.scat_dispersion_real 
_atom_type.scat_dispersion_imag 
_atom_type.scat_Cromer_Mann_a1 
_atom_type.scat_Cromer_Mann_a2 
_atom_type.scat_Cromer_Mann_a3 
_atom_type.scat_Cromer_Mann_a4 
_atom_type.scat_Cromer_Mann_b1 
_atom_type.scat_Cromer_Mann_b2 
_atom_type.scat_Cromer_Mann_b3 
_atom_type.scat_Cromer_Mann_b4 
_atom_type.scat_Cromer_Mann_c 
_atom_type.scat_source 
_atom_type.scat_dispersion_source 
C ? ? 3.54356 2.42580 ? ? 25.62398 1.50364  ? ? 0.0 
;2-Gaussian fit: Grosse-Kunstleve RW, Sauter NK, Adams PD: Newsletter of the IUCr Commission on Crystallographic Computing 2004, 3, 22-31.
;
? 
F ? ? 4.90428 4.07044 ? ? 12.99538 1.63651  ? ? 0.0 
;2-Gaussian fit: Grosse-Kunstleve RW, Sauter NK, Adams PD: Newsletter of the IUCr Commission on Crystallographic Computing 2004, 3, 22-31.
;
? 
N ? ? 4.01032 2.96436 ? ? 19.97189 1.75589  ? ? 0.0 
;2-Gaussian fit: Grosse-Kunstleve RW, Sauter NK, Adams PD: Newsletter of the IUCr Commission on Crystallographic Computing 2004, 3, 22-31.
;
? 
O ? ? 4.49882 3.47563 ? ? 15.80542 1.70748  ? ? 0.0 
;2-Gaussian fit: Grosse-Kunstleve RW, Sauter NK, Adams PD: Newsletter of the IUCr Commission on Crystallographic Computing 2004, 3, 22-31.
;
? 
S ? ? 9.55732 6.39887 ? ? 1.23737  29.19336 ? ? 0.0 
;2-Gaussian fit: Grosse-Kunstleve RW, Sauter NK, Adams PD: Newsletter of the IUCr Commission on Crystallographic Computing 2004, 3, 22-31.
;
? 
# 
loop_
_atom_site.group_PDB 
_atom_site.id 
_atom_site.type_symbol 
_atom_site.label_atom_id 
_atom_site.label_alt_id 
_atom_site.label_comp_id 
_atom_site.label_asym_id 
_atom_site.label_entity_id 
_atom_site.label_seq_id 
_atom_site.pdbx_PDB_ins_code 
_atom_site.Cartn_x 
_atom_site.Cartn_y 
_atom_site.Cartn_z 
_atom_site.occupancy 
_atom_site.B_iso_or_equiv 
_atom_site.pdbx_formal_charge 
_atom_site.auth_seq_id 
_atom_site.auth_comp_id 
_atom_site.auth_asym_id 
_atom_site.auth_atom_id 
_atom_site.pdbx_PDB_model_num 
ATOM   1   N N   . MET A 1 1  ? 6.15267   1.68043   -12.13982 1.000 64.30006  ? 1   MET A N   1 
ATOM   2   C CA  . MET A 1 1  ? 5.28467   1.47046   -10.97271 1.000 62.90301  ? 1   MET A CA  1 
ATOM   3   C C   . MET A 1 1  ? 4.55965   0.13153   -11.04645 1.000 64.86792  ? 1   MET A C   1 
ATOM   4   O O   . MET A 1 1  ? 4.34177   -0.40477  -12.12887 1.000 79.89074  ? 1   MET A O   1 
ATOM   5   C CB  . MET A 1 1  ? 4.24422   2.58323   -10.85473 1.000 55.50097  ? 1   MET A CB  1 
ATOM   6   C CG  . MET A 1 1  ? 4.80655   3.97165   -10.82936 1.000 67.11331  ? 1   MET A CG  1 
ATOM   7   S SD  . MET A 1 1  ? 5.69343   4.32113   -9.31619  1.000 67.37682  ? 1   MET A SD  1 
ATOM   8   C CE  . MET A 1 1  ? 4.36930   4.27768   -8.11953  1.000 53.59883  ? 1   MET A CE  1 
ATOM   9   N N   . LEU A 1 2  ? 4.19239   -0.40224  -9.89226  1.000 54.83770  ? 2   LEU A N   1 
ATOM   10  C CA  . LEU A 1 2  ? 3.35090   -1.58338  -9.81202  1.000 60.24442  ? 2   LEU A CA  1 
ATOM   11  C C   . LEU A 1 2  ? 1.91846   -1.16187  -9.52965  1.000 65.65625  ? 2   LEU A C   1 
ATOM   12  O O   . LEU A 1 2  ? 1.65816   -0.07720  -9.00695  1.000 64.59157  ? 2   LEU A O   1 
ATOM   13  C CB  . LEU A 1 2  ? 3.85098   -2.52774  -8.71836  1.000 56.34646  ? 2   LEU A CB  1 
ATOM   14  C CG  . LEU A 1 2  ? 5.35774   -2.77847  -8.80492  1.000 54.43232  ? 2   LEU A CG  1 
ATOM   15  C CD1 . LEU A 1 2  ? 5.86750   -3.52510  -7.59956  1.000 52.06259  ? 2   LEU A CD1 1 
ATOM   16  C CD2 . LEU A 1 2  ? 5.69263   -3.52491  -10.06437 1.000 54.17224  ? 2   LEU A CD2 1 
ATOM   17  N N   . GLU A 1 3  ? 0.98264   -2.02900  -9.88753  1.000 63.98547  ? 3   GLU A N   1 
ATOM   18  C CA  . GLU A 1 3  ? -0.42559  -1.79665  -9.60091  1.000 70.08053  ? 3   GLU A CA  1 
ATOM   19  C C   . GLU A 1 3  ? -0.97581  -2.90648  -8.72136  1.000 60.95930  ? 3   GLU A C   1 
ATOM   20  O O   . GLU A 1 3  ? -0.63773  -4.07726  -8.89953  1.000 69.90837  ? 3   GLU A O   1 
ATOM   21  C CB  . GLU A 1 3  ? -1.23221  -1.69689  -10.88194 1.000 70.52378  ? 3   GLU A CB  1 
ATOM   22  C CG  . GLU A 1 3  ? -1.06571  -0.36614  -11.57239 1.000 92.25355  ? 3   GLU A CG  1 
ATOM   23  C CD  . GLU A 1 3  ? -1.75465  -0.32678  -12.92018 1.000 115.87037 ? 3   GLU A CD  1 
ATOM   24  O OE1 . GLU A 1 3  ? -2.24228  -1.39114  -13.37503 1.000 118.97111 ? 3   GLU A OE1 1 
ATOM   25  O OE2 . GLU A 1 3  ? -1.80616  0.77082   -13.51995 1.000 124.08534 ? 3   GLU A OE2 1 
ATOM   26  N N   . GLY A 1 4  ? -1.82451  -2.53489  -7.76437  1.000 72.41531  ? 4   GLY A N   1 
ATOM   27  C CA  . GLY A 1 4  ? -2.35836  -3.50233  -6.83450  1.000 73.13683  ? 4   GLY A CA  1 
ATOM   28  C C   . GLY A 1 4  ? -3.71369  -3.09604  -6.29653  1.000 67.29519  ? 4   GLY A C   1 
ATOM   29  O O   . GLY A 1 4  ? -4.27882  -2.06531  -6.66318  1.000 64.24963  ? 4   GLY A O   1 
ATOM   30  N N   . LYS A 1 5  ? -4.22667  -3.93577  -5.40949  1.000 73.60182  ? 5   LYS A N   1 
ATOM   31  C CA  . LYS A 1 5  ? -5.49842  -3.72018  -4.74234  1.000 71.42982  ? 5   LYS A CA  1 
ATOM   32  C C   . LYS A 1 5  ? -5.25356  -3.82901  -3.24112  1.000 74.80679  ? 5   LYS A C   1 
ATOM   33  O O   . LYS A 1 5  ? -4.56405  -4.75595  -2.79955  1.000 81.29092  ? 5   LYS A O   1 
ATOM   34  C CB  . LYS A 1 5  ? -6.51401  -4.75574  -5.21733  1.000 67.47813  ? 5   LYS A CB  1 
ATOM   35  C CG  . LYS A 1 5  ? -7.92195  -4.24560  -5.43969  1.000 79.49734  ? 5   LYS A CG  1 
ATOM   36  C CD  . LYS A 1 5  ? -8.73458  -5.20487  -6.32017  1.000 89.12951  ? 5   LYS A CD  1 
ATOM   37  C CE  . LYS A 1 5  ? -9.04625  -6.53729  -5.61686  1.000 88.86178  ? 5   LYS A CE  1 
ATOM   38  N NZ  . LYS A 1 5  ? -9.96243  -7.40936  -6.41420  1.000 89.80492  ? 5   LYS A NZ  1 
ATOM   39  N N   . VAL A 1 6  ? -5.77540  -2.87444  -2.46449  1.000 63.47428  ? 6   VAL A N   1 
ATOM   40  C CA  . VAL A 1 6  ? -5.65362  -2.94744  -1.00470  1.000 60.23782  ? 6   VAL A CA  1 
ATOM   41  C C   . VAL A 1 6  ? -6.38270  -4.18863  -0.50435  1.000 63.63476  ? 6   VAL A C   1 
ATOM   42  O O   . VAL A 1 6  ? -7.60248  -4.31467  -0.66092  1.000 66.55738  ? 6   VAL A O   1 
ATOM   43  C CB  . VAL A 1 6  ? -6.21035  -1.68687  -0.33501  1.000 63.74381  ? 6   VAL A CB  1 
ATOM   44  C CG1 . VAL A 1 6  ? -6.21374  -1.85995  1.17021   1.000 61.98928  ? 6   VAL A CG1 1 
ATOM   45  C CG2 . VAL A 1 6  ? -5.39459  -0.45082  -0.71396  1.000 54.25746  ? 6   VAL A CG2 1 
ATOM   46  N N   . LYS A 1 7  ? -5.63414  -5.11210  0.08918   1.000 62.29412  ? 7   LYS A N   1 
ATOM   47  C CA  . LYS A 1 7  ? -6.20600  -6.38626  0.50608   1.000 75.92225  ? 7   LYS A CA  1 
ATOM   48  C C   . LYS A 1 7  ? -7.00828  -6.17003  1.77562   1.000 73.88523  ? 7   LYS A C   1 
ATOM   49  O O   . LYS A 1 7  ? -8.15225  -6.60588  1.89707   1.000 84.59469  ? 7   LYS A O   1 
ATOM   50  C CB  . LYS A 1 7  ? -5.10954  -7.42319  0.72525   1.000 74.37582  ? 7   LYS A CB  1 
ATOM   51  C CG  . LYS A 1 7  ? -5.63037  -8.82095  0.95476   1.000 79.17273  ? 7   LYS A CG  1 
ATOM   52  C CD  . LYS A 1 7  ? -4.48817  -9.79389  1.15991   1.000 76.66940  ? 7   LYS A CD  1 
ATOM   53  C CE  . LYS A 1 7  ? -5.00315  -11.21170 1.35859   1.000 87.66733  ? 7   LYS A CE  1 
ATOM   54  N NZ  . LYS A 1 7  ? -3.92720  -12.04797 1.94366   1.000 91.75933  ? 7   LYS A NZ  1 
HETATM 55  N N   . 4FW A 1 8  ? -6.37700  -5.48377  2.71823   1.000 74.83513  ? 8   4FW A N   1 
HETATM 56  C CA  . 4FW A 1 8  ? -7.03479  -4.99159  3.89545   1.000 75.59529  ? 8   4FW A CA  1 
HETATM 57  C CB  . 4FW A 1 8  ? -7.27444  -6.08064  4.97611   1.000 83.21168  ? 8   4FW A CB  1 
HETATM 58  C CG  . 4FW A 1 8  ? -6.08139  -6.82801  5.41312   1.000 91.67004  ? 8   4FW A CG  1 
HETATM 59  C CD2 . 4FW A 1 8  ? -5.19388  -6.51789  6.52357   1.000 88.81815  ? 8   4FW A CD2 1 
HETATM 60  C CE2 . 4FW A 1 8  ? -4.18333  -7.55383  6.54440   1.000 90.31970  ? 8   4FW A CE2 1 
HETATM 61  C CE3 . 4FW A 1 8  ? -5.11865  -5.50186  7.50245   1.000 90.84245  ? 8   4FW A CE3 1 
HETATM 62  C CD1 . 4FW A 1 8  ? -5.59161  -8.00599  4.83126   1.000 92.67329  ? 8   4FW A CD1 1 
HETATM 63  N NE1 . 4FW A 1 8  ? -4.44824  -8.44974  5.50255   1.000 86.10083  ? 8   4FW A NE1 1 
HETATM 64  C CZ2 . 4FW A 1 8  ? -3.15840  -7.55321  7.50587   1.000 89.69784  ? 8   4FW A CZ2 1 
HETATM 65  C CZ3 . 4FW A 1 8  ? -4.08707  -5.51197  8.44764   1.000 78.82511  ? 8   4FW A CZ3 1 
HETATM 66  F F   . 4FW A 1 8  ? -6.03578  -4.51236  7.54971   1.000 98.89893  ? 8   4FW A F   1 
HETATM 67  C CH2 . 4FW A 1 8  ? -3.12368  -6.52773  8.43509   1.000 79.53429  ? 8   4FW A CH2 1 
HETATM 68  C C   . 4FW A 1 8  ? -6.15352  -3.86183  4.41558   1.000 71.28638  ? 8   4FW A C   1 
HETATM 69  O O   . 4FW A 1 8  ? -4.97070  -3.70513  4.05568   1.000 64.13397  ? 8   4FW A O   1 
ATOM   70  N N   . PHE A 1 9  ? -6.75631  -3.02458  5.25698   1.000 59.08701  ? 9   PHE A N   1 
ATOM   71  C CA  . PHE A 1 9  ? -6.04082  -1.93770  5.93339   1.000 64.51381  ? 9   PHE A CA  1 
ATOM   72  C C   . PHE A 1 9  ? -6.69816  -1.66076  7.28699   1.000 76.39554  ? 9   PHE A C   1 
ATOM   73  O O   . PHE A 1 9  ? -7.92301  -1.70841  7.41810   1.000 90.28987  ? 9   PHE A O   1 
ATOM   74  C CB  . PHE A 1 9  ? -6.02132  -0.67223  5.06795   1.000 54.60792  ? 9   PHE A CB  1 
ATOM   75  C CG  . PHE A 1 9  ? -5.01675  0.36560   5.50552   1.000 61.83892  ? 9   PHE A CG  1 
ATOM   76  C CD1 . PHE A 1 9  ? -3.66848  0.24297   5.16368   1.000 51.33829  ? 9   PHE A CD1 1 
ATOM   77  C CD2 . PHE A 1 9  ? -5.42258  1.48009   6.23077   1.000 60.69759  ? 9   PHE A CD2 1 
ATOM   78  C CE1 . PHE A 1 9  ? -2.74677  1.19588   5.54965   1.000 47.14727  ? 9   PHE A CE1 1 
ATOM   79  C CE2 . PHE A 1 9  ? -4.50187  2.44317   6.61694   1.000 59.48182  ? 9   PHE A CE2 1 
ATOM   80  C CZ  . PHE A 1 9  ? -3.16194  2.29975   6.27534   1.000 60.19451  ? 9   PHE A CZ  1 
ATOM   81  N N   . ASN A 1 10 ? -5.88428  -1.39466  8.30094   1.000 66.93188  ? 10  ASN A N   1 
ATOM   82  C CA  . ASN A 1 10 ? -6.39292  -1.03611  9.61879   1.000 75.76481  ? 10  ASN A CA  1 
ATOM   83  C C   . ASN A 1 10 ? -6.25598  0.47339   9.75468   1.000 66.01442  ? 10  ASN A C   1 
ATOM   84  O O   . ASN A 1 10 ? -5.16054  0.98521   9.98858   1.000 65.82086  ? 10  ASN A O   1 
ATOM   85  C CB  . ASN A 1 10 ? -5.63876  -1.77074  10.71783  1.000 77.68061  ? 10  ASN A CB  1 
ATOM   86  C CG  . ASN A 1 10 ? -6.32416  -1.65382  12.06578  1.000 85.96877  ? 10  ASN A CG  1 
ATOM   87  O OD1 . ASN A 1 10 ? -6.89013  -0.61298  12.40306  1.000 84.06011  ? 10  ASN A OD1 1 
ATOM   88  N ND2 . ASN A 1 10 ? -6.28843  -2.73106  12.83846  1.000 90.15545  ? 10  ASN A ND2 1 
ATOM   89  N N   . SER A 1 11 ? -7.37654  1.18450   9.61366   1.000 73.50070  ? 11  SER A N   1 
ATOM   90  C CA  . SER A 1 11 ? -7.32836  2.64399   9.61575   1.000 78.89645  ? 11  SER A CA  1 
ATOM   91  C C   . SER A 1 11 ? -6.82342  3.17781   10.94740  1.000 77.81967  ? 11  SER A C   1 
ATOM   92  O O   . SER A 1 11 ? -6.01983  4.11568   10.98464  1.000 69.20915  ? 11  SER A O   1 
ATOM   93  C CB  . SER A 1 11 ? -8.71059  3.21623   9.29815   1.000 94.21768  ? 11  SER A CB  1 
ATOM   94  O OG  . SER A 1 11 ? -8.67332  4.63034   9.21205   1.000 98.79671  ? 11  SER A OG  1 
ATOM   95  N N   . GLU A 1 12 ? -7.27912  2.59343   12.05630  1.000 74.23646  ? 12  GLU A N   1 
ATOM   96  C CA  . GLU A 1 12 ? -6.84018  3.07276   13.36159  1.000 78.06648  ? 12  GLU A CA  1 
ATOM   97  C C   . GLU A 1 12 ? -5.33603  2.90179   13.51485  1.000 73.63637  ? 12  GLU A C   1 
ATOM   98  O O   . GLU A 1 12 ? -4.63209  3.83066   13.92282  1.000 79.61088  ? 12  GLU A O   1 
ATOM   99  C CB  . GLU A 1 12 ? -7.59065  2.34100   14.48087  1.000 74.70043  ? 12  GLU A CB  1 
ATOM   100 C CG  . GLU A 1 12 ? -9.09520  2.56797   14.47941  1.000 96.84611  ? 12  GLU A CG  1 
ATOM   101 C CD  . GLU A 1 12 ? -9.52190  3.86163   15.16208  1.000 107.27352 ? 12  GLU A CD  1 
ATOM   102 O OE1 . GLU A 1 12 ? -8.80061  4.88122   15.04819  1.000 113.96950 ? 12  GLU A OE1 1 
ATOM   103 O OE2 . GLU A 1 12 ? -10.58682 3.85155   15.81235  1.000 103.81476 ? 12  GLU A OE2 1 
ATOM   104 N N   . LYS A 1 13 ? -4.82212  1.72868   13.14432  1.000 77.26679  ? 13  LYS A N   1 
ATOM   105 C CA  . LYS A 1 13 ? -3.41172  1.41848   13.33906  1.000 71.99730  ? 13  LYS A CA  1 
ATOM   106 C C   . LYS A 1 13 ? -2.54247  1.91126   12.19085  1.000 68.85859  ? 13  LYS A C   1 
ATOM   107 O O   . LYS A 1 13 ? -1.34281  2.14365   12.38059  1.000 68.69536  ? 13  LYS A O   1 
ATOM   108 C CB  . LYS A 1 13 ? -3.25547  -0.08942  13.54883  1.000 83.29209  ? 13  LYS A CB  1 
ATOM   109 C CG  . LYS A 1 13 ? -4.18090  -0.62026  14.65645  1.000 101.56692 ? 13  LYS A CG  1 
ATOM   110 C CD  . LYS A 1 13 ? -3.94454  -2.09247  15.00439  1.000 118.03764 ? 13  LYS A CD  1 
ATOM   111 C CE  . LYS A 1 13 ? -3.26940  -2.25381  16.35928  1.000 123.37217 ? 13  LYS A CE  1 
ATOM   112 N NZ  . LYS A 1 13 ? -1.93214  -1.60282  16.35708  1.000 124.33878 ? 13  LYS A NZ  1 
ATOM   113 N N   . GLY A 1 14 ? -3.11242  2.09109   11.01040  1.000 71.91160  ? 14  GLY A N   1 
ATOM   114 C CA  . GLY A 1 14 ? -2.36174  2.71164   9.94217   1.000 67.77215  ? 14  GLY A CA  1 
ATOM   115 C C   . GLY A 1 14 ? -1.46344  1.78308   9.15901   1.000 55.88834  ? 14  GLY A C   1 
ATOM   116 O O   . GLY A 1 14 ? -0.38786  2.19798   8.71093   1.000 61.72087  ? 14  GLY A O   1 
ATOM   117 N N   . PHE A 1 15 ? -1.86488  0.53226   8.97451   1.000 50.99119  ? 15  PHE A N   1 
ATOM   118 C CA  . PHE A 1 15 ? -1.08263  -0.35994  8.12894   1.000 48.86240  ? 15  PHE A CA  1 
ATOM   119 C C   . PHE A 1 15 ? -2.00331  -1.42542  7.56718   1.000 56.04842  ? 15  PHE A C   1 
ATOM   120 O O   . PHE A 1 15 ? -3.13359  -1.60375  8.02839   1.000 66.20987  ? 15  PHE A O   1 
ATOM   121 C CB  . PHE A 1 15 ? 0.07737   -0.99820  8.89119   1.000 57.58444  ? 15  PHE A CB  1 
ATOM   122 C CG  . PHE A 1 15 ? -0.35572  -1.96487  9.95796   1.000 65.94974  ? 15  PHE A CG  1 
ATOM   123 C CD1 . PHE A 1 15 ? -0.29844  -3.32851  9.73929   1.000 73.54592  ? 15  PHE A CD1 1 
ATOM   124 C CD2 . PHE A 1 15 ? -0.81567  -1.50885  11.17515  1.000 70.02300  ? 15  PHE A CD2 1 
ATOM   125 C CE1 . PHE A 1 15 ? -0.68459  -4.21635  10.71967  1.000 74.10173  ? 15  PHE A CE1 1 
ATOM   126 C CE2 . PHE A 1 15 ? -1.20300  -2.39321  12.15441  1.000 79.93976  ? 15  PHE A CE2 1 
ATOM   127 C CZ  . PHE A 1 15 ? -1.13426  -3.74688  11.92716  1.000 75.99466  ? 15  PHE A CZ  1 
ATOM   128 N N   . GLY A 1 16 ? -1.49679  -2.14400  6.56945   1.000 55.33340  ? 16  GLY A N   1 
ATOM   129 C CA  . GLY A 1 16 ? -2.27476  -3.19522  5.94891   1.000 62.21618  ? 16  GLY A CA  1 
ATOM   130 C C   . GLY A 1 16 ? -1.48787  -3.87779  4.85444   1.000 57.13974  ? 16  GLY A C   1 
ATOM   131 O O   . GLY A 1 16 ? -0.25594  -3.86198  4.88021   1.000 53.42058  ? 16  GLY A O   1 
ATOM   132 N N   . PHE A 1 17 ? -2.17483  -4.46178  3.87709   1.000 52.90303  ? 17  PHE A N   1 
ATOM   133 C CA  . PHE A 1 17 ? -1.49090  -5.19710  2.82650   1.000 49.73474  ? 17  PHE A CA  1 
ATOM   134 C C   . PHE A 1 17 ? -2.10886  -4.90287  1.47060   1.000 63.52497  ? 17  PHE A C   1 
ATOM   135 O O   . PHE A 1 17 ? -3.33260  -4.77933  1.33374   1.000 61.64422  ? 17  PHE A O   1 
ATOM   136 C CB  . PHE A 1 17 ? -1.51741  -6.70373  3.10198   1.000 56.94102  ? 17  PHE A CB  1 
ATOM   137 C CG  . PHE A 1 17 ? -0.47907  -7.13763  4.08571   1.000 63.94851  ? 17  PHE A CG  1 
ATOM   138 C CD1 . PHE A 1 17 ? -0.76483  -7.18539  5.43427   1.000 65.79430  ? 17  PHE A CD1 1 
ATOM   139 C CD2 . PHE A 1 17 ? 0.79728   -7.45741  3.66481   1.000 68.23555  ? 17  PHE A CD2 1 
ATOM   140 C CE1 . PHE A 1 17 ? 0.19195   -7.57315  6.34886   1.000 67.50103  ? 17  PHE A CE1 1 
ATOM   141 C CE2 . PHE A 1 17 ? 1.76657   -7.83976  4.57148   1.000 57.41883  ? 17  PHE A CE2 1 
ATOM   142 C CZ  . PHE A 1 17 ? 1.46568   -7.89837  5.91310   1.000 69.59709  ? 17  PHE A CZ  1 
ATOM   143 N N   . ILE A 1 18 ? -1.23716  -4.79399  0.47634   1.000 55.36896  ? 18  ILE A N   1 
ATOM   144 C CA  . ILE A 1 18 ? -1.62981  -4.65185  -0.91225  1.000 58.61695  ? 18  ILE A CA  1 
ATOM   145 C C   . ILE A 1 18 ? -1.52037  -6.01327  -1.57161  1.000 73.11868  ? 18  ILE A C   1 
ATOM   146 O O   . ILE A 1 18 ? -0.48608  -6.68640  -1.46324  1.000 74.09887  ? 18  ILE A O   1 
ATOM   147 C CB  . ILE A 1 18 ? -0.75124  -3.61844  -1.63391  1.000 57.21659  ? 18  ILE A CB  1 
ATOM   148 C CG1 . ILE A 1 18 ? -0.83330  -2.29404  -0.89284  1.000 46.90482  ? 18  ILE A CG1 1 
ATOM   149 C CG2 . ILE A 1 18 ? -1.19930  -3.51558  -3.08796  1.000 53.04120  ? 18  ILE A CG2 1 
ATOM   150 C CD1 . ILE A 1 18 ? 0.04690   -1.16697  -1.43080  1.000 48.61148  ? 18  ILE A CD1 1 
ATOM   151 N N   . GLU A 1 19 ? -2.59556  -6.42749  -2.23310  1.000 67.42894  ? 19  GLU A N   1 
ATOM   152 C CA  . GLU A 1 19 ? -2.61647  -7.65911  -2.99111  1.000 71.86148  ? 19  GLU A CA  1 
ATOM   153 C C   . GLU A 1 19 ? -2.15591  -7.35769  -4.40819  1.000 78.54242  ? 19  GLU A C   1 
ATOM   154 O O   . GLU A 1 19 ? -2.54681  -6.34406  -4.99913  1.000 67.84072  ? 19  GLU A O   1 
ATOM   155 C CB  . GLU A 1 19 ? -4.03060  -8.24200  -2.99408  1.000 74.35275  ? 19  GLU A CB  1 
ATOM   156 C CG  . GLU A 1 19 ? -4.16173  -9.70164  -3.35110  1.000 95.26345  ? 19  GLU A CG  1 
ATOM   157 C CD  . GLU A 1 19 ? -5.60945  -10.06429 -3.60522  1.000 106.01526 ? 19  GLU A CD  1 
ATOM   158 O OE1 . GLU A 1 19 ? -6.46381  -9.16044  -3.47107  1.000 107.67613 ? 19  GLU A OE1 1 
ATOM   159 O OE2 . GLU A 1 19 ? -5.89661  -11.23157 -3.94369  1.000 119.90534 ? 19  GLU A OE2 1 
ATOM   160 N N   . VAL A 1 20 ? -1.29474  -8.21781  -4.93805  1.000 78.29461  ? 20  VAL A N   1 
ATOM   161 C CA  . VAL A 1 20 ? -0.93747  -8.17623  -6.34940  1.000 84.67292  ? 20  VAL A CA  1 
ATOM   162 C C   . VAL A 1 20 ? -0.98432  -9.59423  -6.89091  1.000 88.87193  ? 20  VAL A C   1 
ATOM   163 O O   . VAL A 1 20 ? -0.32598  -10.48833 -6.34732  1.000 97.27448  ? 20  VAL A O   1 
ATOM   164 C CB  . VAL A 1 20 ? 0.45084   -7.55520  -6.57926  1.000 61.45830  ? 20  VAL A CB  1 
ATOM   165 C CG1 . VAL A 1 20 ? 1.03904   -8.07578  -7.88144  1.000 91.87799  ? 20  VAL A CG1 1 
ATOM   166 C CG2 . VAL A 1 20 ? 0.33807   -6.06937  -6.63037  1.000 78.39854  ? 20  VAL A CG2 1 
ATOM   167 N N   . GLU A 1 21 ? -1.77775  -9.80575  -7.94070  1.000 99.92512  ? 21  GLU A N   1 
ATOM   168 C CA  . GLU A 1 21 ? -1.80513  -11.11414 -8.58176  1.000 98.21176  ? 21  GLU A CA  1 
ATOM   169 C C   . GLU A 1 21 ? -0.41455  -11.43181 -9.10327  1.000 90.66593  ? 21  GLU A C   1 
ATOM   170 O O   . GLU A 1 21 ? 0.20763   -10.61254 -9.78655  1.000 80.72916  ? 21  GLU A O   1 
ATOM   171 C CB  . GLU A 1 21 ? -2.82809  -11.15286 -9.72139  1.000 102.80297 ? 21  GLU A CB  1 
ATOM   172 N N   . GLY A 1 22 ? 0.09300   -12.60141 -8.73513  1.000 112.32102 ? 22  GLY A N   1 
ATOM   173 C CA  . GLY A 1 22 ? 1.41456   -13.00044 -9.17364  1.000 124.87709 ? 22  GLY A CA  1 
ATOM   174 C C   . GLY A 1 22 ? 2.46381   -12.93962 -8.08416  1.000 119.55231 ? 22  GLY A C   1 
ATOM   175 O O   . GLY A 1 22 ? 3.02953   -13.97320 -7.71311  1.000 119.47751 ? 22  GLY A O   1 
ATOM   176 N N   . GLN A 1 23 ? 2.73919   -11.73916 -7.57359  1.000 109.94819 ? 23  GLN A N   1 
ATOM   177 C CA  . GLN A 1 23 ? 3.68935   -11.56640 -6.48601  1.000 107.09717 ? 23  GLN A CA  1 
ATOM   178 C C   . GLN A 1 23 ? 3.01097   -11.81266 -5.12947  1.000 102.84386 ? 23  GLN A C   1 
ATOM   179 O O   . GLN A 1 23 ? 1.78533   -11.94933 -5.02332  1.000 86.00021  ? 23  GLN A O   1 
ATOM   180 C CB  . GLN A 1 23 ? 4.31624   -10.16383 -6.53162  1.000 107.95748 ? 23  GLN A CB  1 
ATOM   181 C CG  . GLN A 1 23 ? 5.29819   -9.90033  -7.70187  1.000 111.24114 ? 23  GLN A CG  1 
ATOM   182 C CD  . GLN A 1 23 ? 6.33815   -8.80656  -7.38632  1.000 95.46619  ? 23  GLN A CD  1 
ATOM   183 O OE1 . GLN A 1 23 ? 6.42988   -8.33715  -6.25900  1.000 88.83801  ? 23  GLN A OE1 1 
ATOM   184 N NE2 . GLN A 1 23 ? 7.12515   -8.41687  -8.38653  1.000 94.50939  ? 23  GLN A NE2 1 
ATOM   185 N N   . ASP A 1 24 ? 3.83553   -11.89236 -4.08080  1.000 97.76627  ? 24  ASP A N   1 
ATOM   186 C CA  . ASP A 1 24 ? 3.32665   -11.94069 -2.71768  1.000 80.89803  ? 24  ASP A CA  1 
ATOM   187 C C   . ASP A 1 24 ? 2.60053   -10.63175 -2.39099  1.000 72.64339  ? 24  ASP A C   1 
ATOM   188 O O   . ASP A 1 24 ? 2.71769   -9.63342  -3.09696  1.000 64.34898  ? 24  ASP A O   1 
ATOM   189 C CB  . ASP A 1 24 ? 4.46316   -12.14144 -1.70871  1.000 84.40150  ? 24  ASP A CB  1 
ATOM   190 C CG  . ASP A 1 24 ? 5.33193   -13.35893 -2.00259  1.000 90.63622  ? 24  ASP A CG  1 
ATOM   191 O OD1 . ASP A 1 24 ? 4.79222   -14.47881 -2.15090  1.000 92.81581  ? 24  ASP A OD1 1 
ATOM   192 O OD2 . ASP A 1 24 ? 6.57270   -13.18657 -2.05143  1.000 84.08389  ? 24  ASP A OD2 1 
ATOM   193 N N   . ASP A 1 25 ? 1.86321   -10.63448 -1.28631  1.000 65.84695  ? 25  ASP A N   1 
ATOM   194 C CA  . ASP A 1 25 ? 1.26010   -9.39580  -0.82975  1.000 65.19837  ? 25  ASP A CA  1 
ATOM   195 C C   . ASP A 1 25 ? 2.34555   -8.46273  -0.29059  1.000 62.93205  ? 25  ASP A C   1 
ATOM   196 O O   . ASP A 1 25 ? 3.44731   -8.89139  0.07243   1.000 64.63684  ? 25  ASP A O   1 
ATOM   197 C CB  . ASP A 1 25 ? 0.19488   -9.69169  0.22380   1.000 69.47453  ? 25  ASP A CB  1 
ATOM   198 C CG  . ASP A 1 25 ? -0.90304  -10.59885 -0.30019  1.000 76.90129  ? 25  ASP A CG  1 
ATOM   199 O OD1 . ASP A 1 25 ? -0.97585  -10.81027 -1.54274  1.000 78.94580  ? 25  ASP A OD1 1 
ATOM   200 O OD2 . ASP A 1 25 ? -1.68633  -11.11117 0.53142   1.000 79.14431  ? 25  ASP A OD2 1 
ATOM   201 N N   . VAL A 1 26 ? 2.04619   -7.16693  -0.27161  1.000 51.59121  ? 26  VAL A N   1 
ATOM   202 C CA  . VAL A 1 26 ? 3.02036   -6.15581  0.10884   1.000 44.04818  ? 26  VAL A CA  1 
ATOM   203 C C   . VAL A 1 26 ? 2.49524   -5.38607  1.31689   1.000 58.36257  ? 26  VAL A C   1 
ATOM   204 O O   . VAL A 1 26 ? 1.44360   -4.74065  1.23709   1.000 59.31393  ? 26  VAL A O   1 
ATOM   205 C CB  . VAL A 1 26 ? 3.32991   -5.20492  -1.05155  1.000 51.18688  ? 26  VAL A CB  1 
ATOM   206 C CG1 . VAL A 1 26 ? 4.36688   -4.20645  -0.62118  1.000 47.32142  ? 26  VAL A CG1 1 
ATOM   207 C CG2 . VAL A 1 26 ? 3.81254   -6.01192  -2.25368  1.000 55.04997  ? 26  VAL A CG2 1 
ATOM   208 N N   . PHE A 1 27 ? 3.21784   -5.47060  2.43320   1.000 49.77546  ? 27  PHE A N   1 
ATOM   209 C CA  . PHE A 1 27 ? 2.94670   -4.63003  3.59018   1.000 52.18289  ? 27  PHE A CA  1 
ATOM   210 C C   . PHE A 1 27 ? 2.94273   -3.15019  3.20219   1.000 49.68327  ? 27  PHE A C   1 
ATOM   211 O O   . PHE A 1 27 ? 3.81123   -2.67428  2.46187   1.000 45.38787  ? 27  PHE A O   1 
ATOM   212 C CB  . PHE A 1 27 ? 3.99850   -4.92239  4.66720   1.000 51.26663  ? 27  PHE A CB  1 
ATOM   213 C CG  . PHE A 1 27 ? 3.88061   -4.06211  5.90364   1.000 52.79747  ? 27  PHE A CG  1 
ATOM   214 C CD1 . PHE A 1 27 ? 3.09089   -4.45982  6.96740   1.000 62.10126  ? 27  PHE A CD1 1 
ATOM   215 C CD2 . PHE A 1 27 ? 4.59991   -2.88873  6.02286   1.000 47.80996  ? 27  PHE A CD2 1 
ATOM   216 C CE1 . PHE A 1 27 ? 2.99837   -3.68218  8.10190   1.000 60.52916  ? 27  PHE A CE1 1 
ATOM   217 C CE2 . PHE A 1 27 ? 4.50080   -2.10486  7.16627   1.000 50.20233  ? 27  PHE A CE2 1 
ATOM   218 C CZ  . PHE A 1 27 ? 3.70603   -2.50536  8.19365   1.000 50.86777  ? 27  PHE A CZ  1 
ATOM   219 N N   . VAL A 1 28 ? 1.93582   -2.41888  3.66826   1.000 49.67967  ? 28  VAL A N   1 
ATOM   220 C CA  . VAL A 1 28 ? 1.88230   -0.97916  3.43239   1.000 44.75031  ? 28  VAL A CA  1 
ATOM   221 C C   . VAL A 1 28 ? 1.63984   -0.27117  4.75967   1.000 44.96940  ? 28  VAL A C   1 
ATOM   222 O O   . VAL A 1 28 ? 0.71490   -0.61603  5.50107   1.000 50.73302  ? 28  VAL A O   1 
ATOM   223 C CB  . VAL A 1 28 ? 0.80892   -0.59269  2.39677   1.000 42.96855  ? 28  VAL A CB  1 
ATOM   224 C CG1 . VAL A 1 28 ? -0.56333  -1.08009  2.81795   1.000 53.03468  ? 28  VAL A CG1 1 
ATOM   225 C CG2 . VAL A 1 28 ? 0.77921   0.89894   2.21917   1.000 46.50100  ? 28  VAL A CG2 1 
ATOM   226 N N   . HIS A 1 29 ? 2.47671   0.70695   5.05702   1.000 50.00157  ? 29  HIS A N   1 
ATOM   227 C CA  . HIS A 1 29 ? 2.32684   1.56463   6.22177   1.000 47.07788  ? 29  HIS A CA  1 
ATOM   228 C C   . HIS A 1 29 ? 1.77198   2.90332   5.75658   1.000 51.19698  ? 29  HIS A C   1 
ATOM   229 O O   . HIS A 1 29 ? 1.93310   3.26955   4.59467   1.000 43.80104  ? 29  HIS A O   1 
ATOM   230 C CB  . HIS A 1 29 ? 3.67447   1.74642   6.90045   1.000 42.46054  ? 29  HIS A CB  1 
ATOM   231 C CG  . HIS A 1 29 ? 3.61977   2.53061   8.17072   1.000 46.96584  ? 29  HIS A CG  1 
ATOM   232 N ND1 . HIS A 1 29 ? 4.03339   3.84076   8.24953   1.000 50.06490  ? 29  HIS A ND1 1 
ATOM   233 C CD2 . HIS A 1 29 ? 3.21864   2.18285   9.41546   1.000 52.03997  ? 29  HIS A CD2 1 
ATOM   234 C CE1 . HIS A 1 29 ? 3.88882   4.27278   9.49249   1.000 52.33368  ? 29  HIS A CE1 1 
ATOM   235 N NE2 . HIS A 1 29 ? 3.38993   3.28819   10.21714  1.000 57.65912  ? 29  HIS A NE2 1 
ATOM   236 N N   . PHE A 1 30 ? 1.11191   3.63683   6.66024   1.000 53.03554  ? 30  PHE A N   1 
ATOM   237 C CA  . PHE A 1 30 ? 0.40631   4.83416   6.20966   1.000 48.88919  ? 30  PHE A CA  1 
ATOM   238 C C   . PHE A 1 30 ? 1.36303   5.90282   5.69930   1.000 44.36848  ? 30  PHE A C   1 
ATOM   239 O O   . PHE A 1 30 ? 0.96607   6.73640   4.88458   1.000 49.26080  ? 30  PHE A O   1 
ATOM   240 C CB  . PHE A 1 30 ? -0.47655  5.40028   7.32883   1.000 57.25864  ? 30  PHE A CB  1 
ATOM   241 C CG  . PHE A 1 30 ? 0.28616   6.07524   8.43410   1.000 50.11968  ? 30  PHE A CG  1 
ATOM   242 C CD1 . PHE A 1 30 ? 0.69338   7.39938   8.31788   1.000 48.96044  ? 30  PHE A CD1 1 
ATOM   243 C CD2 . PHE A 1 30 ? 0.57633   5.39706   9.59456   1.000 51.73520  ? 30  PHE A CD2 1 
ATOM   244 C CE1 . PHE A 1 30 ? 1.38825   8.01195   9.32910   1.000 53.91685  ? 30  PHE A CE1 1 
ATOM   245 C CE2 . PHE A 1 30 ? 1.27240   6.01908   10.62657  1.000 56.92608  ? 30  PHE A CE2 1 
ATOM   246 C CZ  . PHE A 1 30 ? 1.67757   7.32089   10.48797  1.000 60.30008  ? 30  PHE A CZ  1 
ATOM   247 N N   . SER A 1 31 ? 2.61300   5.88886   6.15961   1.000 42.52938  ? 31  SER A N   1 
ATOM   248 C CA  . SER A 1 31 ? 3.61651   6.84452   5.70714   1.000 47.37723  ? 31  SER A CA  1 
ATOM   249 C C   . SER A 1 31 ? 3.94200   6.70684   4.22765   1.000 49.62313  ? 31  SER A C   1 
ATOM   250 O O   . SER A 1 31 ? 4.53934   7.61868   3.65562   1.000 51.16761  ? 31  SER A O   1 
ATOM   251 C CB  . SER A 1 31 ? 4.89654   6.66402   6.52343   1.000 45.08620  ? 31  SER A CB  1 
ATOM   252 O OG  . SER A 1 31 ? 5.43292   5.36845   6.28145   1.000 52.04803  ? 31  SER A OG  1 
ATOM   253 N N   . ALA A 1 32 ? 3.60221   5.58418   3.60412   1.000 46.33282  ? 32  ALA A N   1 
ATOM   254 C CA  . ALA A 1 32 ? 3.84070   5.41604   2.17942   1.000 43.90186  ? 32  ALA A CA  1 
ATOM   255 C C   . ALA A 1 32 ? 2.76577   6.06776   1.31821   1.000 50.88690  ? 32  ALA A C   1 
ATOM   256 O O   . ALA A 1 32 ? 2.94711   6.17884   0.09996   1.000 46.74109  ? 32  ALA A O   1 
ATOM   257 C CB  . ALA A 1 32 ? 3.93120   3.92482   1.85117   1.000 38.49756  ? 32  ALA A CB  1 
ATOM   258 N N   . ILE A 1 33 ? 1.66902   6.52660   1.90895   1.000 45.79752  ? 33  ILE A N   1 
ATOM   259 C CA  . ILE A 1 33 ? 0.51244   6.94827   1.12253   1.000 44.04530  ? 33  ILE A CA  1 
ATOM   260 C C   . ILE A 1 33 ? 0.71800   8.37156   0.61045   1.000 50.70700  ? 33  ILE A C   1 
ATOM   261 O O   . ILE A 1 33 ? 1.03688   9.28838   1.37585   1.000 49.85946  ? 33  ILE A O   1 
ATOM   262 C CB  . ILE A 1 33 ? -0.76715  6.84251   1.95813   1.000 46.12584  ? 33  ILE A CB  1 
ATOM   263 C CG1 . ILE A 1 33 ? -0.93910  5.41606   2.46245   1.000 39.32790  ? 33  ILE A CG1 1 
ATOM   264 C CG2 . ILE A 1 33 ? -1.98147  7.28665   1.15348   1.000 48.19240  ? 33  ILE A CG2 1 
ATOM   265 C CD1 . ILE A 1 33 ? -2.11532  5.26529   3.38738   1.000 53.41951  ? 33  ILE A CD1 1 
ATOM   266 N N   . GLN A 1 34 ? 0.48494   8.56856   -0.67892  1.000 48.62028  ? 34  GLN A N   1 
ATOM   267 C CA  . GLN A 1 34 ? 0.75703   9.84003   -1.33059  1.000 47.71509  ? 34  GLN A CA  1 
ATOM   268 C C   . GLN A 1 34 ? -0.50459  10.68441  -1.41042  1.000 47.95821  ? 34  GLN A C   1 
ATOM   269 O O   . GLN A 1 34 ? -1.62314  10.18504  -1.29407  1.000 58.23302  ? 34  GLN A O   1 
ATOM   270 C CB  . GLN A 1 34 ? 1.30894   9.60202   -2.73648  1.000 54.69556  ? 34  GLN A CB  1 
ATOM   271 C CG  . GLN A 1 34 ? 2.58620   8.78093   -2.74364  1.000 53.39638  ? 34  GLN A CG  1 
ATOM   272 C CD  . GLN A 1 34 ? 3.69433   9.48776   -1.98248  1.000 57.65281  ? 34  GLN A CD  1 
ATOM   273 O OE1 . GLN A 1 34 ? 4.13256   10.57052  -2.36718  1.000 67.24939  ? 34  GLN A OE1 1 
ATOM   274 N NE2 . GLN A 1 34 ? 4.14156   8.88533   -0.88925  1.000 57.79959  ? 34  GLN A NE2 1 
ATOM   275 N N   . GLY A 1 35 ? -0.31291  11.97162  -1.64325  1.000 50.85641  ? 35  GLY A N   1 
ATOM   276 C CA  . GLY A 1 35 ? -1.42727  12.84714  -1.89489  1.000 53.12454  ? 35  GLY A CA  1 
ATOM   277 C C   . GLY A 1 35 ? -1.85113  13.59606  -0.65341  1.000 57.34799  ? 35  GLY A C   1 
ATOM   278 O O   . GLY A 1 35 ? -1.18007  13.60051  0.38449   1.000 72.17955  ? 35  GLY A O   1 
ATOM   279 N N   . GLU A 1 36 ? -3.00292  14.23860  -0.77841  1.000 60.05867  ? 36  GLU A N   1 
ATOM   280 C CA  . GLU A 1 36 ? -3.53941  15.09904  0.26126   1.000 66.36118  ? 36  GLU A CA  1 
ATOM   281 C C   . GLU A 1 36 ? -4.42278  14.30622  1.22437   1.000 63.31094  ? 36  GLU A C   1 
ATOM   282 O O   . GLU A 1 36 ? -4.70247  13.12191  1.02507   1.000 74.55447  ? 36  GLU A O   1 
ATOM   283 C CB  . GLU A 1 36 ? -4.32888  16.24671  -0.36971  1.000 83.82799  ? 36  GLU A CB  1 
ATOM   284 C CG  . GLU A 1 36 ? -3.48706  17.10865  -1.28699  1.000 94.98316  ? 36  GLU A CG  1 
ATOM   285 C CD  . GLU A 1 36 ? -2.36163  17.80201  -0.54517  1.000 114.98949 ? 36  GLU A CD  1 
ATOM   286 O OE1 . GLU A 1 36 ? -2.64986  18.75387  0.21548   1.000 131.38065 ? 36  GLU A OE1 1 
ATOM   287 O OE2 . GLU A 1 36 ? -1.19357  17.38338  -0.70766  1.000 112.75338 ? 36  GLU A OE2 1 
ATOM   288 N N   . GLY A 1 37 ? -4.87414  14.98445  2.27961   1.000 59.08519  ? 37  GLY A N   1 
ATOM   289 C CA  . GLY A 1 37 ? -5.81878  14.38930  3.19995   1.000 66.95231  ? 37  GLY A CA  1 
ATOM   290 C C   . GLY A 1 37 ? -5.19034  13.37733  4.14682   1.000 53.07339  ? 37  GLY A C   1 
ATOM   291 O O   . GLY A 1 37 ? -3.98839  13.09992  4.13403   1.000 53.09998  ? 37  GLY A O   1 
ATOM   292 N N   . PHE A 1 38 ? -6.05049  12.81844  4.99569   1.000 61.61195  ? 38  PHE A N   1 
ATOM   293 C CA  . PHE A 1 38 ? -5.62288  11.85356  6.00356   1.000 52.72912  ? 38  PHE A CA  1 
ATOM   294 C C   . PHE A 1 38 ? -5.14050  10.57730  5.33539   1.000 48.08651  ? 38  PHE A C   1 
ATOM   295 O O   . PHE A 1 38 ? -5.85114  10.00127  4.50946   1.000 61.01792  ? 38  PHE A O   1 
ATOM   296 C CB  . PHE A 1 38 ? -6.78712  11.56191  6.94524   1.000 59.05084  ? 38  PHE A CB  1 
ATOM   297 C CG  . PHE A 1 38 ? -6.42770  10.71584  8.13317   1.000 63.90024  ? 38  PHE A CG  1 
ATOM   298 C CD1 . PHE A 1 38 ? -5.71497  11.25505  9.19816   1.000 60.20906  ? 38  PHE A CD1 1 
ATOM   299 C CD2 . PHE A 1 38 ? -6.85415  9.39872   8.21077   1.000 61.90596  ? 38  PHE A CD2 1 
ATOM   300 C CE1 . PHE A 1 38 ? -5.41498  10.48340  10.30904  1.000 69.07972  ? 38  PHE A CE1 1 
ATOM   301 C CE2 . PHE A 1 38 ? -6.56213  8.62120   9.31891   1.000 58.98536  ? 38  PHE A CE2 1 
ATOM   302 C CZ  . PHE A 1 38 ? -5.84100  9.16182   10.36675  1.000 68.08569  ? 38  PHE A CZ  1 
ATOM   303 N N   . LYS A 1 39 ? -3.93997  10.12614  5.70237   1.000 45.55815  ? 39  LYS A N   1 
ATOM   304 C CA  . LYS A 1 39 ? -3.30751  8.98472   5.05112   1.000 49.27191  ? 39  LYS A CA  1 
ATOM   305 C C   . LYS A 1 39 ? -3.98020  7.70085   5.52348   1.000 62.56197  ? 39  LYS A C   1 
ATOM   306 O O   . LYS A 1 39 ? -3.71082  7.19879   6.61722   1.000 49.12871  ? 39  LYS A O   1 
ATOM   307 C CB  . LYS A 1 39 ? -1.81287  8.96902   5.34811   1.000 46.36009  ? 39  LYS A CB  1 
ATOM   308 C CG  . LYS A 1 39 ? -1.12553  10.29628  5.07977   1.000 49.03596  ? 39  LYS A CG  1 
ATOM   309 C CD  . LYS A 1 39 ? -0.08876  10.18925  4.01458   1.000 62.69257  ? 39  LYS A CD  1 
ATOM   310 C CE  . LYS A 1 39 ? 0.84534   11.38380  3.98748   1.000 70.40499  ? 39  LYS A CE  1 
ATOM   311 N NZ  . LYS A 1 39 ? 1.54028   11.52294  5.29423   1.000 61.73710  ? 39  LYS A NZ  1 
ATOM   312 N N   . THR A 1 40 ? -4.86000  7.15577   4.69300   1.000 59.86654  ? 40  THR A N   1 
ATOM   313 C CA  . THR A 1 40 ? -5.50221  5.89284   5.01630   1.000 59.53879  ? 40  THR A CA  1 
ATOM   314 C C   . THR A 1 40 ? -5.98579  5.24438   3.72403   1.000 58.15715  ? 40  THR A C   1 
ATOM   315 O O   . THR A 1 40 ? -6.01206  5.86542   2.65709   1.000 60.43983  ? 40  THR A O   1 
ATOM   316 C CB  . THR A 1 40 ? -6.64068  6.09413   6.01593   1.000 59.06552  ? 40  THR A CB  1 
ATOM   317 O OG1 . THR A 1 40 ? -7.00743  4.82508   6.55850   1.000 84.84026  ? 40  THR A OG1 1 
ATOM   318 C CG2 . THR A 1 40 ? -7.85134  6.72219   5.33055   1.000 63.16638  ? 40  THR A CG2 1 
ATOM   319 N N   . LEU A 1 41 ? -6.35769  3.97397   3.83205   1.000 62.48875  ? 41  LEU A N   1 
ATOM   320 C CA  . LEU A 1 41 ? -6.74125  3.18678   2.67562   1.000 57.59761  ? 41  LEU A CA  1 
ATOM   321 C C   . LEU A 1 41 ? -7.90502  2.29761   3.05427   1.000 63.07173  ? 41  LEU A C   1 
ATOM   322 O O   . LEU A 1 41 ? -8.08231  1.95016   4.22551   1.000 67.98960  ? 41  LEU A O   1 
ATOM   323 C CB  . LEU A 1 41 ? -5.58546  2.32388   2.17841   1.000 55.80789  ? 41  LEU A CB  1 
ATOM   324 C CG  . LEU A 1 41 ? -4.39377  3.05814   1.58717   1.000 51.66253  ? 41  LEU A CG  1 
ATOM   325 C CD1 . LEU A 1 41 ? -3.23238  2.09024   1.44720   1.000 54.61037  ? 41  LEU A CD1 1 
ATOM   326 C CD2 . LEU A 1 41 ? -4.78571  3.62595   0.23436   1.000 49.97152  ? 41  LEU A CD2 1 
ATOM   327 N N   . GLU A 1 42 ? -8.68626  1.91826   2.04070   1.000 61.42785  ? 42  GLU A N   1 
ATOM   328 C CA  . GLU A 1 42 ? -9.83218  1.03147   2.19745   1.000 63.50997  ? 42  GLU A CA  1 
ATOM   329 C C   . GLU A 1 42 ? -9.60929  -0.26555  1.42421   1.000 74.51749  ? 42  GLU A C   1 
ATOM   330 O O   . GLU A 1 42 ? -8.99934  -0.25952  0.34835   1.000 78.27225  ? 42  GLU A O   1 
ATOM   331 C CB  . GLU A 1 42 ? -11.11575 1.70012   1.70222   1.000 84.21226  ? 42  GLU A CB  1 
ATOM   332 C CG  . GLU A 1 42 ? -11.30295 3.12390   2.17883   1.000 98.01250  ? 42  GLU A CG  1 
ATOM   333 C CD  . GLU A 1 42 ? -12.61444 3.71265   1.70235   1.000 120.87833 ? 42  GLU A CD  1 
ATOM   334 O OE1 . GLU A 1 42 ? -13.37693 2.99273   1.01808   1.000 126.30621 ? 42  GLU A OE1 1 
ATOM   335 O OE2 . GLU A 1 42 ? -12.88403 4.89308   2.01159   1.000 132.22802 ? 42  GLU A OE2 1 
ATOM   336 N N   . GLU A 1 43 ? -10.11774 -1.37391  1.97119   1.000 74.65879  ? 43  GLU A N   1 
ATOM   337 C CA  . GLU A 1 43 ? -10.02527 -2.67132  1.30850   1.000 73.20684  ? 43  GLU A CA  1 
ATOM   338 C C   . GLU A 1 43 ? -10.55341 -2.57939  -0.11613  1.000 81.76900  ? 43  GLU A C   1 
ATOM   339 O O   . GLU A 1 43 ? -11.60687 -1.98874  -0.36249  1.000 84.70417  ? 43  GLU A O   1 
ATOM   340 C CB  . GLU A 1 43 ? -10.81455 -3.73141  2.09453   1.000 77.43408  ? 43  GLU A CB  1 
ATOM   341 C CG  . GLU A 1 43 ? -11.26108 -4.93617  1.24899   1.000 88.93945  ? 43  GLU A CG  1 
ATOM   342 C CD  . GLU A 1 43 ? -11.86113 -6.08980  2.06066   1.000 107.66558 ? 43  GLU A CD  1 
ATOM   343 O OE1 . GLU A 1 43 ? -11.14924 -6.63832  2.92587   1.000 112.25912 ? 43  GLU A OE1 1 
ATOM   344 O OE2 . GLU A 1 43 ? -13.03867 -6.45718  1.82879   1.000 108.97291 ? 43  GLU A OE2 1 
ATOM   345 N N   . GLY A 1 44 ? -9.81160  -3.15781  -1.05744  1.000 86.69738  ? 44  GLY A N   1 
ATOM   346 C CA  . GLY A 1 44 ? -10.23112 -3.17303  -2.44353  1.000 90.70842  ? 44  GLY A CA  1 
ATOM   347 C C   . GLY A 1 44 ? -9.86014  -1.94177  -3.23996  1.000 83.01411  ? 44  GLY A C   1 
ATOM   348 O O   . GLY A 1 44 ? -10.15935 -1.88785  -4.43826  1.000 88.01385  ? 44  GLY A O   1 
ATOM   349 N N   . GLN A 1 45 ? -9.22329  -0.95786  -2.61781  1.000 69.07411  ? 45  GLN A N   1 
ATOM   350 C CA  . GLN A 1 45 ? -8.83096  0.26071   -3.31624  1.000 73.61816  ? 45  GLN A CA  1 
ATOM   351 C C   . GLN A 1 45 ? -7.75384  -0.02263  -4.35086  1.000 70.22576  ? 45  GLN A C   1 
ATOM   352 O O   . GLN A 1 45 ? -6.75587  -0.68728  -4.05455  1.000 65.40271  ? 45  GLN A O   1 
ATOM   353 C CB  . GLN A 1 45 ? -8.30762  1.28340   -2.31998  1.000 71.72381  ? 45  GLN A CB  1 
ATOM   354 C CG  . GLN A 1 45 ? -8.01970  2.62730   -2.91344  1.000 77.70838  ? 45  GLN A CG  1 
ATOM   355 C CD  . GLN A 1 45 ? -8.82083  3.69687   -2.22441  1.000 88.31624  ? 45  GLN A CD  1 
ATOM   356 O OE1 . GLN A 1 45 ? -8.82754  3.78675   -0.98911  1.000 86.39753  ? 45  GLN A OE1 1 
ATOM   357 N NE2 . GLN A 1 45 ? -9.52874  4.50222   -3.01109  1.000 88.56345  ? 45  GLN A NE2 1 
ATOM   358 N N   . ALA A 1 46 ? -7.93866  0.51041   -5.55667  1.000 72.05380  ? 46  ALA A N   1 
ATOM   359 C CA  . ALA A 1 46 ? -6.89405  0.44475   -6.57440  1.000 67.99537  ? 46  ALA A CA  1 
ATOM   360 C C   . ALA A 1 46 ? -5.74441  1.37873   -6.20673  1.000 63.04093  ? 46  ALA A C   1 
ATOM   361 O O   . ALA A 1 46 ? -5.96082  2.55549   -5.90666  1.000 70.13338  ? 46  ALA A O   1 
ATOM   362 C CB  . ALA A 1 46 ? -7.46596  0.81870   -7.94081  1.000 65.18892  ? 46  ALA A CB  1 
ATOM   363 N N   . VAL A 1 47 ? -4.52043  0.85570   -6.21311  1.000 64.65006  ? 47  VAL A N   1 
ATOM   364 C CA  . VAL A 1 47 ? -3.34553  1.65579   -5.89375  1.000 49.32152  ? 47  VAL A CA  1 
ATOM   365 C C   . VAL A 1 47 ? -2.23864  1.36519   -6.89124  1.000 66.55969  ? 47  VAL A C   1 
ATOM   366 O O   . VAL A 1 47 ? -2.13022  0.26249   -7.44014  1.000 71.49541  ? 47  VAL A O   1 
ATOM   367 C CB  . VAL A 1 47 ? -2.81760  1.41502   -4.46364  1.000 49.74721  ? 47  VAL A CB  1 
ATOM   368 C CG1 . VAL A 1 47 ? -3.84671  1.85479   -3.41770  1.000 48.83677  ? 47  VAL A CG1 1 
ATOM   369 C CG2 . VAL A 1 47 ? -2.42444  -0.04685  -4.28298  1.000 51.61088  ? 47  VAL A CG2 1 
ATOM   370 N N   . SER A 1 48 ? -1.41849  2.38152   -7.13001  1.000 63.59086  ? 48  SER A N   1 
ATOM   371 C CA  . SER A 1 48 ? -0.14052  2.22742   -7.79535  1.000 55.66363  ? 48  SER A CA  1 
ATOM   372 C C   . SER A 1 48 ? 0.94589   2.49904   -6.77210  1.000 59.92873  ? 48  SER A C   1 
ATOM   373 O O   . SER A 1 48 ? 0.77630   3.32847   -5.86954  1.000 60.63928  ? 48  SER A O   1 
ATOM   374 C CB  . SER A 1 48 ? -0.00398  3.17980   -8.98980  1.000 55.95186  ? 48  SER A CB  1 
ATOM   375 O OG  . SER A 1 48 ? -0.15558  4.51795   -8.55690  1.000 73.23141  ? 48  SER A OG  1 
ATOM   376 N N   . PHE A 1 49 ? 2.05763   1.78283   -6.89730  1.000 54.33226  ? 49  PHE A N   1 
ATOM   377 C CA  . PHE A 1 49 ? 3.06304   1.86500   -5.85061  1.000 54.13040  ? 49  PHE A CA  1 
ATOM   378 C C   . PHE A 1 49 ? 4.36770   1.26139   -6.33865  1.000 48.92590  ? 49  PHE A C   1 
ATOM   379 O O   . PHE A 1 49 ? 4.46288   0.72717   -7.44591  1.000 49.77478  ? 49  PHE A O   1 
ATOM   380 C CB  . PHE A 1 49 ? 2.58743   1.16178   -4.58051  1.000 52.47447  ? 49  PHE A CB  1 
ATOM   381 C CG  . PHE A 1 49 ? 2.44992   -0.31357  -4.73235  1.000 51.18877  ? 49  PHE A CG  1 
ATOM   382 C CD1 . PHE A 1 49 ? 1.39570   -0.85403  -5.43411  1.000 60.18774  ? 49  PHE A CD1 1 
ATOM   383 C CD2 . PHE A 1 49 ? 3.37881   -1.16543  -4.16473  1.000 58.90216  ? 49  PHE A CD2 1 
ATOM   384 C CE1 . PHE A 1 49 ? 1.27002   -2.20876  -5.56320  1.000 61.13228  ? 49  PHE A CE1 1 
ATOM   385 C CE2 . PHE A 1 49 ? 3.26137   -2.52284  -4.29391  1.000 53.49753  ? 49  PHE A CE2 1 
ATOM   386 C CZ  . PHE A 1 49 ? 2.20700   -3.04560  -4.98256  1.000 59.18046  ? 49  PHE A CZ  1 
ATOM   387 N N   . GLU A 1 50 ? 5.38645   1.39899   -5.49498  1.000 48.55153  ? 50  GLU A N   1 
ATOM   388 C CA  . GLU A 1 50 ? 6.67766   0.76089   -5.66422  1.000 51.82510  ? 50  GLU A CA  1 
ATOM   389 C C   . GLU A 1 50 ? 6.95774   -0.08833  -4.43604  1.000 46.25132  ? 50  GLU A C   1 
ATOM   390 O O   . GLU A 1 50 ? 6.37301   0.11840   -3.36439  1.000 50.97989  ? 50  GLU A O   1 
ATOM   391 C CB  . GLU A 1 50 ? 7.79285   1.79395   -5.84086  1.000 48.25967  ? 50  GLU A CB  1 
ATOM   392 C CG  . GLU A 1 50 ? 7.83955   2.43725   -7.19420  1.000 64.36237  ? 50  GLU A CG  1 
ATOM   393 C CD  . GLU A 1 50 ? 8.79772   3.61952   -7.23887  1.000 62.15848  ? 50  GLU A CD  1 
ATOM   394 O OE1 . GLU A 1 50 ? 8.78237   4.44044   -6.29495  1.000 66.47131  ? 50  GLU A OE1 1 
ATOM   395 O OE2 . GLU A 1 50 ? 9.56576   3.71441   -8.21490  1.000 67.93117  ? 50  GLU A OE2 1 
ATOM   396 N N   . ILE A 1 51 ? 7.84886   -1.05966  -4.58821  1.000 42.67495  ? 51  ILE A N   1 
ATOM   397 C CA  . ILE A 1 51 ? 8.32293   -1.84344  -3.45139  1.000 48.84244  ? 51  ILE A CA  1 
ATOM   398 C C   . ILE A 1 51 ? 9.72733   -1.37138  -3.12465  1.000 52.06121  ? 51  ILE A C   1 
ATOM   399 O O   . ILE A 1 51 ? 10.57396  -1.27126  -4.02063  1.000 52.06938  ? 51  ILE A O   1 
ATOM   400 C CB  . ILE A 1 51 ? 8.32074   -3.34665  -3.74837  1.000 44.91752  ? 51  ILE A CB  1 
ATOM   401 C CG1 . ILE A 1 51 ? 6.95091   -3.80216  -4.22800  1.000 42.92061  ? 51  ILE A CG1 1 
ATOM   402 C CG2 . ILE A 1 51 ? 8.69667   -4.10055  -2.49177  1.000 52.17492  ? 51  ILE A CG2 1 
ATOM   403 C CD1 . ILE A 1 51 ? 6.95420   -5.22865  -4.67915  1.000 55.24425  ? 51  ILE A CD1 1 
ATOM   404 N N   . VAL A 1 52 ? 9.97564   -1.05512  -1.85665  1.000 45.22429  ? 52  VAL A N   1 
ATOM   405 C CA  . VAL A 1 52 ? 11.30087  -0.64741  -1.40020  1.000 47.77273  ? 52  VAL A CA  1 
ATOM   406 C C   . VAL A 1 52 ? 11.75540  -1.61812  -0.31384  1.000 54.42427  ? 52  VAL A C   1 
ATOM   407 O O   . VAL A 1 52 ? 10.97311  -1.97243  0.58375   1.000 49.79443  ? 52  VAL A O   1 
ATOM   408 C CB  . VAL A 1 52 ? 11.30957  0.81533   -0.90646  1.000 52.63087  ? 52  VAL A CB  1 
ATOM   409 C CG1 . VAL A 1 52 ? 10.37569  0.99855   0.27171   1.000 61.94829  ? 52  VAL A CG1 1 
ATOM   410 C CG2 . VAL A 1 52 ? 12.72111  1.26832   -0.55314  1.000 51.60719  ? 52  VAL A CG2 1 
ATOM   411 N N   . GLU A 1 53 ? 13.00841  -2.06884  -0.40487  1.000 43.47984  ? 53  GLU A N   1 
ATOM   412 C CA  . GLU A 1 53 ? 13.53631  -3.06055  0.52130   1.000 45.77086  ? 53  GLU A CA  1 
ATOM   413 C C   . GLU A 1 53 ? 14.82324  -2.53739  1.12665   1.000 47.55843  ? 53  GLU A C   1 
ATOM   414 O O   . GLU A 1 53 ? 15.80420  -2.31960  0.40945   1.000 50.91495  ? 53  GLU A O   1 
ATOM   415 C CB  . GLU A 1 53 ? 13.79530  -4.40951  -0.15882  1.000 51.54755  ? 53  GLU A CB  1 
ATOM   416 C CG  . GLU A 1 53 ? 14.59260  -5.36746  0.75670   1.000 51.02449  ? 53  GLU A CG  1 
ATOM   417 C CD  . GLU A 1 53 ? 14.48593  -6.82652  0.35139   1.000 68.34804  ? 53  GLU A CD  1 
ATOM   418 O OE1 . GLU A 1 53 ? 13.72734  -7.11680  -0.59041  1.000 70.85626  ? 53  GLU A OE1 1 
ATOM   419 O OE2 . GLU A 1 53 ? 15.15518  -7.68145  0.98436   1.000 73.40002  ? 53  GLU A OE2 1 
ATOM   420 N N   . GLY A 1 54 ? 14.80466  -2.32737  2.44121   1.000 51.81435  ? 54  GLY A N   1 
ATOM   421 C CA  . GLY A 1 54 ? 16.00552  -2.13205  3.22612   1.000 55.45560  ? 54  GLY A CA  1 
ATOM   422 C C   . GLY A 1 54 ? 16.22527  -3.30929  4.15549   1.000 55.25948  ? 54  GLY A C   1 
ATOM   423 O O   . GLY A 1 54 ? 15.82882  -4.43062  3.82325   1.000 53.75868  ? 54  GLY A O   1 
ATOM   424 N N   . ASN A 1 55 ? 16.83729  -3.08514  5.32585   1.000 53.09370  ? 55  ASN A N   1 
ATOM   425 C CA  . ASN A 1 55 ? 17.16941  -4.23555  6.15520   1.000 56.10193  ? 55  ASN A CA  1 
ATOM   426 C C   . ASN A 1 55 ? 15.96373  -4.83401  6.86310   1.000 55.09888  ? 55  ASN A C   1 
ATOM   427 O O   . ASN A 1 55 ? 16.12941  -5.82046  7.57999   1.000 63.32933  ? 55  ASN A O   1 
ATOM   428 C CB  . ASN A 1 55 ? 18.25246  -3.88815  7.19038   1.000 70.64545  ? 55  ASN A CB  1 
ATOM   429 C CG  . ASN A 1 55 ? 17.85121  -2.75414  8.12070   1.000 62.12528  ? 55  ASN A CG  1 
ATOM   430 O OD1 . ASN A 1 55 ? 16.68794  -2.35961  8.18575   1.000 59.49820  ? 55  ASN A OD1 1 
ATOM   431 N ND2 . ASN A 1 55 ? 18.82442  -2.23216  8.85692   1.000 77.27602  ? 55  ASN A ND2 1 
ATOM   432 N N   . ARG A 1 56 ? 14.76994  -4.28753  6.69759   1.000 55.12418  ? 56  ARG A N   1 
ATOM   433 C CA  . ARG A 1 56 ? 13.58723  -4.90506  7.26834   1.000 62.84893  ? 56  ARG A CA  1 
ATOM   434 C C   . ARG A 1 56 ? 12.73320  -5.60556  6.21685   1.000 62.74565  ? 56  ARG A C   1 
ATOM   435 O O   . ARG A 1 56 ? 11.59989  -6.00180  6.50562   1.000 66.95142  ? 56  ARG A O   1 
ATOM   436 C CB  . ARG A 1 56 ? 12.77002  -3.85761  8.01216   1.000 58.63453  ? 56  ARG A CB  1 
ATOM   437 C CG  . ARG A 1 56 ? 11.85671  -4.46948  9.01622   1.000 68.84397  ? 56  ARG A CG  1 
ATOM   438 C CD  . ARG A 1 56 ? 11.54310  -3.55325  10.16117  1.000 70.75166  ? 56  ARG A CD  1 
ATOM   439 N NE  . ARG A 1 56 ? 10.51825  -4.18440  10.97826  1.000 67.68897  ? 56  ARG A NE  1 
ATOM   440 C CZ  . ARG A 1 56 ? 9.82208   -3.56544  11.91501  1.000 70.27829  ? 56  ARG A CZ  1 
ATOM   441 N NH1 . ARG A 1 56 ? 10.04274  -2.28033  12.17415  1.000 77.33661  ? 56  ARG A NH1 1 
ATOM   442 N NH2 . ARG A 1 56 ? 8.90062   -4.23635  12.58220  1.000 72.32461  ? 56  ARG A NH2 1 
ATOM   443 N N   . GLY A 1 57 ? 13.24633  -5.76365  5.00437   1.000 59.51451  ? 57  GLY A N   1 
ATOM   444 C CA  . GLY A 1 57 ? 12.51119  -6.42887  3.95752   1.000 53.28432  ? 57  GLY A CA  1 
ATOM   445 C C   . GLY A 1 57 ? 11.65399  -5.47733  3.15718   1.000 43.88481  ? 57  GLY A C   1 
ATOM   446 O O   . GLY A 1 57 ? 11.64340  -4.26422  3.38716   1.000 56.13987  ? 57  GLY A O   1 
ATOM   447 N N   . PRO A 1 58 ? 10.92538  -6.01609  2.18314   1.000 48.81632  ? 58  PRO A N   1 
ATOM   448 C CA  . PRO A 1 58 ? 10.14040  -5.17075  1.27686   1.000 48.72105  ? 58  PRO A CA  1 
ATOM   449 C C   . PRO A 1 58 ? 8.85719   -4.65755  1.90679   1.000 40.68401  ? 58  PRO A C   1 
ATOM   450 O O   . PRO A 1 58 ? 8.19022   -5.35438  2.68101   1.000 48.38619  ? 58  PRO A O   1 
ATOM   451 C CB  . PRO A 1 58 ? 9.81756   -6.12348  0.11389   1.000 46.91351  ? 58  PRO A CB  1 
ATOM   452 C CG  . PRO A 1 58 ? 9.87244   -7.47847  0.73238   1.000 59.10502  ? 58  PRO A CG  1 
ATOM   453 C CD  . PRO A 1 58 ? 10.97797  -7.41122  1.72559   1.000 54.04366  ? 58  PRO A CD  1 
ATOM   454 N N   . GLN A 1 59 ? 8.50556   -3.43099  1.53789   1.000 42.41554  ? 59  GLN A N   1 
ATOM   455 C CA  . GLN A 1 59 ? 7.20889   -2.86407  1.86847   1.000 41.18478  ? 59  GLN A CA  1 
ATOM   456 C C   . GLN A 1 59 ? 6.86515   -1.83184  0.82004   1.000 39.02981  ? 59  GLN A C   1 
ATOM   457 O O   . GLN A 1 59 ? 7.70991   -1.42858  0.01600   1.000 45.71650  ? 59  GLN A O   1 
ATOM   458 C CB  . GLN A 1 59 ? 7.19559   -2.20775  3.23168   1.000 41.73902  ? 59  GLN A CB  1 
ATOM   459 C CG  . GLN A 1 59 ? 8.13316   -1.05849  3.28567   1.000 42.37014  ? 59  GLN A CG  1 
ATOM   460 C CD  . GLN A 1 59 ? 8.09521   -0.39362  4.61935   1.000 54.82293  ? 59  GLN A CD  1 
ATOM   461 O OE1 . GLN A 1 59 ? 9.12057   -0.25189  5.27467   1.000 54.06601  ? 59  GLN A OE1 1 
ATOM   462 N NE2 . GLN A 1 59 ? 6.90848   0.03228   5.03209   1.000 52.60245  ? 59  GLN A NE2 1 
ATOM   463 N N   . ALA A 1 60 ? 5.61283   -1.38998  0.84521   1.000 41.94483  ? 60  ALA A N   1 
ATOM   464 C CA  . ALA A 1 60 ? 5.15291   -0.48226  -0.19460  1.000 41.12965  ? 60  ALA A CA  1 
ATOM   465 C C   . ALA A 1 60 ? 5.73059   0.90228   0.00665   1.000 42.13260  ? 60  ALA A C   1 
ATOM   466 O O   . ALA A 1 60 ? 6.00194   1.33576   1.13231   1.000 46.09293  ? 60  ALA A O   1 
ATOM   467 C CB  . ALA A 1 60 ? 3.63124   -0.40480  -0.20549  1.000 40.96642  ? 60  ALA A CB  1 
ATOM   468 N N   . ALA A 1 61 ? 5.90994   1.60600   -1.10536  1.000 41.19736  ? 61  ALA A N   1 
ATOM   469 C CA  . ALA A 1 61 ? 6.28655   3.00278   -1.05544  1.000 42.68224  ? 61  ALA A CA  1 
ATOM   470 C C   . ALA A 1 61 ? 5.61185   3.71601   -2.21978  1.000 42.08540  ? 61  ALA A C   1 
ATOM   471 O O   . ALA A 1 61 ? 5.19931   3.08957   -3.19598  1.000 43.15610  ? 61  ALA A O   1 
ATOM   472 C CB  . ALA A 1 61 ? 7.80712   3.16206   -1.10681  1.000 41.46278  ? 61  ALA A CB  1 
ATOM   473 N N   . ASN A 1 62 ? 5.47217   5.02762   -2.09199  1.000 42.19070  ? 62  ASN A N   1 
ATOM   474 C CA  . ASN A 1 62 ? 4.90703   5.85468   -3.16318  1.000 48.59864  ? 62  ASN A CA  1 
ATOM   475 C C   . ASN A 1 62 ? 3.51486   5.37556   -3.57508  1.000 51.06658  ? 62  ASN A C   1 
ATOM   476 O O   . ASN A 1 62 ? 3.20655   5.23320   -4.76388  1.000 50.28400  ? 62  ASN A O   1 
ATOM   477 C CB  . ASN A 1 62 ? 5.84365   5.88156   -4.36806  1.000 51.79448  ? 62  ASN A CB  1 
ATOM   478 C CG  . ASN A 1 62 ? 6.67394   7.11511   -4.40075  1.000 88.26079  ? 62  ASN A CG  1 
ATOM   479 O OD1 . ASN A 1 62 ? 7.27618   7.49411   -3.39321  1.000 92.22407  ? 62  ASN A OD1 1 
ATOM   480 N ND2 . ASN A 1 62 ? 6.68236   7.79163   -5.54511  1.000 105.18883 ? 62  ASN A ND2 1 
ATOM   481 N N   . VAL A 1 63 ? 2.66936   5.12847   -2.58007  1.000 51.44943  ? 63  VAL A N   1 
ATOM   482 C CA  . VAL A 1 63 ? 1.35440   4.54352   -2.81998  1.000 49.49025  ? 63  VAL A CA  1 
ATOM   483 C C   . VAL A 1 63 ? 0.39732   5.64825   -3.21844  1.000 46.89524  ? 63  VAL A C   1 
ATOM   484 O O   . VAL A 1 63 ? 0.14656   6.57321   -2.44056  1.000 53.92659  ? 63  VAL A O   1 
ATOM   485 C CB  . VAL A 1 63 ? 0.83882   3.80219   -1.57946  1.000 46.20176  ? 63  VAL A CB  1 
ATOM   486 C CG1 . VAL A 1 63 ? -0.58085  3.35801   -1.80517  1.000 51.00401  ? 63  VAL A CG1 1 
ATOM   487 C CG2 . VAL A 1 63 ? 1.74043   2.62432   -1.25794  1.000 45.74880  ? 63  VAL A CG2 1 
ATOM   488 N N   . THR A 1 64 ? -0.14802  5.55654   -4.42662  1.000 47.21374  ? 64  THR A N   1 
ATOM   489 C CA  . THR A 1 64 ? -1.17423  6.48710   -4.86394  1.000 48.12431  ? 64  THR A CA  1 
ATOM   490 C C   . THR A 1 64 ? -2.48012  5.74769   -5.09970  1.000 52.39127  ? 64  THR A C   1 
ATOM   491 O O   . THR A 1 64 ? -2.49648  4.71706   -5.77875  1.000 61.53192  ? 64  THR A O   1 
ATOM   492 C CB  . THR A 1 64 ? -0.72826  7.20180   -6.12181  1.000 54.09148  ? 64  THR A CB  1 
ATOM   493 O OG1 . THR A 1 64 ? 0.54595   7.80155   -5.85818  1.000 62.09836  ? 64  THR A OG1 1 
ATOM   494 C CG2 . THR A 1 64 ? -1.74256  8.26966   -6.51284  1.000 60.04503  ? 64  THR A CG2 1 
ATOM   495 N N   . LYS A 1 65 ? -3.56531  6.26119   -4.52049  1.000 58.61204  ? 65  LYS A N   1 
ATOM   496 C CA  . LYS A 1 65 ? -4.88830  5.72315   -4.80267  1.000 62.87555  ? 65  LYS A CA  1 
ATOM   497 C C   . LYS A 1 65 ? -5.30969  6.10571   -6.21477  1.000 72.38078  ? 65  LYS A C   1 
ATOM   498 O O   . LYS A 1 65 ? -5.03660  7.21329   -6.68151  1.000 78.18778  ? 65  LYS A O   1 
ATOM   499 C CB  . LYS A 1 65 ? -5.90961  6.24432   -3.79510  1.000 59.65986  ? 65  LYS A CB  1 
ATOM   500 C CG  . LYS A 1 65 ? -5.52913  6.05048   -2.33186  1.000 56.45791  ? 65  LYS A CG  1 
ATOM   501 C CD  . LYS A 1 65 ? -6.72241  6.42325   -1.44587  1.000 68.43892  ? 65  LYS A CD  1 
ATOM   502 C CE  . LYS A 1 65 ? -6.31178  7.13207   -0.16699  1.000 71.24593  ? 65  LYS A CE  1 
ATOM   503 N NZ  . LYS A 1 65 ? -7.48805  7.42995   0.71333   1.000 79.39796  ? 65  LYS A NZ  1 
ATOM   504 N N   . GLU A 1 66 ? -5.96860  5.18043   -6.90237  1.000 77.04034  ? 66  GLU A N   1 
ATOM   505 C CA  . GLU A 1 66 ? -6.36192  5.38040   -8.28678  1.000 91.77802  ? 66  GLU A CA  1 
ATOM   506 C C   . GLU A 1 66 ? -7.84625  5.10235   -8.42081  1.000 105.26290 ? 66  GLU A C   1 
ATOM   507 O O   . GLU A 1 66 ? -8.44882  4.42891   -7.58190  1.000 111.80239 ? 66  GLU A O   1 
ATOM   508 C CB  . GLU A 1 66 ? -5.58276  4.46658   -9.25033  1.000 90.10148  ? 66  GLU A CB  1 
ATOM   509 C CG  . GLU A 1 66 ? -4.06101  4.50615   -9.08537  1.000 89.44213  ? 66  GLU A CG  1 
ATOM   510 C CD  . GLU A 1 66 ? -3.40828  5.61731   -9.88561  1.000 90.47310  ? 66  GLU A CD  1 
ATOM   511 O OE1 . GLU A 1 66 ? -4.10423  6.24333   -10.71608 1.000 93.79925  ? 66  GLU A OE1 1 
ATOM   512 O OE2 . GLU A 1 66 ? -2.19708  5.85780   -9.68998  1.000 78.76346  ? 66  GLU A OE2 1 
ATOM   513 N N   . ALA A 1 67 ? -8.42893  5.63949   -9.48561  1.000 117.57014 ? 67  ALA A N   1 
ATOM   514 C CA  . ALA A 1 67 ? -9.78667  5.28192   -9.86559  1.000 131.16039 ? 67  ALA A CA  1 
ATOM   515 C C   . ALA A 1 67 ? -9.79915  3.84392   -10.39020 1.000 135.79899 ? 67  ALA A C   1 
ATOM   516 O O   . ALA A 1 67 ? -8.85595  3.39599   -11.04994 1.000 129.71511 ? 67  ALA A O   1 
ATOM   517 C CB  . ALA A 1 67 ? -10.32893 6.24972   -10.91363 1.000 132.57499 ? 67  ALA A CB  1 
ATOM   518 O OXT . ALA A 1 67 ? -10.74455 3.08927   -10.15932 1.000 140.41915 ? 67  ALA A OXT 1 
HETATM 519 C C1  . GOL B 2 .  ? 9.52590   0.50478   8.38161   1.000 80.20497  ? 101 GOL A C1  1 
HETATM 520 O O1  . GOL B 2 .  ? 10.48869  1.28407   7.73439   1.000 78.53695  ? 101 GOL A O1  1 
HETATM 521 C C2  . GOL B 2 .  ? 8.28364   1.41605   8.64386   1.000 82.56251  ? 101 GOL A C2  1 
HETATM 522 O O2  . GOL B 2 .  ? 7.26580   1.23351   7.69596   1.000 62.16576  ? 101 GOL A O2  1 
HETATM 523 C C3  . GOL B 2 .  ? 7.87585   1.19902   10.18347  1.000 82.21570  ? 101 GOL A C3  1 
HETATM 524 O O3  . GOL B 2 .  ? 6.89011   0.20322   10.29468  1.000 71.22759  ? 101 GOL A O3  1 
HETATM 525 C C1  . GOL C 2 .  ? -1.49242  -11.62572 5.90510   1.000 84.32746  ? 102 GOL A C1  1 
HETATM 526 O O1  . GOL C 2 .  ? -2.69246  -10.97646 5.51167   1.000 71.01651  ? 102 GOL A O1  1 
HETATM 527 C C2  . GOL C 2 .  ? -0.39855  -11.24614 4.83880   1.000 92.86806  ? 102 GOL A C2  1 
HETATM 528 O O2  . GOL C 2 .  ? 0.78491   -11.99225 4.94424   1.000 93.92572  ? 102 GOL A O2  1 
HETATM 529 C C3  . GOL C 2 .  ? -1.10527  -11.42089 3.47897   1.000 90.75569  ? 102 GOL A C3  1 
HETATM 530 O O3  . GOL C 2 .  ? -0.17324  -11.95974 2.58596   1.000 90.00740  ? 102 GOL A O3  1 
HETATM 531 O O   . HOH D 3 .  ? 5.05705   0.84785   3.64764   1.000 44.62900  ? 201 HOH A O   1 
HETATM 532 O O   . HOH D 3 .  ? 5.97679   -6.63650  2.33579   1.000 46.31023  ? 202 HOH A O   1 
HETATM 533 O O   . HOH D 3 .  ? -3.17922  8.75133   -2.87479  1.000 56.45728  ? 203 HOH A O   1 
HETATM 534 O O   . HOH D 3 .  ? -8.52484  10.19914  4.22336   1.000 62.15515  ? 204 HOH A O   1 
HETATM 535 O O   . HOH D 3 .  ? 13.03456  -2.35945  4.74613   1.000 51.16053  ? 205 HOH A O   1 
HETATM 536 O O   . HOH D 3 .  ? -1.38837  13.32207  3.13020   1.000 57.16752  ? 206 HOH A O   1 
HETATM 537 O O   . HOH D 3 .  ? -3.25128  17.19836  2.73551   1.000 62.36810  ? 207 HOH A O   1 
HETATM 538 O O   . HOH D 3 .  ? 6.24053   -8.58944  0.33989   1.000 53.02552  ? 208 HOH A O   1 
HETATM 539 O O   . HOH D 3 .  ? 12.13079  -0.44691  11.55945  1.000 59.19564  ? 209 HOH A O   1 
HETATM 540 O O   . HOH D 3 .  ? 6.24434   8.41798   1.49573   1.000 73.48159  ? 210 HOH A O   1 
HETATM 541 O O   . HOH D 3 .  ? -10.67745 4.98414   7.19466   1.000 73.55227  ? 211 HOH A O   1 
HETATM 542 O O   . HOH D 3 .  ? -9.47588  0.70150   12.16395  1.000 65.10657  ? 212 HOH A O   1 
HETATM 543 O O   . HOH D 3 .  ? 6.79531   6.41320   0.15207   1.000 51.20267  ? 213 HOH A O   1 
HETATM 544 O O   . HOH D 3 .  ? 2.11464   13.55747  -2.19598  1.000 69.97555  ? 214 HOH A O   1 
HETATM 545 O O   . HOH D 3 .  ? 7.55280   4.42406   4.42252   1.000 72.12847  ? 215 HOH A O   1 
HETATM 546 O O   . HOH D 3 .  ? 7.98573   3.33156   2.56445   1.000 64.68881  ? 216 HOH A O   1 
HETATM 547 O O   . HOH D 3 .  ? -9.74404  -3.73438  9.16519   1.000 69.84875  ? 217 HOH A O   1 
HETATM 548 O O   . HOH D 3 .  ? 11.94352  -0.46912  3.33684   1.000 56.25014  ? 218 HOH A O   1 
# 
loop_
_atom_site_anisotrop.id 
_atom_site_anisotrop.type_symbol 
_atom_site_anisotrop.pdbx_label_atom_id 
_atom_site_anisotrop.pdbx_label_alt_id 
_atom_site_anisotrop.pdbx_label_comp_id 
_atom_site_anisotrop.pdbx_label_asym_id 
_atom_site_anisotrop.pdbx_label_seq_id 
_atom_site_anisotrop.pdbx_PDB_ins_code 
_atom_site_anisotrop.U[1][1] 
_atom_site_anisotrop.U[2][2] 
_atom_site_anisotrop.U[3][3] 
_atom_site_anisotrop.U[1][2] 
_atom_site_anisotrop.U[1][3] 
_atom_site_anisotrop.U[2][3] 
_atom_site_anisotrop.pdbx_auth_seq_id 
_atom_site_anisotrop.pdbx_auth_comp_id 
_atom_site_anisotrop.pdbx_auth_asym_id 
_atom_site_anisotrop.pdbx_auth_atom_id 
1   N N   . MET A 1  ? 1.05475 0.89916 0.48919 0.20239  0.01545  -0.00996 1  MET A N   
2   C CA  . MET A 1  ? 1.01289 0.85724 0.51989 0.16324  -0.02061 -0.02835 1  MET A CA  
3   C C   . MET A 1  ? 1.04523 0.87744 0.54201 0.15466  -0.06180 -0.08436 1  MET A C   
4   O O   . MET A 1  ? 1.26222 1.08864 0.68461 0.18150  -0.07836 -0.11525 1  MET A O   
5   C CB  . MET A 1  ? 0.91026 0.77189 0.42664 0.16147  -0.03921 -0.00720 1  MET A CB  
6   C CG  . MET A 1  ? 1.05695 0.91250 0.58055 0.16816  -0.00231 0.04673  1  MET A CG  
7   S SD  . MET A 1  ? 1.03055 0.87631 0.65315 0.12569  0.02256  0.06321  1  MET A SD  
8   C CE  . MET A 1  ? 0.83576 0.68969 0.51107 0.09927  -0.01688 0.03915  1  MET A CE  
9   N N   . LEU A 2  ? 0.89707 0.72133 0.46518 0.11629  -0.07759 -0.09753 2  LEU A N   
10  C CA  . LEU A 2  ? 0.96753 0.77592 0.54557 0.09553  -0.11581 -0.14456 2  LEU A CA  
11  C C   . LEU A 2  ? 1.00980 0.85847 0.62637 0.07407  -0.14987 -0.14906 2  LEU A C   
12  O O   . LEU A 2  ? 0.97597 0.85360 0.62461 0.07179  -0.13972 -0.11541 2  LEU A O   
13  C CB  . LEU A 2  ? 0.91303 0.68361 0.54429 0.06798  -0.10619 -0.14905 2  LEU A CB  
14  C CG  . LEU A 2  ? 0.90169 0.64944 0.51705 0.09370  -0.06958 -0.13624 2  LEU A CG  
15  C CD1 . LEU A 2  ? 0.86360 0.58095 0.53359 0.07316  -0.06300 -0.12983 2  LEU A CD1 
16  C CD2 . LEU A 2  ? 0.93233 0.65360 0.47237 0.12997  -0.07012 -0.17234 2  LEU A CD2 
17  N N   . GLU A 3  ? 0.98683 0.83864 0.60569 0.05879  -0.19092 -0.19395 3  GLU A N   
18  C CA  . GLU A 3  ? 1.02701 0.93273 0.70300 0.03494  -0.22477 -0.20273 3  GLU A CA  
19  C C   . GLU A 3  ? 0.89197 0.78209 0.64212 -0.01758 -0.23629 -0.22613 3  GLU A C   
20  O O   . GLU A 3  ? 1.02943 0.86251 0.76426 -0.03023 -0.24291 -0.25785 3  GLU A O   
21  C CB  . GLU A 3  ? 1.03573 0.98078 0.66309 0.05993  -0.26971 -0.23267 3  GLU A CB  
22  C CG  . GLU A 3  ? 1.32219 1.29404 0.88898 0.11000  -0.25960 -0.19498 3  GLU A CG  
23  C CD  . GLU A 3  ? 1.62310 1.63028 1.14917 0.13445  -0.28841 -0.20881 3  GLU A CD  
24  O OE1 . GLU A 3  ? 1.65898 1.66654 1.19484 0.11276  -0.31689 -0.25321 3  GLU A OE1 
25  O OE2 . GLU A 3  ? 1.73465 1.76281 1.21722 0.17479  -0.28243 -0.17369 3  GLU A OE2 
26  N N   . GLY A 4  ? 0.99541 0.93158 0.82446 -0.04619 -0.23443 -0.20840 4  GLY A N   
27  C CA  . GLY A 4  ? 0.98418 0.90851 0.88618 -0.09839 -0.23454 -0.21807 4  GLY A CA  
28  C C   . GLY A 4  ? 0.85391 0.86147 0.84153 -0.12370 -0.24502 -0.21301 4  GLY A C   
29  O O   . GLY A 4  ? 0.79159 0.86629 0.78331 -0.09597 -0.25738 -0.20537 4  GLY A O   
30  N N   . LYS A 5  ? 0.91219 0.91408 0.97026 -0.17432 -0.23633 -0.21388 5  LYS A N   
31  C CA  . LYS A 5  ? 0.82445 0.91074 0.97882 -0.20474 -0.23495 -0.20625 5  LYS A CA  
32  C C   . LYS A 5  ? 0.86731 0.92796 1.04705 -0.22754 -0.18457 -0.16569 5  LYS A C   
33  O O   . LYS A 5  ? 0.98423 0.96197 1.14248 -0.24780 -0.16850 -0.15866 5  LYS A O   
34  C CB  . LYS A 5  ? 0.74484 0.85687 0.96216 -0.25087 -0.26999 -0.24419 5  LYS A CB  
35  C CG  . LYS A 5  ? 0.83015 1.06338 1.12700 -0.25558 -0.29326 -0.24947 5  LYS A CG  
36  C CD  . LYS A 5  ? 0.94257 1.18620 1.25773 -0.28654 -0.33055 -0.28082 5  LYS A CD  
37  C CE  . LYS A 5  ? 0.93698 1.13424 1.30513 -0.35473 -0.31055 -0.27724 5  LYS A CE  
38  N NZ  . LYS A 5  ? 0.93151 1.14893 1.33174 -0.39196 -0.34994 -0.31107 5  LYS A NZ  
39  N N   . VAL A 6  ? 0.68997 0.81664 0.90513 -0.21726 -0.15998 -0.13919 6  VAL A N   
40  C CA  . VAL A 6  ? 0.64980 0.76049 0.87847 -0.23549 -0.11267 -0.10326 6  VAL A CA  
41  C C   . VAL A 6  ? 0.66905 0.77950 0.96928 -0.29622 -0.10333 -0.10281 6  VAL A C   
42  O O   . VAL A 6  ? 0.64803 0.84214 1.03870 -0.32471 -0.11410 -0.11664 6  VAL A O   
43  C CB  . VAL A 6  ? 0.66214 0.84651 0.91332 -0.20926 -0.08874 -0.08427 6  VAL A CB  
44  C CG1 . VAL A 6  ? 0.64137 0.81541 0.89853 -0.22832 -0.04041 -0.05216 6  VAL A CG1 
45  C CG2 . VAL A 6  ? 0.57311 0.73508 0.75334 -0.15483 -0.09268 -0.07946 6  VAL A CG2 
46  N N   . LYS A 7  ? 0.69453 0.71203 0.96033 -0.31621 -0.08342 -0.08457 7  LYS A N   
47  C CA  . LYS A 7  ? 0.85636 0.84626 1.18208 -0.37628 -0.07222 -0.07884 7  LYS A CA  
48  C C   . LYS A 7  ? 0.79163 0.84417 1.17150 -0.39889 -0.02373 -0.03948 7  LYS A C   
49  O O   . LYS A 7  ? 0.87563 0.98804 1.35053 -0.43938 -0.01779 -0.03784 7  LYS A O   
50  C CB  . LYS A 7  ? 0.90079 0.76088 1.16426 -0.37897 -0.06516 -0.06662 7  LYS A CB  
51  C CG  . LYS A 7  ? 0.95579 0.77214 1.28027 -0.41504 -0.05221 -0.06479 7  LYS A CG  
52  C CD  . LYS A 7  ? 0.98706 0.68017 1.24586 -0.39888 -0.04083 -0.05279 7  LYS A CD  
53  C CE  . LYS A 7  ? 1.12837 0.76858 1.43401 -0.43481 -0.02245 -0.05228 7  LYS A CE  
54  N NZ  . LYS A 7  ? 1.23492 0.76340 1.48812 -0.41377 -0.00493 -0.01918 7  LYS A NZ  
55  N N   . 4FW A 8  ? 0.82987 0.86928 1.14425 -0.36370 0.00910  -0.00651 8  4FW A N   
56  C CA  . 4FW A 8  ? 0.80980 0.91403 1.14844 -0.36604 0.05673  0.02583  8  4FW A CA  
57  C CB  . 4FW A 8  ? 0.91466 0.97868 1.26833 -0.41273 0.10202  0.06948  8  4FW A CB  
58  C CG  . 4FW A 8  ? 1.09292 1.03219 1.35793 -0.40637 0.10582  0.09517  8  4FW A CG  
59  C CD2 . 4FW A 8  ? 1.10382 1.00020 1.27066 -0.37053 0.13122  0.13135  8  4FW A CD2 
60  C CE2 . 4FW A 8  ? 1.17968 0.95888 1.29318 -0.37024 0.11939  0.14774  8  4FW A CE2 
61  C CE3 . 4FW A 8  ? 1.13190 1.07294 1.24676 -0.33490 0.15859  0.14754  8  4FW A CE3 
62  C CD1 . 4FW A 8  ? 1.13752 0.98268 1.40096 -0.41598 0.07943  0.08600  8  4FW A CD1 
63  N NE1 . 4FW A 8  ? 1.11468 0.86528 1.29149 -0.39081 0.09011  0.11789  8  4FW A NE1 
64  C CZ2 . 4FW A 8  ? 1.22275 0.94488 1.24047 -0.33756 0.13140  0.18298  8  4FW A CZ2 
65  C CZ3 . 4FW A 8  ? 1.03436 0.91299 1.04765 -0.30564 0.16781  0.17648  8  4FW A CZ3 
66  F F   . 4FW A 8  ? 1.18445 1.22832 1.34495 -0.32483 0.17320  0.13222  8  4FW A F   
67  C CH2 . 4FW A 8  ? 1.09211 0.86873 1.06110 -0.30697 0.15228  0.19545  8  4FW A CH2 
68  C C   . 4FW A 8  ? 0.79026 0.88000 1.03830 -0.30921 0.06613  0.03539  8  4FW A C   
69  O O   . 4FW A 8  ? 0.74617 0.76841 0.92221 -0.28034 0.04318  0.02792  8  4FW A O   
70  N N   . PHE A 9  ? 0.60939 0.76837 0.86727 -0.29274 0.10081  0.04858  9  PHE A N   
71  C CA  . PHE A 9  ? 0.71112 0.85396 0.88615 -0.24438 0.11221  0.05341  9  PHE A CA  
72  C C   . PHE A 9  ? 0.84733 1.03730 1.01805 -0.24179 0.16656  0.07875  9  PHE A C   
73  O O   . PHE A 9  ? 0.96677 1.24355 1.22029 -0.25996 0.19341  0.08257  9  PHE A O   
74  C CB  . PHE A 9  ? 0.57363 0.75045 0.75078 -0.20253 0.08293  0.02183  9  PHE A CB  
75  C CG  . PHE A 9  ? 0.70822 0.84011 0.80126 -0.16062 0.08233  0.01960  9  PHE A CG  
76  C CD1 . PHE A 9  ? 0.62044 0.67552 0.65465 -0.15277 0.05690  0.01794  9  PHE A CD1 
77  C CD2 . PHE A 9  ? 0.68590 0.85465 0.76566 -0.12903 0.10657  0.01530  9  PHE A CD2 
78  C CE1 . PHE A 9  ? 0.59864 0.62001 0.57272 -0.12266 0.05312  0.01335  9  PHE A CE1 
79  C CE2 . PHE A 9  ? 0.71097 0.83064 0.71842 -0.09662 0.10094  0.00622  9  PHE A CE2 
80  C CZ  . PHE A 9  ? 0.75954 0.80827 0.71932 -0.09749 0.07269  0.00574  9  PHE A CZ  
81  N N   . ASN A 10 ? 0.77633 0.91563 0.85114 -0.21816 0.18293  0.09507  10 ASN A N   
82  C CA  . ASN A 10 ? 0.88641 1.06335 0.92895 -0.20508 0.23464  0.11489  10 ASN A CA  
83  C C   . ASN A 10 ? 0.76911 0.96626 0.77288 -0.15273 0.22847  0.08274  10 ASN A C   
84  O O   . ASN A 10 ? 0.81496 0.94970 0.73625 -0.12726 0.20554  0.07142  10 ASN A O   
85  C CB  . ASN A 10 ? 0.96554 1.07105 0.91492 -0.21027 0.25391  0.15315  10 ASN A CB  
86  C CG  . ASN A 10 ? 1.06853 1.21665 0.98124 -0.20246 0.31590  0.18111  10 ASN A CG  
87  O OD1 . ASN A 10 ? 1.02376 1.23425 0.93589 -0.17050 0.33742  0.15949  10 ASN A OD1 
88  N ND2 . ASN A 10 ? 1.14580 1.25630 1.02339 -0.22802 0.34841  0.23133  10 ASN A ND2 
89  N N   . SER A 11 ? 0.81255 1.09721 0.88293 -0.13673 0.24816  0.06722  11 SER A N   
90  C CA  . SER A 11 ? 0.88796 1.18008 0.92967 -0.08396 0.24102  0.03449  11 SER A CA  
91  C C   . SER A 11 ? 0.92397 1.17674 0.85608 -0.05453 0.26648  0.03259  11 SER A C   
92  O O   . SER A 11 ? 0.85433 1.05146 0.72384 -0.02387 0.24049  0.00521  11 SER A O   
93  C CB  . SER A 11 ? 1.01407 1.41326 1.15252 -0.06551 0.26115  0.02211  11 SER A CB  
94  O OG  . SER A 11 ? 1.08352 1.47488 1.19542 -0.00980 0.25256  -0.00866 11 SER A OG  
95  N N   . GLU A 12 ? 0.87880 1.15822 0.78363 -0.06467 0.31723  0.06119  12 GLU A N   
96  C CA  . GLU A 12 ? 0.97888 1.22420 0.76309 -0.03207 0.33995  0.05669  12 GLU A CA  
97  C C   . GLU A 12 ? 0.98596 1.13406 0.67782 -0.03442 0.29324  0.05485  12 GLU A C   
98  O O   . GLU A 12 ? 1.10122 1.20674 0.71690 -0.00224 0.27151  0.02159  12 GLU A O   
99  C CB  . GLU A 12 ? 0.92775 1.21960 0.69093 -0.04341 0.40770  0.09781  12 GLU A CB  
100 C CG  . GLU A 12 ? 1.13618 1.54406 0.99947 -0.03812 0.46235  0.09975  12 GLU A CG  
101 C CD  . GLU A 12 ? 1.27351 1.71385 1.08854 0.02518  0.49310  0.06271  12 GLU A CD  
102 O OE1 . GLU A 12 ? 1.40071 1.77687 1.15274 0.06237  0.45229  0.01846  12 GLU A OE1 
103 O OE2 . GLU A 12 ? 1.19407 1.70969 1.04073 0.03199  0.55037  0.07193  12 GLU A OE2 
104 N N   . LYS A 13 ? 1.03869 1.15168 0.74542 -0.07219 0.27446  0.08703  13 LYS A N   
105 C CA  . LYS A 13 ? 1.02373 1.05821 0.65364 -0.07132 0.23316  0.09150  13 LYS A CA  
106 C C   . LYS A 13 ? 0.98354 0.98456 0.64821 -0.06969 0.17751  0.06070  13 LYS A C   
107 O O   . LYS A 13 ? 1.01622 0.96879 0.62509 -0.05866 0.14147  0.04940  13 LYS A O   
108 C CB  . LYS A 13 ? 1.17867 1.18320 0.80285 -0.10421 0.24408  0.14363  13 LYS A CB  
109 C CG  . LYS A 13 ? 1.40898 1.44683 1.00326 -0.11090 0.30943  0.18517  13 LYS A CG  
110 C CD  . LYS A 13 ? 1.64198 1.62864 1.21427 -0.14101 0.32322  0.24484  13 LYS A CD  
111 C CE  . LYS A 13 ? 1.76963 1.71635 1.20160 -0.11110 0.32993  0.27322  13 LYS A CE  
112 N NZ  . LYS A 13 ? 1.81918 1.72366 1.18146 -0.07759 0.26777  0.23677  13 LYS A NZ  
113 N N   . GLY A 14 ? 0.98160 1.01341 0.73730 -0.07928 0.16986  0.04811  14 GLY A N   
114 C CA  . GLY A 14 ? 0.93151 0.93445 0.70907 -0.07171 0.12628  0.02235  14 GLY A CA  
115 C C   . GLY A 14 ? 0.78983 0.75194 0.58173 -0.09362 0.09495  0.03597  14 GLY A C   
116 O O   . GLY A 14 ? 0.88021 0.80706 0.65784 -0.08468 0.06283  0.02215  14 GLY A O   
117 N N   . PHE A 15 ? 0.71646 0.68065 0.54033 -0.12238 0.10567  0.06183  15 PHE A N   
118 C CA  . PHE A 15 ? 0.69952 0.61901 0.53802 -0.13733 0.07720  0.06818  15 PHE A CA  
119 C C   . PHE A 15 ? 0.76451 0.69769 0.66738 -0.17154 0.08794  0.07950  15 PHE A C   
120 O O   . PHE A 15 ? 0.86656 0.84558 0.80353 -0.18886 0.12052  0.09146  15 PHE A O   
121 C CB  . PHE A 15 ? 0.85025 0.71440 0.62330 -0.13172 0.06711  0.09014  15 PHE A CB  
122 C CG  . PHE A 15 ? 0.97160 0.82188 0.71232 -0.14579 0.09855  0.12958  15 PHE A CG  
123 C CD1 . PHE A 15 ? 1.07786 0.88190 0.83465 -0.16893 0.10078  0.15777  15 PHE A CD1 
124 C CD2 . PHE A 15 ? 1.03202 0.90812 0.72042 -0.13389 0.12888  0.13953  15 PHE A CD2 
125 C CE1 . PHE A 15 ? 1.10339 0.88364 0.82850 -0.18333 0.13420  0.20259  15 PHE A CE1 
126 C CE2 . PHE A 15 ? 1.17505 1.03743 0.82486 -0.14522 0.16440  0.18375  15 PHE A CE2 
127 C CZ  . PHE A 15 ? 1.13488 0.94752 0.80505 -0.17168 0.16778  0.21904  15 PHE A CZ  
128 N N   . GLY A 16 ? 0.76186 0.65637 0.68418 -0.18196 0.06108  0.07321  16 GLY A N   
129 C CA  . GLY A 16 ? 0.82904 0.72343 0.81147 -0.21794 0.06198  0.07418  16 GLY A CA  
130 C C   . GLY A 16 ? 0.78413 0.62204 0.76488 -0.21759 0.02911  0.05834  16 GLY A C   
131 O O   . GLY A 16 ? 0.76837 0.56115 0.70022 -0.19287 0.01582  0.06161  16 GLY A O   
132 N N   . PHE A 17 ? 0.70974 0.55530 0.74504 -0.24255 0.01451  0.03740  17 PHE A N   
133 C CA  . PHE A 17 ? 0.69317 0.47914 0.71738 -0.23935 -0.01422 0.01640  17 PHE A CA  
134 C C   . PHE A 17 ? 0.84110 0.67085 0.90172 -0.24003 -0.04311 -0.02380 17 PHE A C   
135 O O   . PHE A 17 ? 0.77508 0.66975 0.89738 -0.26373 -0.04441 -0.03412 17 PHE A O   
136 C CB  . PHE A 17 ? 0.80718 0.51626 0.84005 -0.27202 -0.00729 0.03134  17 PHE A CB  
137 C CG  . PHE A 17 ? 0.93786 0.58038 0.91151 -0.25352 0.00736  0.06896  17 PHE A CG  
138 C CD1 . PHE A 17 ? 0.96536 0.61218 0.92234 -0.26359 0.03984  0.11150  17 PHE A CD1 
139 C CD2 . PHE A 17 ? 1.02547 0.60981 0.95736 -0.22015 -0.01128 0.06260  17 PHE A CD2 
140 C CE1 . PHE A 17 ? 1.02728 0.61697 0.92048 -0.24060 0.04684  0.14762  17 PHE A CE1 
141 C CE2 . PHE A 17 ? 0.92110 0.45599 0.80457 -0.19711 -0.00416 0.09757  17 PHE A CE2 
142 C CZ  . PHE A 17 ? 1.08266 0.61849 0.94322 -0.20682 0.02136  0.14020  17 PHE A CZ  
143 N N   . ILE A 18 ? 0.76069 0.56104 0.78204 -0.21064 -0.06584 -0.04483 18 ILE A N   
144 C CA  . ILE A 18 ? 0.79024 0.61693 0.82001 -0.20326 -0.09688 -0.08265 18 ILE A CA  
145 C C   . ILE A 18 ? 0.99740 0.75611 1.02467 -0.22214 -0.11600 -0.10947 18 ILE A C   
146 O O   . ILE A 18 ? 1.04882 0.73059 1.03603 -0.20894 -0.10937 -0.10307 18 ILE A O   
147 C CB  . ILE A 18 ? 0.78658 0.62240 0.76499 -0.15615 -0.10292 -0.08597 18 ILE A CB  
148 C CG1 . ILE A 18 ? 0.63913 0.52201 0.62103 -0.14087 -0.08428 -0.06232 18 ILE A CG1 
149 C CG2 . ILE A 18 ? 0.72799 0.58923 0.69810 -0.14331 -0.13480 -0.12095 18 ILE A CG2 
150 C CD1 . ILE A 18 ? 0.67392 0.55799 0.61510 -0.10229 -0.08362 -0.05741 18 ILE A CD1 
151 N N   . GLU A 19 ? 0.90011 0.68754 0.97433 -0.25183 -0.14199 -0.14227 19 GLU A N   
152 C CA  . GLU A 19 ? 0.97757 0.70336 1.04949 -0.26880 -0.16345 -0.17979 19 GLU A CA  
153 C C   . GLU A 19 ? 1.08251 0.80956 1.09220 -0.22698 -0.19324 -0.21815 19 GLU A C   
154 O O   . GLU A 19 ? 0.92523 0.72332 0.92909 -0.20670 -0.21396 -0.22726 19 GLU A O   
155 C CB  . GLU A 19 ? 0.96656 0.74050 1.11799 -0.31993 -0.16852 -0.19659 19 GLU A CB  
156 C CG  . GLU A 19 ? 1.25472 0.95835 1.40651 -0.34896 -0.16906 -0.22233 19 GLU A CG  
157 C CD  . GLU A 19 ? 1.35031 1.11271 1.56509 -0.40260 -0.18836 -0.23988 19 GLU A CD  
158 O OE1 . GLU A 19 ? 1.31922 1.18600 1.58599 -0.40861 -0.19947 -0.22891 19 GLU A OE1 
159 O OE2 . GLU A 19 ? 1.54413 1.25027 1.76146 -0.43663 -0.19573 -0.26313 19 GLU A OE2 
160 N N   . VAL A 20 ? 1.12178 0.77202 1.08105 -0.20725 -0.19074 -0.23647 20 VAL A N   
161 C CA  . VAL A 20 ? 1.22456 0.87295 1.11967 -0.16983 -0.21255 -0.27503 20 VAL A CA  
162 C C   . VAL A 20 ? 1.30172 0.88542 1.18958 -0.18465 -0.21774 -0.31146 20 VAL A C   
163 O O   . VAL A 20 ? 1.43447 0.93905 1.32247 -0.18615 -0.19564 -0.30126 20 VAL A O   
164 C CB  . VAL A 20 ? 0.96371 0.58529 0.78613 -0.11513 -0.19817 -0.26082 20 VAL A CB  
165 C CG1 . VAL A 20 ? 1.38223 0.97206 1.13665 -0.07793 -0.20448 -0.29818 20 VAL A CG1 
166 C CG2 . VAL A 20 ? 1.15492 0.85426 0.96961 -0.09418 -0.19586 -0.23630 20 VAL A CG2 
167 N N   . GLU A 21 ? 1.43415 1.04845 1.31411 -0.19456 -0.24898 -0.35266 21 GLU A N   
168 C CA  . GLU A 21 ? 1.44158 0.98713 1.30290 -0.20810 -0.25812 -0.39480 21 GLU A CA  
169 C C   . GLU A 21 ? 1.39442 0.87131 1.17917 -0.15316 -0.24217 -0.40492 21 GLU A C   
170 O O   . GLU A 21 ? 1.27851 0.78668 1.00216 -0.10347 -0.24279 -0.40373 21 GLU A O   
171 C CB  . GLU A 21 ? 1.48595 1.08141 1.33868 -0.22225 -0.30142 -0.43856 21 GLU A CB  
172 N N   . GLY A 22 ? 1.69766 1.08213 1.48792 -0.15967 -0.22347 -0.40989 22 GLY A N   
173 C CA  . GLY A 22 ? 1.89827 1.22029 1.62619 -0.10475 -0.20628 -0.41916 22 GLY A CA  
174 C C   . GLY A 22 ? 1.83795 1.12545 1.57905 -0.08162 -0.17402 -0.37026 22 GLY A C   
175 O O   . GLY A 22 ? 1.86230 1.06785 1.60945 -0.07451 -0.15746 -0.36789 22 GLY A O   
176 N N   . GLN A 23 ? 1.69592 1.04252 1.43909 -0.06797 -0.16672 -0.33103 23 GLN A N   
177 C CA  . GLN A 23 ? 1.66438 0.98725 1.41756 -0.04925 -0.14160 -0.28281 23 GLN A CA  
178 C C   . GLN A 23 ? 1.59165 0.90578 1.41016 -0.09867 -0.13426 -0.24458 23 GLN A C   
179 O O   . GLN A 23 ? 1.35477 0.69433 1.21851 -0.14784 -0.14445 -0.25387 23 GLN A O   
180 C CB  . GLN A 23 ? 1.66598 1.04832 1.38759 -0.01590 -0.13496 -0.26019 23 GLN A CB  
181 C CG  . GLN A 23 ? 1.72759 1.11812 1.38094 0.04367  -0.12477 -0.28251 23 GLN A CG  
182 C CD  . GLN A 23 ? 1.51404 0.95322 1.16002 0.07788  -0.09726 -0.24213 23 GLN A CD  
183 O OE1 . GLN A 23 ? 1.40367 0.87256 1.09922 0.05781  -0.08768 -0.19739 23 GLN A OE1 
184 N NE2 . GLN A 23 ? 1.50880 0.97661 1.10551 0.12565  -0.07798 -0.25127 23 GLN A NE2 
185 N N   . ASP A 24 ? 1.53659 0.81941 1.35867 -0.08267 -0.11405 -0.19935 24 ASP A N   
186 C CA  . ASP A 24 ? 1.30764 0.59191 1.17420 -0.11970 -0.10136 -0.15283 24 ASP A CA  
187 C C   . ASP A 24 ? 1.16844 0.53954 1.05213 -0.14383 -0.10627 -0.13765 24 ASP A C   
188 O O   . ASP A 24 ? 1.05547 0.47629 0.91320 -0.12525 -0.11873 -0.15464 24 ASP A O   
189 C CB  . ASP A 24 ? 1.37023 0.61561 1.22103 -0.08754 -0.08368 -0.10568 24 ASP A CB  
190 C CG  . ASP A 24 ? 1.48144 0.64525 1.31708 -0.05131 -0.07807 -0.11665 24 ASP A CG  
191 O OD1 . ASP A 24 ? 1.52147 0.62578 1.37933 -0.07433 -0.07621 -0.13396 24 ASP A OD1 
192 O OD2 . ASP A 24 ? 1.40872 0.56973 1.21636 0.00132  -0.07363 -0.10729 24 ASP A OD2 
193 N N   . ASP A 25 ? 1.06305 0.45063 0.98821 -0.18178 -0.09249 -0.10280 25 ASP A N   
194 C CA  . ASP A 25 ? 1.02335 0.49050 0.96339 -0.19924 -0.09154 -0.08494 25 ASP A CA  
195 C C   . ASP A 25 ? 0.99906 0.49072 0.90135 -0.16080 -0.08014 -0.05443 25 ASP A C   
196 O O   . ASP A 25 ? 1.04597 0.48950 0.92044 -0.13110 -0.07329 -0.03603 25 ASP A O   
197 C CB  . ASP A 25 ? 1.05336 0.53909 1.04726 -0.24500 -0.07140 -0.05553 25 ASP A CB  
198 C CG  . ASP A 25 ? 1.12853 0.61114 1.18222 -0.28439 -0.07756 -0.08734 25 ASP A CG  
199 O OD1 . ASP A 25 ? 1.15804 0.63815 1.20339 -0.27810 -0.10326 -0.13793 25 ASP A OD1 
200 O OD2 . ASP A 25 ? 1.13948 0.62249 1.24514 -0.32185 -0.05468 -0.06209 25 ASP A OD2 
201 N N   . VAL A 26 ? 0.82406 0.40193 0.73425 -0.15647 -0.07808 -0.05094 26 VAL A N   
202 C CA  . VAL A 26 ? 0.72402 0.33830 0.61131 -0.12325 -0.06875 -0.03036 26 VAL A CA  
203 C C   . VAL A 26 ? 0.88580 0.54611 0.78560 -0.13897 -0.05400 -0.00247 26 VAL A C   
204 O O   . VAL A 26 ? 0.87130 0.58493 0.79744 -0.15566 -0.05275 -0.01043 26 VAL A O   
205 C CB  . VAL A 26 ? 0.80411 0.46276 0.67798 -0.09663 -0.07670 -0.05243 26 VAL A CB  
206 C CG1 . VAL A 26 ? 0.74792 0.43762 0.61246 -0.07211 -0.06566 -0.03052 26 VAL A CG1 
207 C CG2 . VAL A 26 ? 0.87659 0.49060 0.72445 -0.07606 -0.08714 -0.08333 26 VAL A CG2 
208 N N   . PHE A 27 ? 0.79047 0.43256 0.66821 -0.12872 -0.04429 0.02819  27 PHE A N   
209 C CA  . PHE A 27 ? 0.80993 0.49333 0.67945 -0.13302 -0.03148 0.04898  27 PHE A CA  
210 C C   . PHE A 27 ? 0.75632 0.49932 0.63209 -0.11980 -0.03526 0.03192  27 PHE A C   
211 O O   . PHE A 27 ? 0.70128 0.44967 0.57358 -0.09824 -0.04511 0.02074  27 PHE A O   
212 C CB  . PHE A 27 ? 0.82038 0.47543 0.65208 -0.11361 -0.03174 0.07803  27 PHE A CB  
213 C CG  . PHE A 27 ? 0.83652 0.52834 0.64121 -0.11188 -0.02343 0.09308  27 PHE A CG  
214 C CD1 . PHE A 27 ? 0.96406 0.64768 0.74782 -0.12893 -0.00161 0.11971  27 PHE A CD1 
215 C CD2 . PHE A 27 ? 0.76334 0.49298 0.56025 -0.09336 -0.03570 0.08016  27 PHE A CD2 
216 C CE1 . PHE A 27 ? 0.94694 0.66206 0.69083 -0.12091 0.00737  0.12867  27 PHE A CE1 
217 C CE2 . PHE A 27 ? 0.79655 0.55073 0.56018 -0.09021 -0.03214 0.08458  27 PHE A CE2 
218 C CZ  . PHE A 27 ? 0.81803 0.56557 0.54914 -0.10042 -0.01102 0.10684  27 PHE A CZ  
219 N N   . VAL A 28 ? 0.73791 0.52386 0.62582 -0.13141 -0.02348 0.03174  28 VAL A N   
220 C CA  . VAL A 28 ? 0.66082 0.48815 0.55133 -0.11558 -0.02516 0.01855  28 VAL A CA  
221 C C   . VAL A 28 ? 0.66435 0.51007 0.53421 -0.11362 -0.01029 0.02765  28 VAL A C   
222 O O   . VAL A 28 ? 0.73107 0.59195 0.60460 -0.12819 0.00920  0.03852  28 VAL A O   
223 C CB  . VAL A 28 ? 0.61418 0.47930 0.53911 -0.11806 -0.02977 -0.00014 28 VAL A CB  
224 C CG1 . VAL A 28 ? 0.71866 0.61573 0.68069 -0.14369 -0.01753 0.00215  28 VAL A CG1 
225 C CG2 . VAL A 28 ? 0.65087 0.54305 0.57290 -0.09611 -0.02918 -0.00673 28 VAL A CG2 
226 N N   . HIS A 29 ? 0.73564 0.58004 0.58414 -0.09674 -0.01786 0.02166  29 HIS A N   
227 C CA  . HIS A 29 ? 0.70484 0.56029 0.52362 -0.08978 -0.00934 0.01807  29 HIS A CA  
228 C C   . HIS A 29 ? 0.74420 0.61954 0.58151 -0.07776 -0.00568 -0.00190 29 HIS A C   
229 O O   . HIS A 29 ? 0.64244 0.51667 0.50513 -0.07233 -0.01478 -0.00734 29 HIS A O   
230 C CB  . HIS A 29 ? 0.66387 0.49956 0.44987 -0.08145 -0.02812 0.01857  29 HIS A CB  
231 C CG  . HIS A 29 ? 0.73487 0.57446 0.47514 -0.07338 -0.02636 0.00766  29 HIS A CG  
232 N ND1 . HIS A 29 ? 0.77589 0.61174 0.51462 -0.06631 -0.03823 -0.01884 29 HIS A ND1 
233 C CD2 . HIS A 29 ? 0.81630 0.65748 0.50350 -0.07016 -0.01332 0.01830  29 HIS A CD2 
234 C CE1 . HIS A 29 ? 0.82346 0.65729 0.50769 -0.05771 -0.03694 -0.03180 29 HIS A CE1 
235 N NE2 . HIS A 29 ? 0.90069 0.74192 0.54817 -0.05743 -0.02018 -0.00799 29 HIS A NE2 
236 N N   . PHE A 30 ? 0.76922 0.65864 0.58725 -0.06845 0.00989  -0.01129 30 PHE A N   
237 C CA  . PHE A 30 ? 0.70501 0.60837 0.54419 -0.05037 0.01608  -0.02828 30 PHE A CA  
238 C C   . PHE A 30 ? 0.66097 0.52694 0.49788 -0.04147 -0.00123 -0.03996 30 PHE A C   
239 O O   . PHE A 30 ? 0.71646 0.58003 0.57520 -0.02632 -0.00014 -0.04406 30 PHE A O   
240 C CB  . PHE A 30 ? 0.81190 0.73524 0.62844 -0.03527 0.04074  -0.03962 30 PHE A CB  
241 C CG  . PHE A 30 ? 0.75371 0.64095 0.50967 -0.02620 0.03487  -0.05787 30 PHE A CG  
242 C CD1 . PHE A 30 ? 0.75345 0.60362 0.50321 -0.01158 0.02297  -0.08404 30 PHE A CD1 
243 C CD2 . PHE A 30 ? 0.79263 0.67853 0.49453 -0.03205 0.03920  -0.04944 30 PHE A CD2 
244 C CE1 . PHE A 30 ? 0.84538 0.66080 0.54240 -0.00775 0.01079  -0.10951 30 PHE A CE1 
245 C CE2 . PHE A 30 ? 0.88913 0.74667 0.52713 -0.02154 0.02573  -0.07235 30 PHE A CE2 
246 C CZ  . PHE A 30 ? 0.94281 0.76667 0.58166 -0.01165 0.00925  -0.10656 30 PHE A CZ  
247 N N   . SER A 31 ? 0.65372 0.49294 0.46926 -0.05086 -0.01733 -0.04244 31 SER A N   
248 C CA  . SER A 31 ? 0.72084 0.52952 0.54976 -0.05241 -0.03143 -0.05103 31 SER A CA  
249 C C   . SER A 31 ? 0.73718 0.54690 0.60136 -0.05348 -0.03187 -0.03367 31 SER A C   
250 O O   . SER A 31 ? 0.75932 0.54471 0.64012 -0.05377 -0.03307 -0.03303 31 SER A O   
251 C CB  . SER A 31 ? 0.69954 0.50015 0.51338 -0.06557 -0.05307 -0.05732 31 SER A CB  
252 O OG  . SER A 31 ? 0.77880 0.59782 0.60096 -0.07186 -0.05942 -0.03573 31 SER A OG  
253 N N   . ALA A 32 ? 0.68531 0.51779 0.55733 -0.05490 -0.02976 -0.02002 32 ALA A N   
254 C CA  . ALA A 32 ? 0.64852 0.48229 0.53726 -0.04977 -0.03003 -0.00860 32 ALA A CA  
255 C C   . ALA A 32 ? 0.73272 0.57454 0.62621 -0.03130 -0.02485 -0.00774 32 ALA A C   
256 O O   . ALA A 32 ? 0.68143 0.52043 0.57408 -0.02061 -0.02527 0.00287  32 ALA A O   
257 C CB  . ALA A 32 ? 0.57646 0.42131 0.46496 -0.05630 -0.03452 -0.00274 32 ALA A CB  
258 N N   . ILE A 33 ? 0.66298 0.51861 0.55849 -0.02182 -0.01925 -0.01730 33 ILE A N   
259 C CA  . ILE A 33 ? 0.62802 0.50833 0.53717 0.00121  -0.01932 -0.01592 33 ILE A CA  
260 C C   . ILE A 33 ? 0.72822 0.56877 0.62964 0.02450  -0.01561 -0.00848 33 ILE A C   
261 O O   . ILE A 33 ? 0.73272 0.53421 0.62751 0.02563  -0.00839 -0.01715 33 ILE A O   
262 C CB  . ILE A 33 ? 0.63382 0.55741 0.56134 0.00580  -0.01014 -0.02709 33 ILE A CB  
263 C CG1 . ILE A 33 ? 0.53542 0.48692 0.47194 -0.02296 -0.00845 -0.02631 33 ILE A CG1 
264 C CG2 . ILE A 33 ? 0.63653 0.60224 0.59233 0.03394  -0.01516 -0.02659 33 ILE A CG2 
265 C CD1 . ILE A 33 ? 0.69064 0.68988 0.64918 -0.02415 0.01057  -0.03088 33 ILE A CD1 
266 N N   . GLN A 34 ? 0.70182 0.54659 0.59894 0.04462  -0.02143 0.00708  34 GLN A N   
267 C CA  . GLN A 34 ? 0.71119 0.50728 0.59449 0.06740  -0.01447 0.02585  34 GLN A CA  
268 C C   . GLN A 34 ? 0.70900 0.51403 0.59916 0.10693  -0.01625 0.02565  34 GLN A C   
269 O O   . GLN A 34 ? 0.81037 0.67929 0.72294 0.11780  -0.02551 0.01344  34 GLN A O   
270 C CB  . GLN A 34 ? 0.80885 0.60116 0.66817 0.07421  -0.01582 0.05032  34 GLN A CB  
271 C CG  . GLN A 34 ? 0.79337 0.58316 0.65230 0.04378  -0.01010 0.05099  34 GLN A CG  
272 C CD  . GLN A 34 ? 0.85511 0.60229 0.73315 0.02026  0.00301  0.05295  34 GLN A CD  
273 O OE1 . GLN A 34 ? 0.99170 0.69346 0.87000 0.02415  0.01712  0.07312  34 GLN A OE1 
274 N NE2 . GLN A 34 ? 0.84717 0.60715 0.74180 -0.00511 -0.00366 0.03268  34 GLN A NE2 
275 N N   . GLY A 35 ? 0.77121 0.51222 0.64889 0.12895  -0.00654 0.04118  35 GLY A N   
276 C CA  . GLY A 35 ? 0.79914 0.53934 0.68001 0.17774  -0.00876 0.04725  35 GLY A CA  
277 C C   . GLY A 35 ? 0.85694 0.57023 0.75181 0.18890  0.00343  0.02079  35 GLY A C   
278 O O   . GLY A 35 ? 1.05630 0.73838 0.94780 0.15782  0.01178  -0.00191 35 GLY A O   
279 N N   . GLU A 36 ? 0.88151 0.61127 0.78917 0.23970  0.00240  0.02173  36 GLU A N   
280 C CA  . GLU A 36 ? 0.96886 0.66840 0.88416 0.26666  0.01781  -0.00420 36 GLU A CA  
281 C C   . GLU A 36 ? 0.88773 0.68339 0.83441 0.26312  0.02440  -0.03368 36 GLU A C   
282 O O   . GLU A 36 ? 0.99349 0.87505 0.96419 0.23847  0.01481  -0.03109 36 GLU A O   
283 C CB  . GLU A 36 ? 1.20088 0.86695 1.11725 0.33292  0.01729  0.01498  36 GLU A CB  
284 C CG  . GLU A 36 ? 1.39003 0.94834 1.27056 0.33727  0.01861  0.05300  36 GLU A CG  
285 C CD  . GLU A 36 ? 1.68645 1.13159 1.55104 0.30030  0.03487  0.03727  36 GLU A CD  
286 O OE1 . GLU A 36 ? 1.91754 1.29452 1.77981 0.32571  0.04562  0.01194  36 GLU A OE1 
287 O OE2 . GLU A 36 ? 1.66586 1.09415 1.52411 0.24674  0.03534  0.04613  36 GLU A OE2 
288 N N   . GLY A 37 ? 0.84150 0.61715 0.78632 0.28855  0.04422  -0.06202 37 GLY A N   
289 C CA  . GLY A 37 ? 0.90034 0.76952 0.87403 0.29385  0.06120  -0.08435 37 GLY A CA  
290 C C   . GLY A 37 ? 0.72620 0.61213 0.67823 0.23863  0.06866  -0.09836 37 GLY A C   
291 O O   . GLY A 37 ? 0.75544 0.58716 0.67495 0.19730  0.05651  -0.09487 37 GLY A O   
292 N N   . PHE A 38 ? 0.79968 0.76783 0.77347 0.24156  0.09142  -0.11096 38 PHE A N   
293 C CA  . PHE A 38 ? 0.69067 0.67632 0.63648 0.19794  0.10364  -0.11803 38 PHE A CA  
294 C C   . PHE A 38 ? 0.61628 0.63081 0.57998 0.14855  0.08269  -0.09321 38 PHE A C   
295 O O   . PHE A 38 ? 0.73811 0.82269 0.75759 0.14633  0.07307  -0.07798 38 PHE A O   
296 C CB  . PHE A 38 ? 0.73360 0.80684 0.70323 0.21570  0.14126  -0.12765 38 PHE A CB  
297 C CG  . PHE A 38 ? 0.80773 0.88911 0.73108 0.18123  0.16149  -0.13038 38 PHE A CG  
298 C CD1 . PHE A 38 ? 0.81363 0.82166 0.65237 0.18765  0.16791  -0.15762 38 PHE A CD1 
299 C CD2 . PHE A 38 ? 0.74337 0.90343 0.70534 0.14447  0.17331  -0.10599 38 PHE A CD2 
300 C CE1 . PHE A 38 ? 0.94096 0.95932 0.72443 0.16379  0.18426  -0.15634 38 PHE A CE1 
301 C CE2 . PHE A 38 ? 0.72280 0.88364 0.63474 0.11790  0.19553  -0.09965 38 PHE A CE2 
302 C CZ  . PHE A 38 ? 0.89207 0.98503 0.70985 0.13080  0.20052  -0.12282 38 PHE A CZ  
303 N N   . LYS A 39 ? 0.61690 0.57917 0.53493 0.11141  0.07290  -0.09284 39 LYS A N   
304 C CA  . LYS A 39 ? 0.65780 0.62895 0.58537 0.07152  0.05333  -0.07229 39 LYS A CA  
305 C C   . LYS A 39 ? 0.79431 0.83554 0.74722 0.04664  0.06821  -0.06275 39 LYS A C   
306 O O   . LYS A 39 ? 0.63806 0.67326 0.55535 0.02997  0.08396  -0.06264 39 LYS A O   
307 C CB  . LYS A 39 ? 0.65967 0.56111 0.54070 0.04687  0.03912  -0.07464 39 LYS A CB  
308 C CG  . LYS A 39 ? 0.72386 0.55125 0.58804 0.06196  0.03003  -0.08504 39 LYS A CG  
309 C CD  . LYS A 39 ? 0.90404 0.70114 0.77685 0.04318  0.01189  -0.06567 39 LYS A CD  
310 C CE  . LYS A 39 ? 1.03168 0.75051 0.89288 0.04186  0.00677  -0.07314 39 LYS A CE  
311 N NZ  . LYS A 39 ? 0.94055 0.63263 0.77255 0.02382  0.00076  -0.10169 39 LYS A NZ  
312 N N   . THR A 40 ? 0.71803 0.82455 0.73208 0.04282  0.06179  -0.05347 40 THR A N   
313 C CA  . THR A 40 ? 0.68047 0.84801 0.73371 0.00941  0.07499  -0.04293 40 THR A CA  
314 C C   . THR A 40 ? 0.62862 0.84018 0.74092 -0.00471 0.04682  -0.03977 40 THR A C   
315 O O   . THR A 40 ? 0.65629 0.86560 0.77455 0.02110  0.02107  -0.04412 40 THR A O   
316 C CB  . THR A 40 ? 0.64210 0.87797 0.72415 0.02379  0.11523  -0.04576 40 THR A CB  
317 O OG1 . THR A 40 ? 0.94710 1.22207 1.05437 -0.01805 0.13652  -0.02778 40 THR A OG1 
318 C CG2 . THR A 40 ? 0.64230 0.95745 0.80029 0.05756  0.11225  -0.05343 40 THR A CG2 
319 N N   . LEU A 41 ? 0.65953 0.90505 0.80971 -0.04618 0.05091  -0.03209 41 LEU A N   
320 C CA  . LEU A 41 ? 0.57003 0.84780 0.77061 -0.06782 0.01888  -0.03763 41 LEU A CA  
321 C C   . LEU A 41 ? 0.58399 0.94313 0.86932 -0.10409 0.03587  -0.03425 41 LEU A C   
322 O O   . LEU A 41 ? 0.64400 1.00978 0.92951 -0.12231 0.07672  -0.01815 41 LEU A O   
323 C CB  . LEU A 41 ? 0.58941 0.78903 0.74201 -0.09224 -0.00235 -0.03572 41 LEU A CB  
324 C CG  . LEU A 41 ? 0.58171 0.71341 0.66782 -0.06406 -0.01891 -0.03667 41 LEU A CG  
325 C CD1 . LEU A 41 ? 0.65442 0.71986 0.70067 -0.08703 -0.02717 -0.03223 41 LEU A CD1 
326 C CD2 . LEU A 41 ? 0.54710 0.70620 0.64539 -0.03584 -0.04866 -0.04611 41 LEU A CD2 
327 N N   . GLU A 42 ? 0.51819 0.94082 0.87496 -0.11597 0.00357  -0.04892 42 GLU A N   
328 C CA  . GLU A 42 ? 0.48072 0.99054 0.94183 -0.16007 0.01178  -0.04986 42 GLU A CA  
329 C C   . GLU A 42 ? 0.62765 1.10078 1.10290 -0.20963 -0.02279 -0.06269 42 GLU A C   
330 O O   . GLU A 42 ? 0.70679 1.13308 1.13411 -0.19467 -0.06557 -0.08114 42 GLU A O   
331 C CB  . GLU A 42 ? 0.66931 1.30558 1.22479 -0.13317 -0.00314 -0.06399 42 GLU A CB  
332 C CG  . GLU A 42 ? 0.84376 1.50229 1.37797 -0.06893 0.02138  -0.05889 42 GLU A CG  
333 C CD  . GLU A 42 ? 1.05493 1.84583 1.69207 -0.03589 0.00630  -0.07024 42 GLU A CD  
334 O OE1 . GLU A 42 ? 1.06461 1.93986 1.79459 -0.06838 -0.02680 -0.08353 42 GLU A OE1 
335 O OE2 . GLU A 42 ? 1.19516 2.00562 1.82328 0.02403  0.02468  -0.06839 42 GLU A OE2 
336 N N   . GLU A 43 ? 0.60259 1.09267 1.14143 -0.26773 -0.00097 -0.05272 43 GLU A N   
337 C CA  . GLU A 43 ? 0.59081 1.03755 1.15317 -0.31975 -0.03216 -0.06928 43 GLU A CA  
338 C C   . GLU A 43 ? 0.66565 1.16993 1.27126 -0.31239 -0.09543 -0.11129 43 GLU A C   
339 O O   . GLU A 43 ? 0.63559 1.25949 1.32330 -0.29818 -0.10783 -0.12167 43 GLU A O   
340 C CB  . GLU A 43 ? 0.60395 1.08062 1.25759 -0.38715 0.00381  -0.05004 43 GLU A CB  
341 C CG  . GLU A 43 ? 0.73783 1.19510 1.44636 -0.43546 -0.04028 -0.07099 43 GLU A CG  
342 C CD  . GLU A 43 ? 0.96353 1.40343 1.72385 -0.49159 -0.00769 -0.03255 43 GLU A CD  
343 O OE1 . GLU A 43 ? 1.07254 1.41817 1.77462 -0.50216 0.03007  0.00221  43 GLU A OE1 
344 O OE2 . GLU A 43 ? 0.92124 1.44342 1.77581 -0.52507 -0.02141 -0.03451 43 GLU A OE2 
345 N N   . GLY A 44 ? 0.77548 1.19761 1.32103 -0.31608 -0.13631 -0.13625 44 GLY A N   
346 C CA  . GLY A 44 ? 0.80576 1.27149 1.36925 -0.30727 -0.20043 -0.17959 44 GLY A CA  
347 C C   . GLY A 44 ? 0.72991 1.20602 1.21823 -0.23457 -0.22472 -0.18272 44 GLY A C   
348 O O   . GLY A 44 ? 0.78379 1.29416 1.26618 -0.21730 -0.27969 -0.21509 44 GLY A O   
349 N N   . GLN A 45 ? 0.58440 1.02794 1.01215 -0.19237 -0.18678 -0.15013 45 GLN A N   
350 C CA  . GLN A 45 ? 0.66692 1.10514 1.02510 -0.12681 -0.20249 -0.14547 45 GLN A CA  
351 C C   . GLN A 45 ? 0.68615 1.03741 0.94471 -0.11197 -0.22858 -0.15857 45 GLN A C   
352 O O   . GLN A 45 ? 0.67098 0.93302 0.88100 -0.13170 -0.20955 -0.15394 45 GLN A O   
353 C CB  . GLN A 45 ? 0.66678 1.07200 0.98640 -0.09590 -0.15433 -0.11208 45 GLN A CB  
354 C CG  . GLN A 45 ? 0.76482 1.15959 1.02816 -0.03299 -0.16365 -0.10200 45 GLN A CG  
355 C CD  . GLN A 45 ? 0.86271 1.31980 1.17310 0.00006  -0.14038 -0.08919 45 GLN A CD  
356 O OE1 . GLN A 45 ? 0.83518 1.28703 1.16050 -0.01206 -0.09679 -0.07773 45 GLN A OE1 
357 N NE2 . GLN A 45 ? 0.83946 1.35666 1.16888 0.04741  -0.16947 -0.09157 45 GLN A NE2 
358 N N   . ALA A 46 ? 0.71131 1.09127 0.93514 -0.07079 -0.26971 -0.17199 46 ALA A N   
359 C CA  . ALA A 46 ? 0.72121 1.02512 0.83718 -0.04473 -0.28505 -0.17851 46 ALA A CA  
360 C C   . ALA A 46 ? 0.70503 0.93924 0.75099 -0.01210 -0.24247 -0.13983 46 ALA A C   
361 O O   . ALA A 46 ? 0.78553 1.04166 0.83757 0.02066  -0.22714 -0.11443 46 ALA A O   
362 C CB  . ALA A 46 ? 0.67724 1.03543 0.76423 -0.00464 -0.33910 -0.19806 46 ALA A CB  
363 N N   . VAL A 47 ? 0.77310 0.92352 0.75978 -0.02120 -0.22394 -0.13725 47 VAL A N   
364 C CA  . VAL A 47 ? 0.61608 0.70779 0.55012 0.00161  -0.18703 -0.10420 47 VAL A CA  
365 C C   . VAL A 47 ? 0.87998 0.91634 0.73264 0.02045  -0.18813 -0.10753 47 VAL A C   
366 O O   . VAL A 47 ? 0.95492 0.97281 0.78877 0.00726  -0.20727 -0.13814 47 VAL A O   
367 C CB  . VAL A 47 ? 0.62387 0.68125 0.58504 -0.02881 -0.15034 -0.08902 47 VAL A CB  
368 C CG1 . VAL A 47 ? 0.57169 0.68396 0.59993 -0.03923 -0.13785 -0.08181 47 VAL A CG1 
369 C CG2 . VAL A 47 ? 0.66026 0.67678 0.62396 -0.06487 -0.15209 -0.10612 47 VAL A CG2 
370 N N   . SER A 48 ? 0.86738 0.87536 0.67342 0.05181  -0.16444 -0.07638 48 SER A N   
371 C CA  . SER A 48 ? 0.80512 0.76378 0.54607 0.06731  -0.14645 -0.06840 48 SER A CA  
372 C C   . SER A 48 ? 0.86446 0.78622 0.62634 0.05159  -0.10854 -0.04431 48 SER A C   
373 O O   . SER A 48 ? 0.86009 0.78641 0.65751 0.04508  -0.09567 -0.02658 48 SER A O   
374 C CB  . SER A 48 ? 0.83101 0.79107 0.50382 0.11361  -0.14614 -0.04616 48 SER A CB  
375 O OG  . SER A 48 ? 1.04343 1.00345 0.73558 0.12695  -0.12935 -0.01078 48 SER A OG  
376 N N   . PHE A 49 ? 0.81192 0.69991 0.55255 0.04828  -0.09339 -0.04772 49 PHE A N   
377 C CA  . PHE A 49 ? 0.80656 0.67240 0.57775 0.03140  -0.06731 -0.03025 49 PHE A CA  
378 C C   . PHE A 49 ? 0.75691 0.59946 0.50259 0.04326  -0.04933 -0.02967 49 PHE A C   
379 O O   . PHE A 49 ? 0.78578 0.62236 0.48307 0.06499  -0.05352 -0.04571 49 PHE A O   
380 C CB  . PHE A 49 ? 0.77024 0.63570 0.58785 -0.00139 -0.07498 -0.04127 49 PHE A CB  
381 C CG  . PHE A 49 ? 0.76141 0.60661 0.57692 -0.01485 -0.08942 -0.06741 49 PHE A CG  
382 C CD1 . PHE A 49 ? 0.87129 0.73151 0.68407 -0.01976 -0.11704 -0.09575 49 PHE A CD1 
383 C CD2 . PHE A 49 ? 0.87008 0.67833 0.68961 -0.02199 -0.07854 -0.06499 49 PHE A CD2 
384 C CE1 . PHE A 49 ? 0.89352 0.72126 0.70797 -0.03743 -0.13152 -0.12394 49 PHE A CE1 
385 C CE2 . PHE A 49 ? 0.81497 0.58668 0.63102 -0.03228 -0.09024 -0.08784 49 PHE A CE2 
386 C CZ  . PHE A 49 ? 0.88633 0.66202 0.70024 -0.04316 -0.11563 -0.11862 49 PHE A CZ  
387 N N   . GLU A 50 ? 0.74369 0.57874 0.52230 0.03244  -0.02989 -0.01282 50 GLU A N   
388 C CA  . GLU A 50 ? 0.78819 0.61426 0.56667 0.04325  -0.01220 -0.01111 50 GLU A CA  
389 C C   . GLU A 50 ? 0.71017 0.52212 0.52505 0.02443  -0.02083 -0.01649 50 GLU A C   
390 O O   . GLU A 50 ? 0.76178 0.57475 0.60047 0.00132  -0.03169 -0.01310 50 GLU A O   
391 C CB  . GLU A 50 ? 0.73130 0.57521 0.52713 0.05003  0.01822  0.01971  50 GLU A CB  
392 C CG  . GLU A 50 ? 0.94934 0.79890 0.69724 0.07594  0.03812  0.03488  50 GLU A CG  
393 C CD  . GLU A 50 ? 0.90683 0.76882 0.68609 0.07093  0.07212  0.07288  50 GLU A CD  
394 O OE1 . GLU A 50 ? 0.94716 0.80490 0.77355 0.04472  0.06733  0.08320  50 GLU A OE1 
395 O OE2 . GLU A 50 ? 0.98320 0.85778 0.74009 0.09212  0.10526  0.09092  50 GLU A OE2 
396 N N   . ILE A 51 ? 0.67026 0.46760 0.48359 0.03990  -0.01408 -0.02317 51 ILE A N   
397 C CA  . ILE A 51 ? 0.74393 0.52500 0.58685 0.03169  -0.02114 -0.01948 51 ILE A CA  
398 C C   . ILE A 51 ? 0.75987 0.57622 0.64200 0.04200  -0.00566 0.00130  51 ILE A C   
399 O O   . ILE A 51 ? 0.75225 0.59019 0.63596 0.06572  0.01667  0.00461  51 ILE A O   
400 C CB  . ILE A 51 ? 0.71775 0.44991 0.53901 0.04537  -0.02833 -0.04150 51 ILE A CB  
401 C CG1 . ILE A 51 ? 0.71104 0.41497 0.50478 0.02887  -0.04722 -0.06830 51 ILE A CG1 
402 C CG2 . ILE A 51 ? 0.80991 0.51707 0.65543 0.03935  -0.03631 -0.02818 51 ILE A CG2 
403 C CD1 . ILE A 51 ? 0.89540 0.53796 0.66567 0.03957  -0.05567 -0.09760 51 ILE A CD1 
404 N N   . VAL A 52 ? 0.65808 0.48726 0.57296 0.02429  -0.01709 0.01435  52 VAL A N   
405 C CA  . VAL A 52 ? 0.65923 0.53150 0.62442 0.02864  -0.01299 0.02922  52 VAL A CA  
406 C C   . VAL A 52 ? 0.74316 0.60583 0.71888 0.03709  -0.03316 0.03323  52 VAL A C   
407 O O   . VAL A 52 ? 0.70447 0.53400 0.65349 0.02307  -0.04985 0.03382  52 VAL A O   
408 C CB  . VAL A 52 ? 0.70301 0.60154 0.69518 0.00155  -0.01470 0.03772  52 VAL A CB  
409 C CG1 . VAL A 52 ? 0.83570 0.71165 0.80641 -0.01922 -0.03645 0.03206  52 VAL A CG1 
410 C CG2 . VAL A 52 ? 0.65025 0.60156 0.70903 -0.00116 -0.01385 0.04822  52 VAL A CG2 
411 N N   . GLU A 53 ? 0.58120 0.47543 0.59540 0.06381  -0.02907 0.03963  53 GLU A N   
412 C CA  . GLU A 53 ? 0.61116 0.49524 0.63269 0.08386  -0.04982 0.04796  53 GLU A CA  
413 C C   . GLU A 53 ? 0.58527 0.54642 0.67533 0.08880  -0.06248 0.05928  53 GLU A C   
414 O O   . GLU A 53 ? 0.59015 0.60838 0.73601 0.10448  -0.04315 0.06114  53 GLU A O   
415 C CB  . GLU A 53 ? 0.70402 0.54605 0.70849 0.12380  -0.03896 0.04101  53 GLU A CB  
416 C CG  . GLU A 53 ? 0.69381 0.52964 0.71525 0.15589  -0.05916 0.05698  53 GLU A CG  
417 C CD  . GLU A 53 ? 0.95196 0.70627 0.93869 0.19114  -0.05330 0.04964  53 GLU A CD  
418 O OE1 . GLU A 53 ? 1.01396 0.71669 0.96157 0.18464  -0.03802 0.02617  53 GLU A OE1 
419 O OE2 . GLU A 53 ? 1.01801 0.75593 1.01492 0.22691  -0.06727 0.06597  53 GLU A OE2 
420 N N   . GLY A 54 ? 0.63800 0.60635 0.72435 0.07496  -0.09461 0.06574  54 GLY A N   
421 C CA  . GLY A 54 ? 0.64085 0.67984 0.78635 0.08454  -0.12202 0.07270  54 GLY A CA  
422 C C   . GLY A 54 ? 0.65661 0.67034 0.77265 0.11901  -0.14962 0.08847  54 GLY A C   
423 O O   . GLY A 54 ? 0.67379 0.62001 0.74879 0.14375  -0.13644 0.09509  54 GLY A O   
424 N N   . ASN A 55 ? 0.60862 0.66886 0.73985 0.12191  -0.19021 0.09453  55 ASN A N   
425 C CA  . ASN A 55 ? 0.66440 0.70257 0.76465 0.16476  -0.21686 0.11752  55 ASN A CA  
426 C C   . ASN A 55 ? 0.71863 0.65931 0.71556 0.15805  -0.21577 0.13310  55 ASN A C   
427 O O   . ASN A 55 ? 0.84815 0.75237 0.80570 0.19278  -0.23331 0.16031  55 ASN A O   
428 C CB  . ASN A 55 ? 0.80468 0.93131 0.94822 0.17752  -0.26778 0.12028  55 ASN A CB  
429 C CG  . ASN A 55 ? 0.70203 0.84452 0.81393 0.13466  -0.29502 0.10259  55 ASN A CG  
430 O OD1 . ASN A 55 ? 0.71144 0.79166 0.75757 0.10338  -0.27512 0.09518  55 ASN A OD1 
431 N ND2 . ASN A 55 ? 0.84832 1.07787 1.00993 0.13558  -0.34308 0.09209  55 ASN A ND2 
432 N N   . ARG A 56 ? 0.74615 0.64625 0.70207 0.11698  -0.19389 0.12097  56 ARG A N   
433 C CA  . ARG A 56 ? 0.89852 0.71652 0.77292 0.10728  -0.18374 0.13793  56 ARG A CA  
434 C C   . ARG A 56 ? 0.92327 0.67171 0.78907 0.09896  -0.14874 0.13343  56 ARG A C   
435 O O   . ARG A 56 ? 1.01276 0.70084 0.83026 0.07801  -0.13438 0.14308  56 ARG A O   
436 C CB  . ARG A 56 ? 0.85459 0.68375 0.68950 0.07095  -0.18633 0.12684  56 ARG A CB  
437 C CG  . ARG A 56 ? 1.03088 0.80165 0.78323 0.06883  -0.18058 0.15320  56 ARG A CG  
438 C CD  . ARG A 56 ? 1.06280 0.86077 0.76467 0.05517  -0.19504 0.14564  56 ARG A CD  
439 N NE  . ARG A 56 ? 1.06917 0.81137 0.69133 0.05170  -0.17424 0.17574  56 ARG A NE  
440 C CZ  . ARG A 56 ? 1.12027 0.86940 0.68058 0.03958  -0.16833 0.17241  56 ARG A CZ  
441 N NH1 . ARG A 56 ? 1.19153 0.99042 0.75649 0.03044  -0.18745 0.13447  56 ARG A NH1 
442 N NH2 . ARG A 56 ? 1.18341 0.88612 0.67846 0.03629  -0.13980 0.20674  56 ARG A NH2 
443 N N   . GLY A 57 ? 0.86288 0.62307 0.77532 0.11421  -0.13460 0.11711  57 GLY A N   
444 C CA  . GLY A 57 ? 0.81024 0.50605 0.70828 0.10952  -0.10904 0.10384  57 GLY A CA  
445 C C   . GLY A 57 ? 0.68394 0.39837 0.58512 0.07335  -0.09193 0.07911  57 GLY A C   
446 O O   . GLY A 57 ? 0.81585 0.58496 0.73224 0.05277  -0.09546 0.07400  57 GLY A O   
447 N N   . PRO A 58 ? 0.76807 0.43323 0.65351 0.06751  -0.07629 0.06151  58 PRO A N   
448 C CA  . PRO A 58 ? 0.75975 0.44633 0.64510 0.04283  -0.06427 0.03895  58 PRO A CA  
449 C C   . PRO A 58 ? 0.66445 0.34885 0.53251 0.00451  -0.06593 0.04175  58 PRO A C   
450 O O   . PRO A 58 ? 0.78281 0.42514 0.63051 -0.00977 -0.06760 0.05532  58 PRO A O   
451 C CB  . PRO A 58 ? 0.76107 0.39322 0.62821 0.05457  -0.05588 0.01515  58 PRO A CB  
452 C CG  . PRO A 58 ? 0.94529 0.50267 0.79776 0.06564  -0.06264 0.02757  58 PRO A CG  
453 C CD  . PRO A 58 ? 0.86493 0.45398 0.73450 0.09107  -0.07221 0.05694  58 PRO A CD  
454 N N   . GLN A 59 ? 0.66821 0.39721 0.54617 -0.00975 -0.06116 0.03143  59 GLN A N   
455 C CA  . GLN A 59 ? 0.65380 0.38892 0.52211 -0.03805 -0.05877 0.02816  59 GLN A CA  
456 C C   . GLN A 59 ? 0.61340 0.37942 0.49014 -0.03912 -0.05265 0.01268  59 GLN A C   
457 O O   . GLN A 59 ? 0.68902 0.47273 0.57527 -0.02203 -0.04680 0.01039  59 GLN A O   
458 C CB  . GLN A 59 ? 0.65680 0.41219 0.51691 -0.04750 -0.06324 0.04192  59 GLN A CB  
459 C CG  . GLN A 59 ? 0.64463 0.44071 0.52452 -0.04070 -0.06938 0.03817  59 GLN A CG  
460 C CD  . GLN A 59 ? 0.80362 0.61351 0.66589 -0.04912 -0.07940 0.04111  59 GLN A CD  
461 O OE1 . GLN A 59 ? 0.78580 0.61446 0.65401 -0.04076 -0.09741 0.04468  59 GLN A OE1 
462 N NE2 . GLN A 59 ? 0.78370 0.59029 0.62467 -0.06308 -0.06921 0.03647  59 GLN A NE2 
463 N N   . ALA A 60 ? 0.64767 0.42371 0.52233 -0.05666 -0.05145 0.00617  60 ALA A N   
464 C CA  . ALA A 60 ? 0.62893 0.42890 0.50491 -0.05116 -0.04909 -0.00466 60 ALA A CA  
465 C C   . ALA A 60 ? 0.63153 0.45304 0.51627 -0.04608 -0.04274 0.00427  60 ALA A C   
466 O O   . ALA A 60 ? 0.67860 0.50399 0.56873 -0.05428 -0.04470 0.00999  60 ALA A O   
467 C CB  . ALA A 60 ? 0.61950 0.43475 0.50229 -0.06642 -0.05297 -0.01403 60 ALA A CB  
468 N N   . ALA A 61 ? 0.61786 0.44825 0.49921 -0.03273 -0.03545 0.00503  61 ALA A N   
469 C CA  . ALA A 61 ? 0.63014 0.46809 0.52350 -0.03253 -0.02666 0.01545  61 ALA A CA  
470 C C   . ALA A 61 ? 0.62845 0.46773 0.50288 -0.01715 -0.02080 0.01922  61 ALA A C   
471 O O   . ALA A 61 ? 0.64915 0.49173 0.49886 -0.00387 -0.02518 0.01203  61 ALA A O   
472 C CB  . ALA A 61 ? 0.60335 0.45001 0.52203 -0.03158 -0.01759 0.02656  61 ALA A CB  
473 N N   . ASN A 62 ? 0.63014 0.46164 0.51126 -0.01652 -0.01408 0.02889  62 ASN A N   
474 C CA  . ASN A 62 ? 0.72072 0.54650 0.57931 0.00486  -0.00809 0.04146  62 ASN A CA  
475 C C   . ASN A 62 ? 0.75053 0.59812 0.59165 0.01800  -0.02669 0.02724  62 ASN A C   
476 O O   . ASN A 62 ? 0.74858 0.60471 0.55728 0.03934  -0.03220 0.02963  62 ASN A O   
477 C CB  . ASN A 62 ? 0.76846 0.59138 0.60812 0.01839  0.01097  0.06114  62 ASN A CB  
478 C CG  . ASN A 62 ? 1.23059 1.03176 1.09116 0.01124  0.03401  0.08727  62 ASN A CG  
479 O OD1 . ASN A 62 ? 1.26887 1.06332 1.17191 -0.01370 0.03340  0.08265  62 ASN A OD1 
480 N ND2 . ASN A 62 ? 1.46038 1.24703 1.28930 0.03205  0.05305  0.11541  62 ASN A ND2 
481 N N   . VAL A 63 ? 0.74281 0.60558 0.60646 0.00511  -0.03665 0.01190  63 VAL A N   
482 C CA  . VAL A 63 ? 0.70371 0.60204 0.57466 0.00775  -0.05438 -0.00368 63 VAL A CA  
483 C C   . VAL A 63 ? 0.66447 0.58043 0.53691 0.03487  -0.05905 0.00281  63 VAL A C   
484 O O   . VAL A 63 ? 0.75122 0.65880 0.63895 0.04005  -0.04850 0.00679  63 VAL A O   
485 C CB  . VAL A 63 ? 0.64692 0.56054 0.54799 -0.01852 -0.05438 -0.01568 63 VAL A CB  
486 C CG1 . VAL A 63 ? 0.68213 0.64395 0.61185 -0.02170 -0.06904 -0.02961 63 VAL A CG1 
487 C CG2 . VAL A 63 ? 0.65172 0.54038 0.54614 -0.03800 -0.05306 -0.01741 63 VAL A CG2 
488 N N   . THR A 64 ? 0.66787 0.60635 0.51968 0.05724  -0.07725 0.00181  64 THR A N   
489 C CA  . THR A 64 ? 0.66975 0.63430 0.52446 0.09083  -0.08880 0.00943  64 THR A CA  
490 C C   . THR A 64 ? 0.68882 0.72413 0.57768 0.08911  -0.11959 -0.01499 64 THR A C   
491 O O   . THR A 64 ? 0.80427 0.85379 0.67987 0.07751  -0.14068 -0.03383 64 THR A O   
492 C CB  . THR A 64 ? 0.77400 0.71009 0.57114 0.12564  -0.08737 0.03557  64 THR A CB  
493 O OG1 . THR A 64 ? 0.89961 0.77597 0.68387 0.11574  -0.05534 0.05821  64 THR A OG1 
494 C CG2 . THR A 64 ? 0.84418 0.79719 0.64006 0.16885  -0.09976 0.05074  64 THR A CG2 
495 N N   . LYS A 65 ? 0.73576 0.81703 0.67419 0.09976  -0.12172 -0.01798 65 LYS A N   
496 C CA  . LYS A 65 ? 0.74385 0.91094 0.73420 0.09936  -0.15212 -0.03889 65 LYS A CA  
497 C C   . LYS A 65 ? 0.86708 1.06045 0.82260 0.14242  -0.18788 -0.03504 65 LYS A C   
498 O O   . LYS A 65 ? 0.96814 1.12505 0.87759 0.18511  -0.18105 -0.00679 65 LYS A O   
499 C CB  . LYS A 65 ? 0.66213 0.88328 0.72140 0.10602  -0.13810 -0.04027 65 LYS A CB  
500 C CG  . LYS A 65 ? 0.62567 0.81923 0.70025 0.07374  -0.09998 -0.04060 65 LYS A CG  
501 C CD  . LYS A 65 ? 0.73102 0.99598 0.87338 0.08419  -0.08381 -0.04585 65 LYS A CD  
502 C CE  . LYS A 65 ? 0.78960 1.00701 0.91040 0.08981  -0.04462 -0.04109 65 LYS A CE  
503 N NZ  . LYS A 65 ? 0.84812 1.13970 1.02893 0.10481  -0.02137 -0.04830 65 LYS A NZ  
504 N N   . GLU A 66 ? 0.90055 1.15250 0.87413 0.13093  -0.22781 -0.06324 66 GLU A N   
505 C CA  . GLU A 66 ? 1.09235 1.37505 1.01975 0.17227  -0.27097 -0.06587 66 GLU A CA  
506 C C   . GLU A 66 ? 1.19698 1.59437 1.20816 0.17330  -0.31545 -0.09249 66 GLU A C   
507 O O   . GLU A 66 ? 1.23240 1.68007 1.33552 0.12862  -0.31083 -0.11329 66 GLU A O   
508 C CB  . GLU A 66 ? 1.11061 1.35219 0.96064 0.16166  -0.28685 -0.08450 66 GLU A CB  
509 C CG  . GLU A 66 ? 1.15494 1.30079 0.94266 0.15349  -0.24091 -0.06251 66 GLU A CG  
510 C CD  . GLU A 66 ? 1.21081 1.31174 0.91501 0.20274  -0.22397 -0.02084 66 GLU A CD  
511 O OE1 . GLU A 66 ? 1.25223 1.38637 0.92534 0.24884  -0.25236 -0.00905 66 GLU A OE1 
512 O OE2 . GLU A 66 ? 1.09494 1.12987 0.76784 0.19529  -0.18232 0.00280  66 GLU A OE2 
513 N N   . ALA A 67 ? 1.34771 1.79078 1.32864 0.22563  -0.35795 -0.08830 67 ALA A N   
514 C CA  . ALA A 67 ? 1.46210 2.00217 1.51922 0.21678  -0.39614 -0.11251 67 ALA A CA  
515 C C   . ALA A 67 ? 1.52140 2.06098 1.57737 0.16298  -0.42308 -0.15527 67 ALA A C   
516 O O   . ALA A 67 ? 1.50105 1.96467 1.46286 0.16011  -0.42054 -0.16151 67 ALA A O   
517 C CB  . ALA A 67 ? 1.48986 2.04428 1.50311 0.27717  -0.41725 -0.08819 67 ALA A CB  
518 O OXT . ALA A 67 ? 1.52482 2.13480 1.67567 0.12104  -0.44381 -0.18332 67 ALA A OXT 
# 
